data_9MDP
#
_entry.id   9MDP
#
_cell.length_a   1.00
_cell.length_b   1.00
_cell.length_c   1.00
_cell.angle_alpha   90.00
_cell.angle_beta   90.00
_cell.angle_gamma   90.00
#
_symmetry.space_group_name_H-M   'P 1'
#
loop_
_entity.id
_entity.type
_entity.pdbx_description
1 polymer 'Adp-ribosyltransferase binding component'
2 non-polymer 'CALCIUM ION'
#
_entity_poly.entity_id   1
_entity_poly.type   'polypeptide(L)'
_entity_poly.pdbx_seq_one_letter_code
;MKIQMRNKKVLSFLTLTAIVSQALVYPVYAQTSTSNHSNKKKEIVNEDILPNNGLMGYYFTDEHFKDLKLMAPIKDGNLK
FEEKKVDKLLDKDKSDVKSIRWTGRIIPSKDGEYTLSTDRDDVLMQVNTESTISNTLKVNMKKGKEYKVRIELQDKNLGS
IDNLSSPNLYWELDGMKKIIPEENLFLRDYSNIEKDDPFIPNNNFFDPKLMSDWEDEDLDTDNDNIPDSYERNGYTIKDL
IAVKWEDSFAEQGYKKYVSNYLESNTAGDPYTDYEKASGSFDKAIKTEARDPLVAAYPIVGVGMEKLIISTNEHASTDQG
KTVSRATTNSKTESNTAGVSVNVGYQNGFTANVTTNYSHTTDNSTAVQDSNGESWNTGLSINKGESAYINANVRYYNTGT
APMYKVTPTTNLVLDGDTLSTIKAQENQIGNNLSPGDTYPKKGLSPLALNTMDQFSSRLIPINYDQLKKLDAGKQIKLET
TQVSGNFGTKNSSGQIVTEGNSWSDYISQIDSISASIILDTENESYERRVTAKNLQDPEDKTPELTIGEAIEKAFGATKK
DGLLYFNDIPIDESCVELIFDDNTANKIKDSLKTLSDKKIYNVKLERGMNILIKTPTYFTNFDDYNNYPSTWSNVNTTNQ
DGLQGSANKLNGETKIKIPMSELKPYKRYVFSGYSKDPLTSNSIIVKIKAKEEKTDYLVPEQGYTKFSYEFETTEKDSSN
IEITLIGSGTTYLDNLSITELNSTPEILDEPEVKIPTDQEIMDAHKIYFADLNFNPSTGNTYINGMYFAPTQTNKEALDY
IQKYRVEATLQYSGFKDIGTKDKEMRNYLGDPNQPKTNYVNLRSYFTGGENIMTYKKLRIYAITPDDRELLVLSVD
;
_entity_poly.pdbx_strand_id   A,B,C,D
#
loop_
_chem_comp.id
_chem_comp.type
_chem_comp.name
_chem_comp.formula
CA non-polymer 'CALCIUM ION' 'Ca 2'
#
# COMPACT_ATOMS: atom_id res chain seq x y z
N ASP A 218 -24.48 -32.01 -36.29
CA ASP A 218 -23.37 -32.95 -36.36
C ASP A 218 -22.16 -32.42 -35.61
N LEU A 219 -21.92 -31.12 -35.73
CA LEU A 219 -20.80 -30.45 -35.08
C LEU A 219 -21.18 -30.09 -33.66
N ASP A 220 -20.35 -30.50 -32.70
CA ASP A 220 -20.55 -30.18 -31.30
C ASP A 220 -19.65 -29.00 -30.92
N THR A 221 -20.22 -28.00 -30.27
CA THR A 221 -19.46 -26.85 -29.80
C THR A 221 -19.28 -26.84 -28.29
N ASP A 222 -20.37 -26.90 -27.53
CA ASP A 222 -20.28 -26.81 -26.09
C ASP A 222 -20.12 -28.23 -25.52
N ASN A 223 -20.02 -28.34 -24.20
CA ASN A 223 -20.02 -29.64 -23.55
C ASN A 223 -21.45 -30.12 -23.29
N ASP A 224 -22.23 -30.14 -24.36
CA ASP A 224 -23.61 -30.59 -24.36
C ASP A 224 -23.84 -31.54 -25.52
N ASN A 225 -24.72 -32.53 -25.31
CA ASN A 225 -25.05 -33.46 -26.39
C ASN A 225 -25.76 -32.77 -27.54
N ILE A 226 -26.33 -31.58 -27.32
CA ILE A 226 -26.95 -30.83 -28.41
C ILE A 226 -25.85 -30.24 -29.28
N PRO A 227 -25.85 -30.53 -30.58
CA PRO A 227 -24.79 -30.02 -31.46
C PRO A 227 -24.95 -28.54 -31.77
N ASP A 228 -24.04 -28.05 -32.62
CA ASP A 228 -23.97 -26.62 -32.90
C ASP A 228 -25.21 -26.12 -33.64
N SER A 229 -25.65 -26.85 -34.65
CA SER A 229 -26.81 -26.42 -35.43
C SER A 229 -28.13 -26.68 -34.71
N TYR A 230 -28.10 -27.45 -33.62
CA TYR A 230 -29.33 -27.82 -32.95
C TYR A 230 -29.57 -26.91 -31.75
N GLU A 231 -28.51 -26.21 -31.32
CA GLU A 231 -28.61 -25.21 -30.28
C GLU A 231 -29.35 -23.96 -30.75
N ARG A 232 -29.51 -23.81 -32.05
CA ARG A 232 -30.31 -22.75 -32.66
C ARG A 232 -31.30 -23.38 -33.63
N ASN A 233 -32.32 -22.62 -34.02
CA ASN A 233 -33.23 -22.79 -35.16
C ASN A 233 -34.14 -24.02 -35.06
N GLY A 234 -33.97 -24.87 -34.06
CA GLY A 234 -34.86 -25.98 -33.81
C GLY A 234 -34.33 -26.68 -32.57
N TYR A 235 -35.21 -26.94 -31.60
CA TYR A 235 -34.72 -27.30 -30.27
C TYR A 235 -35.82 -28.08 -29.59
N THR A 236 -35.69 -29.40 -29.59
CA THR A 236 -36.68 -30.27 -28.96
C THR A 236 -35.95 -31.42 -28.29
N ILE A 237 -36.33 -31.72 -27.05
CA ILE A 237 -35.76 -32.84 -26.31
C ILE A 237 -36.81 -33.93 -26.23
N LYS A 238 -36.57 -35.02 -26.94
CA LYS A 238 -37.43 -36.20 -26.90
C LYS A 238 -36.59 -37.36 -26.39
N ASP A 239 -37.12 -38.07 -25.40
CA ASP A 239 -36.54 -39.20 -24.65
C ASP A 239 -35.03 -39.11 -24.45
N LEU A 240 -34.59 -37.97 -23.93
CA LEU A 240 -33.19 -37.67 -23.57
C LEU A 240 -32.25 -37.72 -24.78
N ILE A 241 -32.75 -37.40 -25.96
CA ILE A 241 -31.93 -36.99 -27.09
C ILE A 241 -32.56 -35.74 -27.70
N ALA A 242 -31.87 -35.17 -28.67
CA ALA A 242 -32.24 -33.89 -29.26
C ALA A 242 -32.75 -34.10 -30.68
N VAL A 243 -33.73 -33.29 -31.06
CA VAL A 243 -34.27 -33.32 -32.41
C VAL A 243 -34.67 -31.89 -32.78
N LYS A 244 -34.76 -31.65 -34.08
CA LYS A 244 -34.97 -30.30 -34.58
C LYS A 244 -36.46 -29.97 -34.47
N TRP A 245 -36.85 -28.83 -35.03
CA TRP A 245 -38.24 -28.42 -35.03
C TRP A 245 -38.75 -28.48 -36.47
N GLU A 246 -39.90 -29.11 -36.68
CA GLU A 246 -40.55 -29.08 -37.98
C GLU A 246 -42.01 -28.71 -37.85
N ASP A 247 -42.46 -28.34 -36.64
CA ASP A 247 -43.84 -27.95 -36.35
C ASP A 247 -44.81 -29.09 -36.72
N SER A 248 -44.43 -30.33 -36.45
CA SER A 248 -45.33 -31.48 -36.60
C SER A 248 -45.83 -32.01 -35.27
N PHE A 249 -45.11 -31.73 -34.20
CA PHE A 249 -45.48 -32.12 -32.84
C PHE A 249 -45.65 -30.90 -31.94
N ALA A 250 -46.14 -29.79 -32.50
CA ALA A 250 -46.39 -28.59 -31.72
C ALA A 250 -47.53 -28.75 -30.72
N GLU A 251 -48.61 -29.43 -31.12
CA GLU A 251 -49.76 -29.62 -30.24
C GLU A 251 -49.63 -30.90 -29.42
N GLN A 252 -48.49 -31.59 -29.54
CA GLN A 252 -48.21 -32.80 -28.77
C GLN A 252 -47.49 -32.48 -27.46
N GLY A 253 -47.71 -31.29 -26.92
CA GLY A 253 -47.06 -30.89 -25.69
C GLY A 253 -45.59 -30.57 -25.82
N TYR A 254 -45.12 -30.30 -27.03
CA TYR A 254 -43.72 -30.02 -27.28
C TYR A 254 -43.57 -28.59 -27.79
N LYS A 255 -42.60 -27.87 -27.22
CA LYS A 255 -42.33 -26.48 -27.57
C LYS A 255 -40.95 -26.37 -28.17
N LYS A 256 -40.80 -25.45 -29.11
CA LYS A 256 -39.50 -25.11 -29.68
C LYS A 256 -38.85 -24.04 -28.85
N TYR A 257 -37.61 -24.27 -28.45
CA TYR A 257 -36.80 -23.24 -27.84
C TYR A 257 -35.72 -22.83 -28.81
N VAL A 258 -34.86 -21.93 -28.34
CA VAL A 258 -33.59 -21.59 -28.97
C VAL A 258 -32.58 -21.38 -27.85
N SER A 259 -31.31 -21.33 -28.22
CA SER A 259 -30.26 -21.18 -27.23
C SER A 259 -29.03 -20.57 -27.88
N ASN A 260 -28.06 -20.24 -27.04
CA ASN A 260 -26.71 -19.97 -27.51
C ASN A 260 -26.09 -21.27 -27.98
N TYR A 261 -24.99 -21.17 -28.70
CA TYR A 261 -24.18 -22.33 -28.99
C TYR A 261 -22.75 -22.17 -28.54
N LEU A 262 -22.46 -21.17 -27.70
CA LEU A 262 -21.14 -20.95 -27.17
C LEU A 262 -21.01 -21.30 -25.70
N GLU A 263 -22.13 -21.51 -24.99
CA GLU A 263 -22.11 -21.84 -23.58
C GLU A 263 -23.06 -23.00 -23.29
N SER A 264 -22.67 -23.84 -22.32
CA SER A 264 -23.63 -24.78 -21.75
C SER A 264 -24.73 -24.04 -20.99
N ASN A 265 -24.36 -23.05 -20.18
CA ASN A 265 -25.35 -22.20 -19.52
C ASN A 265 -25.74 -21.09 -20.46
N THR A 266 -26.72 -21.38 -21.34
CA THR A 266 -27.35 -20.35 -22.14
C THR A 266 -27.94 -19.24 -21.29
N ALA A 267 -28.48 -19.59 -20.11
CA ALA A 267 -28.92 -18.57 -19.16
C ALA A 267 -27.86 -18.39 -18.08
N GLY A 268 -28.13 -17.53 -17.10
CA GLY A 268 -27.18 -17.40 -16.02
C GLY A 268 -27.29 -18.42 -14.93
N ASP A 269 -28.32 -19.28 -14.98
CA ASP A 269 -28.48 -20.27 -13.93
C ASP A 269 -27.37 -21.33 -14.01
N PRO A 270 -27.03 -21.96 -12.88
CA PRO A 270 -26.04 -23.04 -12.93
C PRO A 270 -26.65 -24.35 -13.42
N TYR A 271 -27.31 -24.31 -14.58
CA TYR A 271 -27.96 -25.46 -15.17
C TYR A 271 -27.73 -25.41 -16.68
N THR A 272 -27.13 -26.48 -17.21
CA THR A 272 -26.76 -26.49 -18.61
C THR A 272 -28.00 -26.60 -19.49
N ASP A 273 -27.82 -26.25 -20.76
CA ASP A 273 -28.94 -26.12 -21.68
C ASP A 273 -29.55 -27.47 -22.05
N TYR A 274 -28.83 -28.57 -21.83
CA TYR A 274 -29.40 -29.87 -22.11
C TYR A 274 -30.38 -30.32 -21.04
N GLU A 275 -29.89 -30.51 -19.81
CA GLU A 275 -30.69 -31.11 -18.75
C GLU A 275 -31.78 -30.19 -18.20
N LYS A 276 -31.62 -28.87 -18.28
CA LYS A 276 -32.65 -27.96 -17.79
C LYS A 276 -33.89 -27.96 -18.67
N ALA A 277 -33.79 -28.36 -19.93
CA ALA A 277 -34.94 -28.50 -20.81
C ALA A 277 -35.30 -29.95 -21.04
N SER A 278 -34.46 -30.88 -20.57
CA SER A 278 -34.79 -32.29 -20.58
C SER A 278 -35.53 -32.73 -19.34
N GLY A 279 -35.81 -31.82 -18.41
CA GLY A 279 -36.43 -32.19 -17.15
C GLY A 279 -35.46 -32.76 -16.13
N SER A 280 -34.17 -32.82 -16.44
CA SER A 280 -33.19 -33.47 -15.58
C SER A 280 -32.54 -32.49 -14.61
N PHE A 281 -33.36 -31.76 -13.87
CA PHE A 281 -32.88 -30.74 -12.93
C PHE A 281 -33.65 -30.89 -11.63
N ASP A 282 -33.50 -29.92 -10.73
CA ASP A 282 -34.19 -29.96 -9.44
C ASP A 282 -35.69 -29.85 -9.66
N LYS A 283 -36.43 -30.82 -9.15
CA LYS A 283 -37.84 -30.94 -9.51
C LYS A 283 -38.70 -29.81 -8.95
N ALA A 284 -38.30 -29.16 -7.86
CA ALA A 284 -39.07 -28.04 -7.34
C ALA A 284 -38.79 -26.74 -8.09
N ILE A 285 -37.79 -26.72 -8.97
CA ILE A 285 -37.68 -25.63 -9.94
C ILE A 285 -38.90 -25.66 -10.84
N LYS A 286 -39.49 -24.49 -11.06
CA LYS A 286 -40.72 -24.41 -11.84
C LYS A 286 -40.46 -24.76 -13.30
N THR A 287 -41.47 -25.36 -13.94
CA THR A 287 -41.35 -25.79 -15.33
C THR A 287 -41.28 -24.63 -16.30
N GLU A 288 -41.60 -23.41 -15.86
CA GLU A 288 -41.34 -22.24 -16.69
C GLU A 288 -39.85 -21.91 -16.75
N ALA A 289 -39.04 -22.51 -15.88
CA ALA A 289 -37.59 -22.47 -16.01
C ALA A 289 -37.04 -23.65 -16.79
N ARG A 290 -37.91 -24.50 -17.37
CA ARG A 290 -37.41 -25.50 -18.30
C ARG A 290 -36.89 -24.86 -19.58
N ASP A 291 -37.40 -23.70 -19.93
CA ASP A 291 -36.92 -22.99 -21.10
C ASP A 291 -35.46 -22.59 -20.88
N PRO A 292 -34.57 -22.86 -21.84
CA PRO A 292 -33.14 -22.56 -21.65
C PRO A 292 -32.83 -21.08 -21.51
N LEU A 293 -33.71 -20.19 -21.95
CA LEU A 293 -33.48 -18.76 -21.84
C LEU A 293 -34.00 -18.17 -20.52
N VAL A 294 -34.87 -18.90 -19.82
CA VAL A 294 -35.39 -18.48 -18.52
C VAL A 294 -34.54 -19.12 -17.44
N ALA A 295 -33.80 -18.30 -16.70
CA ALA A 295 -32.92 -18.79 -15.64
C ALA A 295 -33.74 -19.14 -14.41
N ALA A 296 -33.37 -20.23 -13.75
CA ALA A 296 -33.99 -20.60 -12.49
C ALA A 296 -33.62 -19.58 -11.42
N TYR A 297 -34.64 -18.92 -10.87
CA TYR A 297 -34.38 -17.77 -10.01
C TYR A 297 -35.52 -17.55 -9.02
N PRO A 298 -35.28 -17.73 -7.72
CA PRO A 298 -36.35 -17.53 -6.74
C PRO A 298 -36.37 -16.13 -6.15
N ILE A 299 -37.53 -15.67 -5.70
CA ILE A 299 -37.66 -14.41 -4.98
C ILE A 299 -38.50 -14.66 -3.74
N VAL A 300 -37.93 -14.36 -2.58
CA VAL A 300 -38.62 -14.56 -1.30
C VAL A 300 -38.94 -13.18 -0.72
N GLY A 301 -40.22 -12.94 -0.47
CA GLY A 301 -40.65 -11.78 0.27
C GLY A 301 -41.41 -12.21 1.50
N VAL A 302 -41.85 -11.21 2.27
CA VAL A 302 -42.45 -11.45 3.57
C VAL A 302 -43.82 -10.80 3.61
N GLY A 303 -44.86 -11.62 3.69
CA GLY A 303 -46.23 -11.14 3.83
C GLY A 303 -46.46 -10.63 5.24
N MET A 304 -47.18 -9.52 5.32
CA MET A 304 -47.58 -8.91 6.59
C MET A 304 -49.05 -9.20 6.85
N GLU A 305 -49.34 -9.69 8.04
CA GLU A 305 -50.65 -10.25 8.32
C GLU A 305 -51.38 -9.54 9.44
N LYS A 306 -50.74 -9.36 10.60
CA LYS A 306 -51.37 -8.69 11.73
C LYS A 306 -50.33 -7.88 12.49
N LEU A 307 -50.65 -6.62 12.74
CA LEU A 307 -49.82 -5.73 13.53
C LEU A 307 -50.40 -5.69 14.94
N ILE A 308 -49.56 -5.83 15.95
CA ILE A 308 -49.97 -5.71 17.34
C ILE A 308 -49.02 -4.75 18.05
N ILE A 309 -49.58 -3.82 18.81
CA ILE A 309 -48.83 -2.81 19.53
C ILE A 309 -49.13 -2.96 21.02
N SER A 310 -48.08 -3.05 21.83
CA SER A 310 -48.23 -3.12 23.28
C SER A 310 -47.13 -2.30 23.92
N THR A 311 -47.40 -1.78 25.11
CA THR A 311 -46.49 -0.87 25.80
C THR A 311 -45.66 -1.59 26.86
N ASN A 312 -45.39 -2.89 26.65
CA ASN A 312 -44.56 -3.65 27.55
C ASN A 312 -43.41 -4.28 26.77
N GLU A 313 -42.35 -4.65 27.49
CA GLU A 313 -41.14 -5.17 26.87
C GLU A 313 -40.94 -6.66 27.09
N HIS A 314 -41.63 -7.27 28.05
CA HIS A 314 -41.45 -8.69 28.30
C HIS A 314 -42.16 -9.53 27.24
N ALA A 315 -43.34 -9.11 26.80
CA ALA A 315 -44.11 -9.85 25.81
C ALA A 315 -44.98 -8.90 24.98
N GLN A 319 -48.36 -7.02 31.25
CA GLN A 319 -49.62 -6.42 30.82
C GLN A 319 -49.44 -4.94 30.47
N GLY A 320 -50.45 -4.36 29.84
CA GLY A 320 -50.41 -2.97 29.46
C GLY A 320 -51.42 -2.68 28.36
N LYS A 321 -51.40 -1.44 27.90
CA LYS A 321 -52.33 -0.98 26.88
C LYS A 321 -51.88 -1.49 25.51
N THR A 322 -52.79 -2.15 24.79
CA THR A 322 -52.49 -2.74 23.51
C THR A 322 -53.52 -2.31 22.47
N VAL A 323 -53.10 -2.30 21.21
CA VAL A 323 -54.01 -2.33 20.07
C VAL A 323 -53.55 -3.46 19.16
N SER A 324 -54.46 -3.88 18.29
CA SER A 324 -54.14 -4.87 17.27
C SER A 324 -54.93 -4.53 16.03
N ARG A 325 -54.26 -4.47 14.90
CA ARG A 325 -54.89 -4.15 13.63
C ARG A 325 -54.55 -5.22 12.61
N ALA A 326 -55.51 -5.47 11.73
CA ALA A 326 -55.31 -6.33 10.58
C ALA A 326 -54.68 -5.50 9.48
N THR A 327 -53.61 -6.04 8.89
CA THR A 327 -52.88 -5.37 7.84
C THR A 327 -52.79 -6.28 6.62
N THR A 328 -52.95 -5.67 5.45
CA THR A 328 -52.79 -6.33 4.17
C THR A 328 -51.44 -5.96 3.57
N ASN A 329 -50.73 -6.98 3.09
CA ASN A 329 -49.44 -6.79 2.43
C ASN A 329 -49.67 -6.73 0.92
N SER A 330 -49.07 -5.75 0.28
CA SER A 330 -49.06 -5.67 -1.17
C SER A 330 -47.63 -5.83 -1.65
N LYS A 331 -47.44 -6.73 -2.62
CA LYS A 331 -46.13 -7.00 -3.19
C LYS A 331 -45.73 -5.93 -4.20
N THR A 332 -46.55 -5.77 -5.25
CA THR A 332 -46.30 -4.76 -6.27
C THR A 332 -47.25 -3.60 -6.02
N GLU A 333 -46.84 -2.72 -5.11
CA GLU A 333 -47.58 -1.51 -4.76
C GLU A 333 -46.84 -0.24 -5.10
N SER A 334 -45.54 -0.16 -4.79
CA SER A 334 -44.75 1.02 -5.10
C SER A 334 -44.37 1.10 -6.57
N ASN A 335 -44.37 -0.02 -7.29
CA ASN A 335 -44.04 0.00 -8.71
C ASN A 335 -45.13 0.71 -9.51
N THR A 336 -46.38 0.62 -9.06
CA THR A 336 -47.50 1.22 -9.74
C THR A 336 -48.12 2.37 -8.94
N ALA A 337 -47.38 2.94 -7.99
CA ALA A 337 -47.86 4.09 -7.21
C ALA A 337 -47.33 5.42 -7.73
N GLY A 338 -46.18 5.43 -8.41
CA GLY A 338 -45.62 6.65 -8.95
C GLY A 338 -45.98 6.81 -10.42
N VAL A 339 -47.12 6.26 -10.79
CA VAL A 339 -47.57 6.22 -12.18
C VAL A 339 -48.59 7.34 -12.38
N SER A 340 -48.32 8.22 -13.34
CA SER A 340 -49.20 9.33 -13.67
C SER A 340 -49.75 9.11 -15.08
N VAL A 341 -51.07 9.24 -15.22
CA VAL A 341 -51.75 8.80 -16.41
C VAL A 341 -52.03 10.00 -17.32
N ASN A 342 -51.99 9.76 -18.62
CA ASN A 342 -52.43 10.72 -19.62
C ASN A 342 -53.87 10.39 -19.99
N VAL A 343 -54.69 11.44 -20.14
CA VAL A 343 -56.03 11.24 -20.68
C VAL A 343 -55.94 10.77 -22.12
N GLY A 344 -55.04 11.38 -22.89
CA GLY A 344 -54.75 10.89 -24.23
C GLY A 344 -53.30 10.49 -24.34
N TYR A 345 -53.10 9.26 -24.84
CA TYR A 345 -51.77 8.69 -25.01
C TYR A 345 -51.23 9.06 -26.38
N GLN A 346 -50.00 9.57 -26.42
CA GLN A 346 -49.43 10.09 -27.65
C GLN A 346 -48.81 8.97 -28.46
N ASN A 347 -49.09 8.99 -29.77
CA ASN A 347 -48.60 8.02 -30.77
C ASN A 347 -49.08 6.62 -30.36
N GLY A 348 -48.25 5.60 -30.59
CA GLY A 348 -48.56 4.23 -30.23
C GLY A 348 -48.16 3.85 -28.83
N PHE A 349 -47.88 4.83 -27.96
CA PHE A 349 -47.48 4.59 -26.58
C PHE A 349 -48.71 4.13 -25.81
N THR A 350 -48.89 2.82 -25.72
CA THR A 350 -50.06 2.20 -25.10
C THR A 350 -49.75 1.69 -23.70
N ALA A 351 -48.86 2.37 -23.00
CA ALA A 351 -48.46 1.98 -21.65
C ALA A 351 -48.36 3.25 -20.81
N ASN A 352 -47.67 3.13 -19.67
CA ASN A 352 -47.31 4.30 -18.90
C ASN A 352 -46.04 4.02 -18.11
N VAL A 353 -45.33 5.09 -17.79
CA VAL A 353 -44.00 5.03 -17.17
C VAL A 353 -44.14 5.26 -15.69
N THR A 354 -43.59 4.35 -14.90
CA THR A 354 -43.56 4.51 -13.46
C THR A 354 -42.47 5.51 -13.05
N THR A 355 -42.67 6.13 -11.89
CA THR A 355 -41.60 6.90 -11.28
C THR A 355 -40.45 5.99 -10.88
N ASN A 356 -40.76 4.84 -10.31
CA ASN A 356 -39.75 3.91 -9.83
C ASN A 356 -40.19 2.47 -10.08
N TYR A 357 -39.20 1.59 -10.26
CA TYR A 357 -39.44 0.17 -10.45
C TYR A 357 -38.84 -0.60 -9.29
N SER A 358 -39.62 -1.53 -8.74
CA SER A 358 -39.18 -2.40 -7.66
C SER A 358 -39.66 -3.81 -7.92
N HIS A 359 -39.11 -4.76 -7.17
CA HIS A 359 -39.41 -6.18 -7.37
C HIS A 359 -40.32 -6.68 -6.26
N THR A 360 -40.54 -8.00 -6.21
CA THR A 360 -41.49 -8.60 -5.27
C THR A 360 -40.84 -9.04 -3.97
N THR A 361 -39.76 -8.39 -3.55
CA THR A 361 -39.17 -8.64 -2.24
C THR A 361 -39.78 -7.76 -1.17
N ASP A 362 -39.98 -6.48 -1.48
CA ASP A 362 -40.56 -5.53 -0.54
C ASP A 362 -42.08 -5.65 -0.51
N ASN A 363 -42.66 -5.14 0.57
CA ASN A 363 -44.10 -5.21 0.80
C ASN A 363 -44.58 -3.95 1.52
N SER A 364 -45.77 -3.50 1.14
CA SER A 364 -46.41 -2.34 1.74
C SER A 364 -47.57 -2.82 2.59
N THR A 365 -47.72 -2.22 3.77
CA THR A 365 -48.68 -2.67 4.77
C THR A 365 -49.79 -1.65 4.91
N ALA A 366 -51.03 -2.06 4.62
CA ALA A 366 -52.18 -1.19 4.73
C ALA A 366 -53.12 -1.71 5.81
N VAL A 367 -53.50 -0.86 6.74
CA VAL A 367 -54.41 -1.25 7.82
C VAL A 367 -55.84 -1.13 7.33
N GLN A 368 -56.57 -2.26 7.36
CA GLN A 368 -57.95 -2.28 6.91
C GLN A 368 -58.91 -1.89 8.03
N ASP A 369 -58.73 -2.47 9.21
CA ASP A 369 -59.65 -2.27 10.34
C ASP A 369 -59.21 -1.04 11.12
N SER A 370 -59.32 0.12 10.49
CA SER A 370 -58.91 1.37 11.11
C SER A 370 -60.08 2.35 11.02
N ASN A 371 -60.97 2.27 12.00
CA ASN A 371 -61.98 3.31 12.17
C ASN A 371 -61.31 4.56 12.73
N GLY A 372 -62.04 5.68 12.70
CA GLY A 372 -61.46 6.96 13.10
C GLY A 372 -61.02 7.01 14.55
N GLU A 373 -59.71 6.89 14.72
CA GLU A 373 -59.05 6.82 16.03
C GLU A 373 -57.55 6.90 15.84
N SER A 374 -56.87 7.71 16.64
CA SER A 374 -55.42 7.71 16.62
C SER A 374 -54.90 6.48 17.35
N TRP A 375 -53.73 6.00 16.91
CA TRP A 375 -53.06 4.92 17.64
C TRP A 375 -52.63 5.38 19.02
N ASN A 376 -52.33 6.67 19.18
CA ASN A 376 -52.03 7.24 20.48
C ASN A 376 -53.23 7.14 21.42
N THR A 377 -54.45 7.27 20.89
CA THR A 377 -55.64 7.07 21.71
C THR A 377 -55.72 5.64 22.22
N GLY A 378 -55.34 4.68 21.38
CA GLY A 378 -55.33 3.29 21.80
C GLY A 378 -54.11 2.85 22.59
N LEU A 379 -53.11 3.72 22.75
CA LEU A 379 -51.93 3.40 23.53
C LEU A 379 -51.70 4.33 24.72
N SER A 380 -52.21 5.56 24.68
CA SER A 380 -52.09 6.57 25.74
C SER A 380 -50.62 6.87 26.04
N ILE A 381 -49.96 7.42 25.02
CA ILE A 381 -48.54 7.77 25.08
C ILE A 381 -48.43 9.29 25.11
N ASN A 382 -47.77 9.83 26.15
CA ASN A 382 -47.87 11.28 26.41
C ASN A 382 -46.72 12.08 25.81
N LYS A 383 -45.49 11.89 26.31
CA LYS A 383 -44.42 12.78 25.85
C LYS A 383 -43.22 12.07 25.23
N GLY A 384 -42.56 11.21 26.00
CA GLY A 384 -41.25 10.72 25.60
C GLY A 384 -41.13 9.23 25.43
N GLU A 385 -41.86 8.46 26.23
CA GLU A 385 -41.84 7.01 26.11
C GLU A 385 -42.69 6.60 24.92
N SER A 386 -42.70 5.30 24.63
CA SER A 386 -43.56 4.76 23.59
C SER A 386 -43.78 3.28 23.87
N ALA A 387 -44.55 2.64 23.00
CA ALA A 387 -44.92 1.24 23.16
C ALA A 387 -43.85 0.36 22.52
N TYR A 388 -44.14 -0.93 22.41
CA TYR A 388 -43.35 -1.87 21.63
C TYR A 388 -44.20 -2.38 20.48
N ILE A 389 -43.53 -2.94 19.48
CA ILE A 389 -44.17 -3.33 18.23
C ILE A 389 -43.88 -4.80 17.96
N ASN A 390 -44.93 -5.55 17.61
CA ASN A 390 -44.81 -6.94 17.21
C ASN A 390 -45.70 -7.17 16.01
N ALA A 391 -45.34 -8.18 15.21
CA ALA A 391 -45.92 -8.33 13.89
C ALA A 391 -46.18 -9.82 13.64
N ASN A 392 -47.14 -10.07 12.76
CA ASN A 392 -47.43 -11.41 12.27
C ASN A 392 -47.06 -11.45 10.79
N VAL A 393 -46.23 -12.41 10.40
CA VAL A 393 -45.69 -12.42 9.04
C VAL A 393 -45.70 -13.83 8.47
N ARG A 394 -45.61 -13.88 7.15
CA ARG A 394 -45.48 -15.08 6.36
C ARG A 394 -44.28 -14.89 5.44
N TYR A 395 -43.75 -15.98 4.90
CA TYR A 395 -42.49 -15.91 4.17
C TYR A 395 -42.62 -16.60 2.82
N TYR A 396 -43.10 -15.88 1.82
CA TYR A 396 -43.39 -16.47 0.53
C TYR A 396 -42.15 -16.51 -0.36
N ASN A 397 -42.03 -17.61 -1.11
CA ASN A 397 -41.03 -17.74 -2.16
C ASN A 397 -41.76 -17.63 -3.49
N THR A 398 -41.34 -16.68 -4.33
CA THR A 398 -42.02 -16.41 -5.60
C THR A 398 -40.97 -16.36 -6.72
N GLY A 399 -40.66 -17.52 -7.28
CA GLY A 399 -39.70 -17.56 -8.38
C GLY A 399 -39.89 -18.85 -9.15
N THR A 400 -38.97 -19.08 -10.09
CA THR A 400 -38.88 -20.40 -10.72
C THR A 400 -37.76 -21.24 -10.12
N ALA A 401 -37.71 -21.36 -8.78
CA ALA A 401 -36.63 -22.10 -8.11
C ALA A 401 -36.94 -22.27 -6.63
N PRO A 402 -36.43 -23.33 -5.98
CA PRO A 402 -36.55 -23.43 -4.52
C PRO A 402 -35.33 -22.87 -3.81
N MET A 403 -35.41 -22.77 -2.48
CA MET A 403 -34.33 -22.29 -1.64
C MET A 403 -34.30 -23.11 -0.37
N TYR A 404 -33.09 -23.38 0.14
CA TYR A 404 -32.97 -24.25 1.29
C TYR A 404 -32.45 -23.59 2.55
N LYS A 405 -31.23 -23.05 2.55
CA LYS A 405 -30.62 -22.61 3.80
C LYS A 405 -31.05 -21.19 4.11
N VAL A 406 -32.20 -21.08 4.77
CA VAL A 406 -32.82 -19.79 5.02
C VAL A 406 -32.02 -19.02 6.04
N THR A 407 -31.33 -17.98 5.57
CA THR A 407 -30.64 -17.04 6.45
C THR A 407 -30.92 -15.63 5.96
N PRO A 408 -32.10 -15.10 6.26
CA PRO A 408 -32.50 -13.81 5.71
C PRO A 408 -32.21 -12.63 6.61
N THR A 409 -32.19 -11.45 6.00
CA THR A 409 -32.20 -10.18 6.71
C THR A 409 -33.36 -9.36 6.16
N THR A 410 -34.09 -8.69 7.04
CA THR A 410 -35.22 -7.87 6.58
C THR A 410 -35.30 -6.58 7.36
N ASN A 411 -35.28 -5.46 6.64
CA ASN A 411 -35.45 -4.15 7.25
C ASN A 411 -36.92 -3.77 7.34
N LEU A 412 -37.25 -3.04 8.40
CA LEU A 412 -38.63 -2.62 8.69
C LEU A 412 -38.67 -1.09 8.61
N VAL A 413 -38.88 -0.57 7.41
CA VAL A 413 -38.61 0.83 7.10
C VAL A 413 -39.90 1.63 7.21
N LEU A 414 -39.83 2.74 7.94
CA LEU A 414 -40.94 3.68 8.07
C LEU A 414 -40.41 5.03 7.64
N ASP A 415 -40.72 5.42 6.40
CA ASP A 415 -40.21 6.56 5.62
C ASP A 415 -38.75 6.90 5.94
N GLY A 416 -37.91 5.88 5.96
CA GLY A 416 -36.52 6.02 6.33
C GLY A 416 -36.21 5.59 7.74
N ASP A 417 -37.18 5.66 8.66
CA ASP A 417 -36.96 5.24 10.04
C ASP A 417 -37.10 3.73 10.07
N THR A 418 -36.04 3.04 9.69
CA THR A 418 -36.00 1.59 9.79
C THR A 418 -35.98 1.22 11.27
N LEU A 419 -37.11 0.71 11.77
CA LEU A 419 -37.24 0.44 13.19
C LEU A 419 -36.32 -0.68 13.63
N SER A 420 -36.21 -1.73 12.82
CA SER A 420 -35.27 -2.80 13.10
C SER A 420 -35.04 -3.61 11.84
N THR A 421 -34.23 -4.66 11.99
CA THR A 421 -34.09 -5.74 11.03
C THR A 421 -34.39 -7.04 11.75
N ILE A 422 -35.00 -7.97 11.05
CA ILE A 422 -35.29 -9.29 11.59
C ILE A 422 -34.54 -10.34 10.79
N LYS A 423 -33.95 -11.29 11.51
CA LYS A 423 -33.41 -12.52 10.96
C LYS A 423 -34.00 -13.66 11.79
N ALA A 424 -34.82 -14.50 11.15
CA ALA A 424 -35.44 -15.61 11.86
C ALA A 424 -34.51 -16.81 11.96
N GLN A 425 -33.24 -16.64 11.60
CA GLN A 425 -32.19 -17.67 11.64
C GLN A 425 -32.64 -18.81 10.73
N GLU A 426 -32.42 -20.06 11.13
CA GLU A 426 -32.90 -21.21 10.39
C GLU A 426 -34.03 -21.91 11.14
N ASN A 427 -34.01 -21.83 12.47
CA ASN A 427 -34.93 -22.58 13.32
C ASN A 427 -36.36 -22.11 13.18
N GLN A 428 -36.59 -20.80 13.10
CA GLN A 428 -37.93 -20.25 13.04
C GLN A 428 -38.56 -20.38 11.66
N ILE A 429 -37.82 -20.90 10.68
CA ILE A 429 -38.30 -21.04 9.32
C ILE A 429 -38.31 -22.50 8.86
N GLY A 430 -37.19 -23.19 8.96
CA GLY A 430 -37.04 -24.49 8.33
C GLY A 430 -36.32 -24.38 7.00
N ASN A 431 -35.72 -25.49 6.61
CA ASN A 431 -34.67 -25.49 5.60
C ASN A 431 -35.18 -25.71 4.18
N ASN A 432 -36.40 -25.26 3.87
CA ASN A 432 -36.84 -25.24 2.48
C ASN A 432 -37.91 -24.18 2.30
N LEU A 433 -37.85 -23.52 1.13
CA LEU A 433 -38.94 -22.67 0.63
C LEU A 433 -39.08 -22.97 -0.85
N SER A 434 -40.02 -23.85 -1.18
CA SER A 434 -40.35 -24.11 -2.56
C SER A 434 -40.99 -22.87 -3.17
N PRO A 435 -40.85 -22.66 -4.48
CA PRO A 435 -41.47 -21.48 -5.10
C PRO A 435 -42.98 -21.56 -5.03
N GLY A 436 -43.61 -20.40 -4.86
CA GLY A 436 -45.05 -20.38 -4.66
C GLY A 436 -45.49 -20.86 -3.31
N ASP A 437 -44.60 -20.85 -2.31
CA ASP A 437 -44.92 -21.35 -0.99
C ASP A 437 -44.45 -20.36 0.08
N THR A 438 -45.32 -20.10 1.04
CA THR A 438 -44.95 -19.33 2.22
C THR A 438 -44.37 -20.25 3.28
N TYR A 439 -43.92 -19.66 4.38
CA TYR A 439 -43.52 -20.47 5.52
C TYR A 439 -44.76 -20.96 6.26
N PRO A 440 -45.81 -20.14 6.51
CA PRO A 440 -47.08 -20.76 6.88
C PRO A 440 -47.74 -21.37 5.66
N LYS A 441 -47.68 -22.70 5.55
CA LYS A 441 -48.07 -23.40 4.34
C LYS A 441 -49.57 -23.30 4.15
N LYS A 442 -49.97 -22.52 3.14
CA LYS A 442 -51.35 -22.39 2.66
C LYS A 442 -52.16 -21.78 3.80
N GLY A 443 -53.21 -22.43 4.31
CA GLY A 443 -53.89 -21.91 5.47
C GLY A 443 -53.14 -22.33 6.72
N LEU A 444 -52.36 -21.40 7.28
CA LEU A 444 -51.56 -21.68 8.46
C LEU A 444 -51.31 -20.35 9.15
N SER A 445 -51.07 -20.43 10.46
CA SER A 445 -50.89 -19.22 11.24
C SER A 445 -49.61 -18.50 10.83
N PRO A 446 -49.68 -17.18 10.61
CA PRO A 446 -48.46 -16.42 10.31
C PRO A 446 -47.53 -16.39 11.51
N LEU A 447 -46.23 -16.33 11.22
CA LEU A 447 -45.22 -16.36 12.26
C LEU A 447 -45.22 -15.01 12.98
N ALA A 448 -45.51 -15.04 14.27
CA ALA A 448 -45.37 -13.82 15.06
C ALA A 448 -43.90 -13.52 15.31
N LEU A 449 -43.60 -12.24 15.55
CA LEU A 449 -42.23 -11.81 15.75
C LEU A 449 -41.84 -11.96 17.23
N ASN A 450 -41.87 -13.21 17.68
CA ASN A 450 -41.48 -13.56 19.03
C ASN A 450 -40.54 -14.76 19.10
N THR A 451 -40.58 -15.64 18.10
CA THR A 451 -39.72 -16.81 18.07
C THR A 451 -38.30 -16.40 17.74
N SER A 457 -35.10 -11.82 16.66
CA SER A 457 -35.77 -13.02 17.18
C SER A 457 -36.48 -12.72 18.49
N ARG A 458 -36.70 -11.44 18.76
CA ARG A 458 -37.32 -10.99 20.00
C ARG A 458 -38.02 -9.67 19.69
N LEU A 459 -38.60 -9.03 20.72
CA LEU A 459 -39.45 -7.86 20.55
C LEU A 459 -38.67 -6.66 20.01
N ILE A 460 -39.42 -5.72 19.45
CA ILE A 460 -38.87 -4.57 18.73
C ILE A 460 -39.39 -3.30 19.39
N PRO A 461 -38.55 -2.28 19.62
CA PRO A 461 -39.05 -1.05 20.23
C PRO A 461 -39.45 0.01 19.21
N ILE A 462 -40.04 1.10 19.71
CA ILE A 462 -40.44 2.23 18.87
C ILE A 462 -40.43 3.47 19.76
N ASN A 463 -40.44 4.63 19.12
CA ASN A 463 -40.38 5.92 19.81
C ASN A 463 -41.55 6.79 19.38
N TYR A 464 -41.89 7.75 20.24
CA TYR A 464 -43.06 8.60 20.04
C TYR A 464 -42.74 9.78 19.12
N ASP A 465 -42.37 9.44 17.88
CA ASP A 465 -42.36 10.40 16.80
C ASP A 465 -43.02 9.81 15.57
N GLN A 466 -42.95 8.48 15.46
CA GLN A 466 -43.56 7.73 14.38
C GLN A 466 -45.02 7.37 14.66
N LEU A 467 -45.50 7.60 15.88
CA LEU A 467 -46.89 7.32 16.20
C LEU A 467 -47.83 8.22 15.40
N LYS A 468 -47.52 9.51 15.33
CA LYS A 468 -48.32 10.42 14.54
C LYS A 468 -47.97 10.33 13.06
N LYS A 469 -46.80 9.80 12.73
CA LYS A 469 -46.42 9.55 11.34
C LYS A 469 -47.30 8.47 10.73
N LEU A 470 -47.44 7.34 11.41
CA LEU A 470 -48.30 6.26 10.95
C LEU A 470 -49.78 6.60 11.02
N ASP A 471 -50.20 7.38 12.01
CA ASP A 471 -51.60 7.71 12.19
C ASP A 471 -52.14 8.56 11.05
N ALA A 472 -51.36 9.56 10.60
CA ALA A 472 -51.91 10.53 9.65
C ALA A 472 -51.88 10.00 8.23
N GLY A 473 -50.69 9.86 7.65
CA GLY A 473 -50.62 9.45 6.26
C GLY A 473 -49.74 8.26 5.93
N LYS A 474 -48.71 8.02 6.73
CA LYS A 474 -47.67 7.08 6.33
C LYS A 474 -48.01 5.68 6.83
N GLN A 475 -47.60 4.68 6.04
CA GLN A 475 -47.77 3.28 6.39
C GLN A 475 -46.40 2.63 6.53
N ILE A 476 -46.38 1.46 7.17
CA ILE A 476 -45.13 0.72 7.36
C ILE A 476 -44.75 0.02 6.07
N LYS A 477 -43.47 0.12 5.70
CA LYS A 477 -42.92 -0.66 4.60
C LYS A 477 -41.97 -1.70 5.16
N LEU A 478 -41.84 -2.82 4.46
CA LEU A 478 -40.87 -3.86 4.86
C LEU A 478 -40.14 -4.34 3.63
N GLU A 479 -38.88 -4.71 3.77
CA GLU A 479 -38.14 -5.25 2.63
C GLU A 479 -37.08 -6.25 3.07
N THR A 480 -36.99 -7.37 2.36
CA THR A 480 -35.87 -8.29 2.53
C THR A 480 -34.64 -7.71 1.85
N THR A 481 -33.51 -7.73 2.57
CA THR A 481 -32.28 -7.13 2.08
C THR A 481 -31.23 -8.14 1.69
N GLN A 482 -30.82 -8.99 2.63
CA GLN A 482 -29.93 -10.10 2.32
C GLN A 482 -30.68 -11.38 2.67
N VAL A 483 -30.69 -12.31 1.73
CA VAL A 483 -31.19 -13.66 1.97
C VAL A 483 -30.13 -14.63 1.51
N SER A 484 -29.59 -15.40 2.44
CA SER A 484 -28.66 -16.47 2.10
C SER A 484 -29.47 -17.72 1.84
N GLY A 485 -28.93 -18.62 1.04
CA GLY A 485 -29.64 -19.83 0.72
C GLY A 485 -28.81 -20.69 -0.19
N ASN A 486 -29.17 -21.96 -0.23
CA ASN A 486 -28.53 -22.91 -1.11
C ASN A 486 -29.59 -23.60 -1.97
N PHE A 487 -29.13 -24.35 -2.96
CA PHE A 487 -30.00 -25.04 -3.88
C PHE A 487 -29.53 -26.48 -4.03
N GLY A 488 -30.48 -27.36 -4.31
CA GLY A 488 -30.23 -28.79 -4.35
C GLY A 488 -29.87 -29.26 -5.74
N THR A 489 -28.68 -29.85 -5.86
CA THR A 489 -28.18 -30.37 -7.13
C THR A 489 -28.14 -31.89 -7.07
N LYS A 490 -28.68 -32.52 -8.12
CA LYS A 490 -28.69 -33.96 -8.23
C LYS A 490 -27.27 -34.52 -8.27
N ASN A 491 -26.99 -35.49 -7.39
CA ASN A 491 -25.71 -36.16 -7.39
C ASN A 491 -25.73 -37.27 -8.43
N SER A 492 -24.69 -38.11 -8.44
CA SER A 492 -24.61 -39.17 -9.44
C SER A 492 -25.66 -40.26 -9.18
N SER A 493 -25.85 -40.63 -7.92
CA SER A 493 -26.67 -41.79 -7.57
C SER A 493 -28.07 -41.42 -7.08
N GLY A 494 -28.17 -40.64 -6.01
CA GLY A 494 -29.43 -40.57 -5.29
C GLY A 494 -30.03 -39.20 -5.10
N GLN A 495 -30.27 -38.81 -3.84
CA GLN A 495 -30.98 -37.59 -3.53
C GLN A 495 -30.07 -36.38 -3.76
N ILE A 496 -30.69 -35.22 -4.04
CA ILE A 496 -29.94 -34.04 -4.41
C ILE A 496 -29.16 -33.50 -3.20
N VAL A 497 -28.06 -32.83 -3.49
CA VAL A 497 -27.25 -32.23 -2.44
C VAL A 497 -27.41 -30.73 -2.49
N THR A 498 -27.85 -30.16 -1.37
CA THR A 498 -28.00 -28.72 -1.26
C THR A 498 -26.91 -28.14 -0.36
N GLU A 499 -25.81 -28.86 -0.19
CA GLU A 499 -24.75 -28.42 0.71
C GLU A 499 -23.70 -27.57 0.00
N GLY A 500 -23.09 -28.11 -1.06
CA GLY A 500 -22.05 -27.39 -1.78
C GLY A 500 -22.56 -26.41 -2.82
N ASN A 501 -23.59 -25.63 -2.46
CA ASN A 501 -24.20 -24.66 -3.34
C ASN A 501 -24.54 -23.42 -2.54
N SER A 502 -24.91 -22.33 -3.23
CA SER A 502 -25.18 -21.07 -2.55
C SER A 502 -25.99 -20.17 -3.48
N TRP A 503 -26.97 -19.48 -2.91
CA TRP A 503 -27.72 -18.44 -3.62
C TRP A 503 -27.10 -17.06 -3.40
N SER A 504 -25.79 -16.95 -3.61
CA SER A 504 -25.12 -15.66 -3.45
C SER A 504 -24.06 -15.37 -4.51
N ASP A 505 -23.63 -16.36 -5.29
CA ASP A 505 -22.56 -16.17 -6.26
C ASP A 505 -23.07 -15.90 -7.68
N TYR A 506 -24.08 -16.65 -8.12
CA TYR A 506 -24.61 -16.51 -9.47
C TYR A 506 -25.73 -15.47 -9.56
N ILE A 507 -26.01 -14.77 -8.46
CA ILE A 507 -27.17 -13.88 -8.40
C ILE A 507 -27.00 -12.69 -9.33
N SER A 508 -25.92 -11.92 -9.14
CA SER A 508 -25.68 -10.77 -10.00
C SER A 508 -25.32 -11.20 -11.42
N GLN A 509 -24.75 -12.39 -11.57
CA GLN A 509 -24.44 -12.91 -12.90
C GLN A 509 -25.72 -13.18 -13.69
N ILE A 510 -26.74 -13.73 -13.04
CA ILE A 510 -28.05 -13.82 -13.65
C ILE A 510 -28.60 -12.42 -13.90
N ASP A 511 -28.45 -11.52 -12.91
CA ASP A 511 -28.86 -10.13 -13.06
C ASP A 511 -28.12 -9.40 -14.16
N SER A 512 -26.89 -9.81 -14.46
CA SER A 512 -26.10 -9.16 -15.50
C SER A 512 -26.56 -9.49 -16.91
N ILE A 513 -27.22 -10.63 -17.11
CA ILE A 513 -27.59 -11.07 -18.46
C ILE A 513 -29.09 -10.97 -18.71
N SER A 514 -29.93 -11.29 -17.74
CA SER A 514 -31.36 -11.36 -17.94
C SER A 514 -32.01 -9.99 -17.76
N ALA A 515 -33.19 -9.84 -18.35
CA ALA A 515 -34.07 -8.73 -18.04
C ALA A 515 -34.91 -9.12 -16.82
N SER A 516 -35.91 -8.30 -16.49
CA SER A 516 -36.73 -8.57 -15.31
C SER A 516 -38.17 -8.24 -15.66
N ILE A 517 -39.03 -9.27 -15.74
CA ILE A 517 -40.43 -9.09 -16.05
C ILE A 517 -41.26 -9.60 -14.88
N ILE A 518 -42.02 -8.69 -14.27
CA ILE A 518 -42.99 -9.03 -13.23
C ILE A 518 -44.36 -9.09 -13.88
N LEU A 519 -45.08 -10.17 -13.64
CA LEU A 519 -46.48 -10.28 -13.99
C LEU A 519 -47.27 -10.21 -12.69
N ASP A 520 -48.37 -9.47 -12.70
CA ASP A 520 -49.16 -9.29 -11.49
C ASP A 520 -50.63 -9.53 -11.85
N THR A 521 -51.05 -10.78 -11.65
CA THR A 521 -52.46 -11.11 -11.56
C THR A 521 -53.00 -10.52 -10.25
N GLU A 522 -54.31 -10.26 -10.23
CA GLU A 522 -54.95 -9.59 -9.09
C GLU A 522 -54.94 -10.42 -7.81
N ASN A 523 -54.38 -11.64 -7.82
CA ASN A 523 -54.25 -12.44 -6.62
C ASN A 523 -52.83 -12.96 -6.37
N GLU A 524 -51.96 -13.00 -7.37
CA GLU A 524 -50.63 -13.55 -7.18
C GLU A 524 -49.64 -12.78 -8.04
N SER A 525 -48.36 -12.91 -7.69
CA SER A 525 -47.28 -12.24 -8.40
C SER A 525 -46.31 -13.28 -8.97
N TYR A 526 -45.86 -13.03 -10.19
CA TYR A 526 -44.81 -13.80 -10.83
C TYR A 526 -43.70 -12.82 -11.18
N GLU A 527 -42.47 -13.32 -11.17
CA GLU A 527 -41.34 -12.47 -11.55
C GLU A 527 -40.24 -13.34 -12.13
N ARG A 528 -39.88 -13.06 -13.38
CA ARG A 528 -39.02 -13.94 -14.15
C ARG A 528 -37.88 -13.15 -14.76
N ARG A 529 -36.75 -13.83 -14.94
CA ARG A 529 -35.54 -13.25 -15.49
C ARG A 529 -35.12 -14.08 -16.70
N VAL A 530 -35.23 -13.49 -17.88
CA VAL A 530 -34.96 -14.16 -19.15
C VAL A 530 -33.81 -13.44 -19.83
N THR A 531 -32.80 -14.21 -20.25
CA THR A 531 -31.62 -13.62 -20.87
C THR A 531 -31.95 -13.02 -22.24
N ALA A 532 -31.35 -11.88 -22.53
CA ALA A 532 -31.62 -11.11 -23.72
C ALA A 532 -30.34 -10.98 -24.55
N LYS A 533 -30.41 -10.13 -25.58
CA LYS A 533 -29.29 -9.93 -26.49
C LYS A 533 -28.78 -8.50 -26.38
N ASN A 534 -27.46 -8.36 -26.35
CA ASN A 534 -26.82 -7.05 -26.45
C ASN A 534 -26.76 -6.68 -27.94
N LEU A 535 -27.46 -5.60 -28.30
CA LEU A 535 -27.57 -5.24 -29.71
C LEU A 535 -26.28 -4.60 -30.23
N GLN A 536 -25.49 -3.99 -29.36
CA GLN A 536 -24.20 -3.43 -29.79
C GLN A 536 -23.08 -4.44 -29.62
N ASP A 537 -23.32 -5.65 -30.13
CA ASP A 537 -22.34 -6.73 -30.08
C ASP A 537 -22.67 -7.76 -31.15
N PRO A 538 -22.08 -7.66 -32.34
CA PRO A 538 -22.31 -8.68 -33.38
C PRO A 538 -21.71 -10.03 -33.05
N GLU A 539 -20.62 -10.07 -32.27
CA GLU A 539 -20.05 -11.34 -31.86
C GLU A 539 -20.92 -12.05 -30.85
N ASP A 540 -21.78 -11.32 -30.13
CA ASP A 540 -22.70 -11.93 -29.18
C ASP A 540 -23.74 -12.75 -29.93
N LYS A 541 -23.64 -14.07 -29.84
CA LYS A 541 -24.60 -14.96 -30.49
C LYS A 541 -25.46 -15.58 -29.41
N THR A 542 -26.50 -14.84 -29.02
CA THR A 542 -27.54 -15.29 -28.13
C THR A 542 -28.85 -14.96 -28.82
N PRO A 543 -29.92 -15.70 -28.54
CA PRO A 543 -31.22 -15.41 -29.16
C PRO A 543 -31.73 -14.02 -28.83
N GLU A 544 -32.35 -13.39 -29.81
CA GLU A 544 -33.00 -12.10 -29.69
C GLU A 544 -34.50 -12.29 -29.83
N LEU A 545 -35.26 -11.79 -28.86
CA LEU A 545 -36.66 -12.17 -28.73
C LEU A 545 -37.50 -10.94 -28.41
N THR A 546 -38.79 -10.99 -28.74
CA THR A 546 -39.70 -9.88 -28.53
C THR A 546 -40.27 -9.89 -27.10
N ILE A 547 -41.24 -9.02 -26.87
CA ILE A 547 -41.80 -8.85 -25.53
C ILE A 547 -42.80 -9.95 -25.22
N GLY A 548 -43.81 -10.12 -26.07
CA GLY A 548 -44.89 -11.06 -25.77
C GLY A 548 -44.43 -12.50 -25.79
N GLU A 549 -43.52 -12.85 -26.70
CA GLU A 549 -42.97 -14.20 -26.72
C GLU A 549 -42.18 -14.49 -25.46
N ALA A 550 -41.43 -13.49 -24.97
CA ALA A 550 -40.72 -13.64 -23.70
C ALA A 550 -41.69 -13.83 -22.55
N ILE A 551 -42.81 -13.09 -22.56
CA ILE A 551 -43.83 -13.24 -21.53
C ILE A 551 -44.41 -14.65 -21.57
N GLU A 552 -44.69 -15.16 -22.77
CA GLU A 552 -45.22 -16.52 -22.91
C GLU A 552 -44.23 -17.57 -22.40
N LYS A 553 -42.96 -17.43 -22.79
CA LYS A 553 -41.99 -18.46 -22.46
C LYS A 553 -41.47 -18.29 -21.03
N ALA A 554 -41.81 -17.18 -20.38
CA ALA A 554 -41.41 -16.96 -19.00
C ALA A 554 -42.50 -17.34 -18.02
N PHE A 555 -43.75 -16.98 -18.32
CA PHE A 555 -44.85 -17.23 -17.41
C PHE A 555 -45.73 -18.40 -17.81
N GLY A 556 -45.73 -18.79 -19.08
CA GLY A 556 -46.62 -19.84 -19.54
C GLY A 556 -47.90 -19.28 -20.14
N ALA A 557 -48.04 -19.41 -21.46
CA ALA A 557 -49.18 -18.81 -22.15
C ALA A 557 -49.67 -19.73 -23.24
N THR A 558 -50.99 -19.77 -23.42
CA THR A 558 -51.61 -20.47 -24.53
C THR A 558 -51.91 -19.47 -25.64
N LYS A 559 -51.50 -19.79 -26.86
CA LYS A 559 -51.66 -18.87 -27.98
C LYS A 559 -52.98 -19.13 -28.69
N LYS A 560 -53.91 -18.19 -28.53
CA LYS A 560 -55.07 -18.13 -29.39
C LYS A 560 -54.72 -17.27 -30.62
N ASP A 561 -55.70 -17.08 -31.50
CA ASP A 561 -55.48 -16.45 -32.81
C ASP A 561 -55.13 -14.98 -32.59
N GLY A 562 -53.83 -14.68 -32.64
CA GLY A 562 -53.33 -13.35 -32.35
C GLY A 562 -53.36 -12.98 -30.89
N LEU A 563 -53.73 -13.90 -30.00
CA LEU A 563 -53.91 -13.60 -28.60
C LEU A 563 -53.00 -14.48 -27.76
N LEU A 564 -52.55 -13.94 -26.64
CA LEU A 564 -51.85 -14.71 -25.64
C LEU A 564 -52.76 -14.85 -24.43
N TYR A 565 -52.76 -16.02 -23.83
CA TYR A 565 -53.61 -16.29 -22.67
C TYR A 565 -52.77 -16.80 -21.52
N PHE A 566 -53.12 -16.33 -20.32
CA PHE A 566 -52.72 -17.01 -19.10
C PHE A 566 -53.74 -18.11 -18.85
N ASN A 567 -53.81 -18.61 -17.61
CA ASN A 567 -54.75 -19.68 -17.27
C ASN A 567 -56.19 -19.30 -17.63
N ASP A 568 -56.61 -18.09 -17.28
CA ASP A 568 -57.87 -17.54 -17.78
C ASP A 568 -57.73 -16.09 -18.23
N ILE A 569 -56.74 -15.36 -17.74
CA ILE A 569 -56.61 -13.93 -18.00
C ILE A 569 -56.12 -13.73 -19.44
N PRO A 570 -56.85 -12.97 -20.26
CA PRO A 570 -56.32 -12.59 -21.57
C PRO A 570 -55.17 -11.62 -21.39
N ILE A 571 -53.97 -12.05 -21.76
CA ILE A 571 -52.75 -11.26 -21.61
C ILE A 571 -52.34 -10.74 -22.99
N ASP A 572 -52.36 -9.43 -23.14
CA ASP A 572 -52.18 -8.85 -24.46
C ASP A 572 -51.69 -7.42 -24.28
N GLU A 573 -51.47 -6.72 -25.39
CA GLU A 573 -51.10 -5.31 -25.34
C GLU A 573 -52.30 -4.40 -25.14
N SER A 574 -53.52 -4.94 -25.14
CA SER A 574 -54.72 -4.14 -24.97
C SER A 574 -55.67 -4.70 -23.90
N CYS A 575 -55.32 -5.81 -23.26
CA CYS A 575 -56.18 -6.41 -22.26
C CYS A 575 -55.70 -6.20 -20.84
N VAL A 576 -54.46 -5.73 -20.64
CA VAL A 576 -53.89 -5.49 -19.33
C VAL A 576 -53.23 -4.12 -19.34
N GLU A 577 -52.58 -3.79 -18.22
CA GLU A 577 -51.92 -2.51 -18.01
C GLU A 577 -50.42 -2.75 -18.00
N LEU A 578 -49.66 -1.86 -18.63
CA LEU A 578 -48.22 -2.05 -18.81
C LEU A 578 -47.43 -0.95 -18.13
N ILE A 579 -46.41 -1.34 -17.37
CA ILE A 579 -45.59 -0.41 -16.58
C ILE A 579 -44.13 -0.63 -16.93
N PHE A 580 -43.43 0.46 -17.26
CA PHE A 580 -41.99 0.40 -17.49
C PHE A 580 -41.29 1.50 -16.71
N ASP A 581 -40.06 1.20 -16.30
CA ASP A 581 -39.18 2.24 -15.79
C ASP A 581 -38.66 3.09 -16.95
N ASP A 582 -37.93 4.15 -16.60
CA ASP A 582 -37.65 5.23 -17.54
C ASP A 582 -36.78 4.78 -18.72
N ASN A 583 -35.71 4.03 -18.43
CA ASN A 583 -34.82 3.57 -19.49
C ASN A 583 -35.53 2.67 -20.48
N THR A 584 -36.43 1.81 -19.98
CA THR A 584 -37.23 0.95 -20.83
C THR A 584 -38.10 1.79 -21.77
N ALA A 585 -38.71 2.85 -21.22
CA ALA A 585 -39.54 3.74 -22.02
C ALA A 585 -38.73 4.46 -23.08
N ASN A 586 -37.53 4.93 -22.73
CA ASN A 586 -36.67 5.55 -23.73
C ASN A 586 -36.33 4.57 -24.84
N LYS A 587 -35.99 3.33 -24.48
CA LYS A 587 -35.65 2.33 -25.48
C LYS A 587 -36.85 2.00 -26.37
N ILE A 588 -38.05 1.94 -25.79
CA ILE A 588 -39.23 1.59 -26.57
C ILE A 588 -39.59 2.71 -27.55
N LYS A 589 -39.67 3.96 -27.07
CA LYS A 589 -40.06 5.03 -27.99
C LYS A 589 -38.90 5.47 -28.88
N ASP A 590 -37.69 5.01 -28.62
CA ASP A 590 -36.67 5.03 -29.67
C ASP A 590 -36.94 3.96 -30.71
N SER A 591 -37.34 2.77 -30.27
CA SER A 591 -37.60 1.67 -31.19
C SER A 591 -38.90 1.86 -31.98
N LEU A 592 -39.90 2.53 -31.41
CA LEU A 592 -41.22 2.65 -32.01
C LEU A 592 -41.23 3.46 -33.30
N LYS A 593 -40.23 4.31 -33.50
CA LYS A 593 -40.22 5.19 -34.67
C LYS A 593 -40.05 4.40 -35.96
N THR A 594 -39.19 3.40 -35.95
CA THR A 594 -38.95 2.55 -37.10
C THR A 594 -40.08 1.56 -37.35
N LEU A 595 -40.92 1.30 -36.34
CA LEU A 595 -41.97 0.30 -36.49
C LEU A 595 -43.08 0.80 -37.39
N SER A 596 -43.59 -0.10 -38.23
CA SER A 596 -44.75 0.15 -39.05
C SER A 596 -46.02 -0.47 -38.47
N ASP A 597 -45.93 -1.11 -37.30
CA ASP A 597 -47.06 -1.76 -36.68
C ASP A 597 -47.52 -1.09 -35.39
N LYS A 598 -46.63 -0.40 -34.68
CA LYS A 598 -46.96 0.47 -33.54
C LYS A 598 -47.62 -0.31 -32.40
N LYS A 599 -46.93 -1.36 -31.93
CA LYS A 599 -47.41 -2.14 -30.80
C LYS A 599 -46.25 -2.54 -29.92
N ILE A 600 -46.54 -2.68 -28.62
CA ILE A 600 -45.48 -2.82 -27.61
C ILE A 600 -44.87 -4.22 -27.65
N TYR A 601 -45.70 -5.24 -27.86
CA TYR A 601 -45.25 -6.63 -27.77
C TYR A 601 -44.21 -7.00 -28.82
N ASN A 602 -44.17 -6.31 -29.95
CA ASN A 602 -43.19 -6.59 -31.00
C ASN A 602 -41.98 -5.67 -30.85
N VAL A 603 -41.35 -5.74 -29.69
CA VAL A 603 -40.11 -5.02 -29.41
C VAL A 603 -39.07 -6.03 -28.96
N LYS A 604 -37.95 -6.09 -29.68
CA LYS A 604 -36.87 -6.99 -29.33
C LYS A 604 -36.29 -6.65 -27.97
N LEU A 605 -36.09 -7.68 -27.15
CA LEU A 605 -35.59 -7.50 -25.81
C LEU A 605 -34.08 -7.28 -25.83
N GLU A 606 -33.64 -6.23 -25.14
CA GLU A 606 -32.24 -5.97 -24.92
C GLU A 606 -31.90 -6.32 -23.48
N ARG A 607 -30.62 -6.41 -23.20
CA ARG A 607 -30.17 -6.87 -21.89
C ARG A 607 -30.34 -5.77 -20.84
N GLY A 608 -31.15 -6.04 -19.82
CA GLY A 608 -31.22 -5.19 -18.66
C GLY A 608 -32.28 -4.11 -18.62
N MET A 609 -33.55 -4.47 -18.82
CA MET A 609 -34.65 -3.56 -18.54
C MET A 609 -35.72 -4.24 -17.69
N ASN A 610 -36.68 -3.42 -17.24
CA ASN A 610 -37.71 -3.85 -16.32
C ASN A 610 -39.09 -3.66 -16.95
N ILE A 611 -39.91 -4.71 -16.88
CA ILE A 611 -41.27 -4.69 -17.41
C ILE A 611 -42.21 -5.19 -16.31
N LEU A 612 -43.33 -4.49 -16.10
CA LEU A 612 -44.34 -4.90 -15.15
C LEU A 612 -45.68 -5.01 -15.87
N ILE A 613 -46.41 -6.08 -15.58
CA ILE A 613 -47.70 -6.37 -16.18
C ILE A 613 -48.73 -6.34 -15.06
N LYS A 614 -49.84 -5.64 -15.27
CA LYS A 614 -50.90 -5.48 -14.28
C LYS A 614 -52.22 -5.95 -14.88
N THR A 615 -52.77 -7.04 -14.37
CA THR A 615 -54.10 -7.42 -14.84
C THR A 615 -55.12 -6.45 -14.26
N PRO A 616 -55.99 -5.86 -15.09
CA PRO A 616 -57.06 -5.01 -14.54
C PRO A 616 -58.02 -5.85 -13.73
N THR A 617 -58.61 -5.21 -12.71
CA THR A 617 -59.44 -5.93 -11.76
C THR A 617 -60.66 -6.54 -12.43
N TYR A 618 -61.32 -5.78 -13.30
CA TYR A 618 -62.40 -6.28 -14.13
C TYR A 618 -62.07 -5.98 -15.58
N PHE A 619 -62.56 -6.79 -16.50
CA PHE A 619 -62.27 -6.56 -17.90
C PHE A 619 -63.32 -7.24 -18.76
N THR A 620 -64.05 -6.45 -19.54
CA THR A 620 -64.90 -6.99 -20.59
C THR A 620 -64.42 -6.43 -21.91
N ASN A 621 -64.51 -7.23 -22.97
CA ASN A 621 -64.20 -6.77 -24.31
C ASN A 621 -65.37 -6.99 -25.25
N PHE A 622 -66.59 -7.13 -24.69
CA PHE A 622 -67.81 -7.43 -25.44
C PHE A 622 -67.61 -8.69 -26.29
N ASP A 623 -67.10 -9.73 -25.61
CA ASP A 623 -66.60 -10.94 -26.22
C ASP A 623 -66.91 -12.08 -25.26
N ASP A 624 -66.18 -13.19 -25.42
CA ASP A 624 -66.26 -14.30 -24.47
C ASP A 624 -65.91 -13.90 -23.05
N TYR A 625 -65.11 -12.85 -22.87
CA TYR A 625 -64.58 -12.49 -21.56
C TYR A 625 -65.35 -11.30 -20.98
N ASN A 626 -66.00 -11.52 -19.84
CA ASN A 626 -66.67 -10.45 -19.10
C ASN A 626 -66.74 -10.89 -17.64
N ASN A 627 -65.97 -10.22 -16.79
CA ASN A 627 -65.88 -10.60 -15.38
C ASN A 627 -66.41 -9.48 -14.48
N TYR A 628 -67.22 -8.59 -15.03
CA TYR A 628 -67.71 -7.47 -14.25
C TYR A 628 -68.74 -7.93 -13.23
N PRO A 629 -68.68 -7.42 -12.00
CA PRO A 629 -69.73 -7.73 -11.02
C PRO A 629 -71.10 -7.26 -11.46
N SER A 630 -71.16 -6.13 -12.17
CA SER A 630 -72.41 -5.60 -12.69
C SER A 630 -72.48 -5.85 -14.19
N THR A 631 -73.60 -5.49 -14.79
CA THR A 631 -73.78 -5.54 -16.23
C THR A 631 -74.02 -4.14 -16.75
N TRP A 632 -73.54 -3.89 -17.98
CA TRP A 632 -73.66 -2.57 -18.57
C TRP A 632 -75.07 -2.39 -19.14
N SER A 633 -75.33 -1.20 -19.68
CA SER A 633 -76.60 -0.89 -20.30
C SER A 633 -76.37 -0.40 -21.72
N ASN A 634 -77.32 -0.74 -22.60
CA ASN A 634 -77.28 -0.41 -24.03
C ASN A 634 -75.98 -0.94 -24.65
N VAL A 635 -75.80 -2.25 -24.51
CA VAL A 635 -74.65 -2.93 -25.11
C VAL A 635 -75.15 -3.65 -26.35
N ASN A 636 -74.61 -3.26 -27.50
CA ASN A 636 -74.95 -3.87 -28.78
C ASN A 636 -73.69 -4.54 -29.31
N THR A 637 -73.47 -5.79 -28.90
CA THR A 637 -72.32 -6.56 -29.33
C THR A 637 -72.53 -7.19 -30.70
N THR A 638 -73.71 -7.02 -31.29
CA THR A 638 -73.99 -7.49 -32.65
C THR A 638 -73.30 -6.54 -33.64
N ASN A 639 -71.98 -6.69 -33.72
CA ASN A 639 -71.15 -5.82 -34.51
C ASN A 639 -69.85 -6.57 -34.79
N GLN A 640 -69.08 -6.07 -35.77
CA GLN A 640 -67.86 -6.75 -36.14
C GLN A 640 -66.65 -5.85 -36.33
N ASP A 641 -66.79 -4.53 -36.23
CA ASP A 641 -65.61 -3.66 -36.32
C ASP A 641 -65.05 -3.35 -34.94
N GLY A 642 -64.80 -4.41 -34.16
CA GLY A 642 -64.23 -4.28 -32.84
C GLY A 642 -62.73 -4.51 -32.83
N LEU A 643 -62.10 -4.07 -31.73
CA LEU A 643 -60.67 -4.28 -31.55
C LEU A 643 -60.36 -5.76 -31.44
N GLN A 644 -61.19 -6.50 -30.71
CA GLN A 644 -61.12 -7.96 -30.63
C GLN A 644 -62.48 -8.48 -31.09
N GLY A 645 -62.65 -8.62 -32.40
CA GLY A 645 -63.91 -9.17 -32.89
C GLY A 645 -65.03 -8.15 -32.91
N SER A 646 -65.96 -8.28 -31.96
CA SER A 646 -67.15 -7.45 -31.92
C SER A 646 -66.88 -6.12 -31.23
N ALA A 647 -67.79 -5.17 -31.46
CA ALA A 647 -67.72 -3.86 -30.83
C ALA A 647 -69.07 -3.56 -30.19
N ASN A 648 -69.05 -2.70 -29.17
CA ASN A 648 -70.26 -2.21 -28.54
C ASN A 648 -70.76 -1.00 -29.30
N LYS A 649 -71.85 -1.17 -30.03
CA LYS A 649 -72.53 -0.04 -30.63
C LYS A 649 -73.25 0.75 -29.56
N LEU A 650 -73.07 2.07 -29.58
CA LEU A 650 -73.78 2.94 -28.67
C LEU A 650 -74.98 3.53 -29.39
N ASN A 651 -76.05 3.77 -28.64
CA ASN A 651 -77.19 4.52 -29.12
C ASN A 651 -77.43 5.76 -28.27
N GLY A 652 -77.47 5.60 -26.95
CA GLY A 652 -77.66 6.68 -26.01
C GLY A 652 -76.74 6.53 -24.82
N GLU A 653 -77.33 6.51 -23.62
CA GLU A 653 -76.55 6.32 -22.41
C GLU A 653 -76.03 4.90 -22.31
N THR A 654 -74.99 4.74 -21.50
CA THR A 654 -74.51 3.43 -21.07
C THR A 654 -74.17 3.56 -19.59
N LYS A 655 -74.82 2.72 -18.79
CA LYS A 655 -74.85 2.88 -17.34
C LYS A 655 -74.25 1.65 -16.69
N ILE A 656 -73.44 1.85 -15.66
CA ILE A 656 -73.09 0.77 -14.76
C ILE A 656 -73.04 1.31 -13.34
N LYS A 657 -73.74 0.63 -12.45
CA LYS A 657 -73.76 0.92 -11.02
C LYS A 657 -73.04 -0.25 -10.39
N ILE A 658 -71.71 -0.16 -10.32
CA ILE A 658 -70.89 -1.21 -9.76
C ILE A 658 -70.79 -0.97 -8.25
N PRO A 659 -71.24 -1.90 -7.42
CA PRO A 659 -71.40 -1.61 -5.99
C PRO A 659 -70.09 -1.63 -5.23
N MET A 660 -70.17 -1.08 -4.01
CA MET A 660 -69.00 -0.84 -3.19
C MET A 660 -68.33 -2.11 -2.71
N SER A 661 -69.10 -3.18 -2.47
CA SER A 661 -68.58 -4.36 -1.80
C SER A 661 -67.51 -5.09 -2.60
N GLU A 662 -67.58 -5.03 -3.93
CA GLU A 662 -66.58 -5.64 -4.79
C GLU A 662 -65.37 -4.75 -5.02
N LEU A 663 -65.34 -3.58 -4.39
CA LEU A 663 -64.25 -2.64 -4.57
C LEU A 663 -63.56 -2.43 -3.24
N LYS A 664 -62.23 -2.49 -3.26
CA LYS A 664 -61.47 -2.36 -2.03
C LYS A 664 -61.50 -0.91 -1.55
N PRO A 665 -61.69 -0.68 -0.25
CA PRO A 665 -61.90 0.69 0.24
C PRO A 665 -60.61 1.48 0.39
N TYR A 666 -60.75 2.80 0.25
CA TYR A 666 -59.65 3.77 0.34
C TYR A 666 -58.52 3.42 -0.62
N LYS A 667 -58.90 3.11 -1.85
CA LYS A 667 -57.97 2.68 -2.88
C LYS A 667 -58.05 3.66 -4.04
N ARG A 668 -57.28 3.36 -5.08
CA ARG A 668 -57.24 4.13 -6.31
C ARG A 668 -57.48 3.19 -7.47
N TYR A 669 -58.43 3.52 -8.34
CA TYR A 669 -58.78 2.66 -9.46
C TYR A 669 -58.86 3.50 -10.72
N VAL A 670 -58.64 2.83 -11.86
CA VAL A 670 -58.68 3.47 -13.17
C VAL A 670 -59.57 2.65 -14.09
N PHE A 671 -60.56 3.30 -14.67
CA PHE A 671 -61.38 2.70 -15.72
C PHE A 671 -60.80 3.11 -17.08
N SER A 672 -60.38 2.12 -17.86
CA SER A 672 -59.79 2.34 -19.17
C SER A 672 -60.65 1.68 -20.23
N GLY A 673 -60.52 2.16 -21.46
CA GLY A 673 -61.28 1.60 -22.56
C GLY A 673 -60.78 2.08 -23.89
N TYR A 674 -61.40 1.56 -24.94
CA TYR A 674 -61.13 1.97 -26.31
C TYR A 674 -62.41 2.45 -26.97
N SER A 675 -62.33 3.59 -27.65
CA SER A 675 -63.46 4.13 -28.38
C SER A 675 -63.05 4.40 -29.82
N LYS A 676 -63.99 4.19 -30.74
CA LYS A 676 -63.75 4.39 -32.16
C LYS A 676 -64.97 5.03 -32.79
N ASP A 677 -64.76 6.03 -33.63
CA ASP A 677 -65.87 6.64 -34.34
C ASP A 677 -65.48 6.91 -35.79
N PRO A 678 -66.04 6.16 -36.75
CA PRO A 678 -65.63 6.29 -38.16
C PRO A 678 -66.22 7.50 -38.89
N LEU A 679 -66.17 8.66 -38.23
CA LEU A 679 -66.53 9.93 -38.84
C LEU A 679 -65.79 11.04 -38.11
N THR A 680 -66.21 12.28 -38.34
CA THR A 680 -65.35 13.44 -38.03
C THR A 680 -65.32 13.78 -36.54
N SER A 681 -66.45 14.21 -35.97
CA SER A 681 -66.37 14.91 -34.69
C SER A 681 -67.52 14.58 -33.74
N ASN A 682 -68.12 13.40 -33.86
CA ASN A 682 -69.14 13.00 -32.89
C ASN A 682 -68.46 12.51 -31.62
N SER A 683 -68.77 13.15 -30.50
CA SER A 683 -68.05 12.95 -29.25
C SER A 683 -68.93 12.23 -28.24
N ILE A 684 -68.34 11.95 -27.08
CA ILE A 684 -69.04 11.33 -25.95
C ILE A 684 -68.66 12.11 -24.70
N ILE A 685 -69.45 11.92 -23.65
CA ILE A 685 -69.09 12.43 -22.33
C ILE A 685 -69.17 11.27 -21.34
N VAL A 686 -68.26 11.26 -20.37
CA VAL A 686 -68.23 10.23 -19.35
C VAL A 686 -68.38 10.88 -17.99
N LYS A 687 -68.82 10.09 -17.01
CA LYS A 687 -69.00 10.58 -15.65
C LYS A 687 -68.76 9.44 -14.70
N ILE A 688 -67.86 9.65 -13.75
CA ILE A 688 -67.60 8.68 -12.69
C ILE A 688 -68.05 9.31 -11.38
N LYS A 689 -69.12 8.77 -10.81
CA LYS A 689 -69.69 9.28 -9.56
C LYS A 689 -69.23 8.41 -8.41
N ALA A 690 -68.50 9.03 -7.49
CA ALA A 690 -68.04 8.46 -6.24
C ALA A 690 -67.95 9.62 -5.25
N LYS A 691 -67.19 9.45 -4.17
CA LYS A 691 -66.94 10.59 -3.29
C LYS A 691 -66.08 11.65 -3.98
N GLU A 692 -65.22 11.25 -4.91
CA GLU A 692 -64.52 12.18 -5.80
C GLU A 692 -65.06 11.92 -7.20
N GLU A 693 -66.17 12.58 -7.53
CA GLU A 693 -66.80 12.40 -8.82
C GLU A 693 -66.17 13.32 -9.87
N LYS A 694 -66.36 12.95 -11.13
CA LYS A 694 -65.82 13.75 -12.23
C LYS A 694 -66.65 13.52 -13.48
N THR A 695 -66.61 14.51 -14.37
CA THR A 695 -67.26 14.45 -15.67
C THR A 695 -66.27 14.93 -16.72
N ASP A 696 -66.16 14.19 -17.82
CA ASP A 696 -65.14 14.46 -18.82
C ASP A 696 -65.75 14.39 -20.21
N TYR A 697 -65.11 15.11 -21.13
CA TYR A 697 -65.52 15.19 -22.53
C TYR A 697 -64.47 14.49 -23.38
N LEU A 698 -64.89 13.46 -24.12
CA LEU A 698 -63.95 12.71 -24.96
C LEU A 698 -64.39 12.78 -26.40
N VAL A 699 -63.52 13.30 -27.25
CA VAL A 699 -63.70 13.25 -28.70
C VAL A 699 -62.99 12.01 -29.23
N PRO A 700 -63.70 11.07 -29.84
CA PRO A 700 -63.01 9.96 -30.51
C PRO A 700 -62.63 10.34 -31.93
N GLU A 701 -61.86 9.46 -32.58
CA GLU A 701 -61.37 9.72 -33.94
C GLU A 701 -61.64 8.52 -34.83
N GLN A 702 -61.05 8.54 -36.04
CA GLN A 702 -61.27 7.50 -37.03
C GLN A 702 -60.82 6.13 -36.52
N GLY A 703 -59.69 6.07 -35.81
CA GLY A 703 -59.21 4.83 -35.26
C GLY A 703 -59.59 4.64 -33.79
N TYR A 704 -59.10 3.54 -33.23
CA TYR A 704 -59.33 3.22 -31.82
C TYR A 704 -58.44 4.11 -30.95
N THR A 705 -59.03 4.75 -29.95
CA THR A 705 -58.27 5.52 -28.99
C THR A 705 -58.49 4.95 -27.59
N LYS A 706 -57.39 4.84 -26.85
CA LYS A 706 -57.42 4.39 -25.46
C LYS A 706 -57.62 5.58 -24.54
N PHE A 707 -58.56 5.45 -23.62
CA PHE A 707 -58.83 6.47 -22.62
C PHE A 707 -58.78 5.82 -21.25
N SER A 708 -58.41 6.62 -20.25
CA SER A 708 -58.30 6.16 -18.88
C SER A 708 -58.76 7.27 -17.95
N TYR A 709 -59.56 6.91 -16.94
CA TYR A 709 -60.07 7.88 -15.98
C TYR A 709 -59.93 7.30 -14.58
N GLU A 710 -59.36 8.11 -13.68
CA GLU A 710 -59.07 7.69 -12.33
C GLU A 710 -60.20 8.08 -11.38
N PHE A 711 -60.39 7.26 -10.36
CA PHE A 711 -61.30 7.56 -9.26
C PHE A 711 -60.78 6.89 -8.01
N GLU A 712 -61.23 7.39 -6.86
CA GLU A 712 -60.77 6.91 -5.57
C GLU A 712 -61.92 6.30 -4.80
N THR A 713 -61.67 5.15 -4.19
CA THR A 713 -62.59 4.55 -3.24
C THR A 713 -62.36 5.19 -1.87
N THR A 714 -63.35 5.06 -1.00
CA THR A 714 -63.26 5.52 0.38
C THR A 714 -63.78 4.40 1.27
N GLU A 715 -64.06 4.73 2.53
CA GLU A 715 -64.50 3.74 3.49
C GLU A 715 -65.89 3.20 3.10
N LYS A 716 -66.23 2.05 3.68
CA LYS A 716 -67.26 1.16 3.14
C LYS A 716 -68.68 1.74 3.21
N ASP A 717 -69.00 2.57 4.21
CA ASP A 717 -70.38 2.98 4.43
C ASP A 717 -70.80 4.16 3.55
N SER A 718 -70.12 4.38 2.44
CA SER A 718 -70.49 5.38 1.46
C SER A 718 -71.37 4.74 0.39
N SER A 719 -71.72 5.52 -0.62
CA SER A 719 -72.60 5.04 -1.69
C SER A 719 -71.80 4.15 -2.64
N ASN A 720 -72.47 3.61 -3.65
CA ASN A 720 -71.79 2.75 -4.60
C ASN A 720 -71.19 3.54 -5.75
N ILE A 721 -70.56 2.83 -6.67
CA ILE A 721 -69.76 3.44 -7.72
C ILE A 721 -70.61 3.54 -8.98
N GLU A 722 -70.68 4.73 -9.56
CA GLU A 722 -71.40 4.96 -10.80
C GLU A 722 -70.43 5.27 -11.92
N ILE A 723 -70.60 4.63 -13.08
CA ILE A 723 -69.95 5.07 -14.30
C ILE A 723 -71.02 5.19 -15.37
N THR A 724 -71.26 6.41 -15.82
CA THR A 724 -72.22 6.70 -16.88
C THR A 724 -71.43 7.22 -18.07
N LEU A 725 -71.92 6.93 -19.28
CA LEU A 725 -71.32 7.54 -20.45
C LEU A 725 -72.39 7.80 -21.49
N ILE A 726 -72.50 9.05 -21.92
CA ILE A 726 -73.47 9.47 -22.91
C ILE A 726 -72.76 9.52 -24.26
N GLY A 727 -73.19 8.66 -25.17
CA GLY A 727 -72.79 8.72 -26.56
C GLY A 727 -73.81 9.45 -27.40
N SER A 728 -73.63 9.35 -28.72
CA SER A 728 -74.55 9.99 -29.65
C SER A 728 -74.89 9.05 -30.79
N GLY A 729 -74.93 7.75 -30.52
CA GLY A 729 -75.47 6.80 -31.46
C GLY A 729 -74.50 6.23 -32.48
N THR A 730 -73.25 6.69 -32.49
CA THR A 730 -72.35 6.27 -33.56
C THR A 730 -71.03 5.73 -32.99
N THR A 731 -70.61 6.27 -31.86
CA THR A 731 -69.34 5.85 -31.24
C THR A 731 -69.41 4.40 -30.77
N TYR A 732 -68.30 3.69 -30.93
CA TYR A 732 -68.20 2.28 -30.63
C TYR A 732 -67.20 2.07 -29.50
N LEU A 733 -67.54 1.18 -28.57
CA LEU A 733 -66.71 0.92 -27.41
C LEU A 733 -66.19 -0.52 -27.46
N ASP A 734 -64.95 -0.69 -27.01
CA ASP A 734 -64.34 -2.02 -26.94
C ASP A 734 -63.26 -2.00 -25.88
N ASN A 735 -63.05 -3.17 -25.27
CA ASN A 735 -61.97 -3.43 -24.31
C ASN A 735 -62.03 -2.49 -23.11
N LEU A 736 -63.14 -2.58 -22.38
CA LEU A 736 -63.39 -1.77 -21.20
C LEU A 736 -62.96 -2.54 -19.95
N SER A 737 -61.98 -1.99 -19.24
CA SER A 737 -61.39 -2.65 -18.08
C SER A 737 -61.28 -1.66 -16.93
N ILE A 738 -61.15 -2.20 -15.73
CA ILE A 738 -60.93 -1.43 -14.51
C ILE A 738 -59.76 -2.07 -13.77
N THR A 739 -58.74 -1.28 -13.49
CA THR A 739 -57.57 -1.74 -12.76
C THR A 739 -57.45 -0.98 -11.45
N GLU A 740 -56.68 -1.55 -10.52
CA GLU A 740 -56.34 -0.89 -9.27
C GLU A 740 -54.91 -0.40 -9.33
N LEU A 741 -54.59 0.62 -8.55
CA LEU A 741 -53.23 1.14 -8.49
C LEU A 741 -52.62 1.03 -7.10
N ASN A 742 -53.24 1.65 -6.11
CA ASN A 742 -52.69 1.74 -4.76
C ASN A 742 -53.80 2.16 -3.82
N SER A 743 -53.41 2.54 -2.60
CA SER A 743 -54.33 3.04 -1.59
C SER A 743 -54.06 4.51 -1.32
N THR A 744 -55.10 5.25 -1.04
CA THR A 744 -54.93 6.60 -0.57
C THR A 744 -54.81 6.61 0.95
N PRO A 745 -54.02 7.53 1.52
CA PRO A 745 -53.93 7.61 2.98
C PRO A 745 -55.17 8.28 3.57
N GLU A 746 -55.81 7.58 4.49
CA GLU A 746 -57.00 8.10 5.15
C GLU A 746 -56.60 9.09 6.24
N ILE A 747 -57.48 10.06 6.48
CA ILE A 747 -57.29 10.97 7.60
C ILE A 747 -57.68 10.25 8.88
N LEU A 748 -56.76 10.19 9.84
CA LEU A 748 -56.97 9.38 11.03
C LEU A 748 -56.34 10.03 12.26
N ASP B 218 2.79 -15.46 -38.90
CA ASP B 218 3.15 -16.86 -39.02
C ASP B 218 4.18 -17.25 -37.97
N LEU B 219 4.85 -16.24 -37.43
CA LEU B 219 5.91 -16.44 -36.45
C LEU B 219 5.37 -16.20 -35.04
N ASP B 220 5.32 -17.26 -34.24
CA ASP B 220 4.84 -17.19 -32.88
C ASP B 220 5.99 -16.86 -31.94
N THR B 221 5.74 -15.93 -31.02
CA THR B 221 6.72 -15.57 -30.01
C THR B 221 6.29 -15.93 -28.61
N ASP B 222 5.09 -15.52 -28.20
CA ASP B 222 4.62 -15.75 -26.84
C ASP B 222 3.88 -17.07 -26.76
N ASN B 223 3.23 -17.33 -25.62
CA ASN B 223 2.36 -18.49 -25.48
C ASN B 223 0.93 -18.14 -25.86
N ASP B 224 0.77 -17.57 -27.04
CA ASP B 224 -0.51 -17.18 -27.58
C ASP B 224 -0.58 -17.64 -29.03
N ASN B 225 -1.78 -17.95 -29.50
CA ASN B 225 -1.90 -18.38 -30.89
C ASN B 225 -1.68 -17.24 -31.87
N ILE B 226 -1.66 -16.00 -31.38
CA ILE B 226 -1.45 -14.83 -32.25
C ILE B 226 0.04 -14.72 -32.57
N PRO B 227 0.43 -14.74 -33.84
CA PRO B 227 1.85 -14.66 -34.19
C PRO B 227 2.39 -13.25 -34.02
N ASP B 228 3.73 -13.15 -34.00
CA ASP B 228 4.43 -11.87 -33.92
C ASP B 228 4.02 -10.94 -35.06
N SER B 229 3.86 -11.49 -36.27
CA SER B 229 3.37 -10.70 -37.39
C SER B 229 1.94 -10.21 -37.17
N TYR B 230 1.18 -10.85 -36.27
CA TYR B 230 -0.16 -10.41 -35.96
C TYR B 230 -0.27 -9.81 -34.55
N GLU B 231 0.68 -10.13 -33.67
CA GLU B 231 0.74 -9.48 -32.37
C GLU B 231 0.98 -7.99 -32.49
N ARG B 232 1.64 -7.56 -33.56
CA ARG B 232 1.76 -6.15 -33.92
C ARG B 232 1.02 -5.92 -35.24
N ASN B 233 0.85 -4.66 -35.60
CA ASN B 233 0.62 -4.09 -36.94
C ASN B 233 -0.66 -4.54 -37.64
N GLY B 234 -1.41 -5.49 -37.09
CA GLY B 234 -2.67 -5.93 -37.66
C GLY B 234 -3.25 -6.98 -36.74
N TYR B 235 -4.49 -6.79 -36.31
CA TYR B 235 -4.94 -7.49 -35.11
C TYR B 235 -6.48 -7.54 -35.14
N THR B 236 -7.02 -8.68 -35.53
CA THR B 236 -8.47 -8.83 -35.65
C THR B 236 -8.86 -10.20 -35.12
N ILE B 237 -9.86 -10.25 -34.24
CA ILE B 237 -10.35 -11.51 -33.71
C ILE B 237 -11.72 -11.78 -34.29
N LYS B 238 -11.81 -12.81 -35.12
CA LYS B 238 -13.09 -13.32 -35.59
C LYS B 238 -13.13 -14.78 -35.22
N ASP B 239 -14.28 -15.21 -34.69
CA ASP B 239 -14.62 -16.55 -34.20
C ASP B 239 -13.43 -17.30 -33.57
N LEU B 240 -12.78 -16.62 -32.62
CA LEU B 240 -11.69 -17.16 -31.79
C LEU B 240 -10.45 -17.52 -32.60
N ILE B 241 -10.24 -16.88 -33.75
CA ILE B 241 -8.95 -16.88 -34.42
C ILE B 241 -8.59 -15.44 -34.77
N ALA B 242 -7.31 -15.23 -35.06
CA ALA B 242 -6.76 -13.91 -35.32
C ALA B 242 -6.38 -13.80 -36.79
N VAL B 243 -6.98 -12.82 -37.47
CA VAL B 243 -6.67 -12.48 -38.85
C VAL B 243 -6.31 -11.01 -38.84
N LYS B 244 -5.47 -10.60 -39.79
CA LYS B 244 -4.96 -9.24 -39.88
C LYS B 244 -6.10 -8.24 -40.15
N TRP B 245 -5.78 -6.96 -40.09
CA TRP B 245 -6.75 -5.89 -40.24
C TRP B 245 -6.57 -5.24 -41.61
N GLU B 246 -7.69 -5.05 -42.33
CA GLU B 246 -7.65 -4.49 -43.66
C GLU B 246 -8.73 -3.45 -43.93
N ASP B 247 -9.40 -2.96 -42.86
CA ASP B 247 -10.46 -1.95 -42.94
C ASP B 247 -11.62 -2.39 -43.84
N SER B 248 -11.85 -3.69 -43.93
CA SER B 248 -12.97 -4.23 -44.69
C SER B 248 -14.21 -4.45 -43.86
N PHE B 249 -14.06 -4.56 -42.54
CA PHE B 249 -15.17 -4.82 -41.63
C PHE B 249 -15.13 -3.92 -40.41
N ALA B 250 -14.57 -2.72 -40.56
CA ALA B 250 -14.50 -1.75 -39.46
C ALA B 250 -15.88 -1.28 -39.02
N GLU B 251 -16.85 -1.28 -39.92
CA GLU B 251 -18.19 -0.80 -39.63
C GLU B 251 -19.18 -1.95 -39.43
N GLN B 252 -18.70 -3.19 -39.42
CA GLN B 252 -19.52 -4.35 -39.10
C GLN B 252 -19.61 -4.56 -37.60
N GLY B 253 -18.81 -3.84 -36.84
CA GLY B 253 -18.67 -4.08 -35.42
C GLY B 253 -17.31 -4.60 -35.01
N TYR B 254 -16.29 -4.37 -35.82
CA TYR B 254 -14.93 -4.79 -35.54
C TYR B 254 -14.00 -3.59 -35.44
N LYS B 255 -13.10 -3.62 -34.48
CA LYS B 255 -12.13 -2.55 -34.27
C LYS B 255 -10.73 -3.12 -34.40
N LYS B 256 -9.79 -2.23 -34.74
CA LYS B 256 -8.38 -2.58 -34.84
C LYS B 256 -7.70 -2.27 -33.52
N TYR B 257 -6.94 -3.22 -33.00
CA TYR B 257 -6.11 -2.98 -31.84
C TYR B 257 -4.69 -3.38 -32.22
N VAL B 258 -3.79 -3.39 -31.23
CA VAL B 258 -2.39 -3.77 -31.42
C VAL B 258 -1.81 -4.09 -30.04
N SER B 259 -0.96 -5.13 -30.00
CA SER B 259 -0.49 -5.66 -28.74
C SER B 259 1.03 -5.75 -28.76
N ASN B 260 1.60 -6.19 -27.64
CA ASN B 260 2.99 -6.61 -27.61
C ASN B 260 3.15 -7.94 -28.32
N TYR B 261 4.39 -8.29 -28.60
CA TYR B 261 4.70 -9.62 -29.07
C TYR B 261 5.69 -10.35 -28.20
N LEU B 262 6.26 -9.68 -27.19
CA LEU B 262 7.13 -10.34 -26.23
C LEU B 262 6.43 -10.70 -24.94
N GLU B 263 5.23 -10.17 -24.71
CA GLU B 263 4.40 -10.60 -23.59
C GLU B 263 2.98 -10.84 -24.07
N SER B 264 2.51 -12.08 -23.87
CA SER B 264 1.11 -12.38 -24.12
C SER B 264 0.20 -11.53 -23.25
N ASN B 265 0.59 -11.34 -21.99
CA ASN B 265 -0.03 -10.32 -21.15
C ASN B 265 0.47 -8.97 -21.65
N THR B 266 -0.23 -8.45 -22.66
CA THR B 266 0.05 -7.13 -23.21
C THR B 266 0.03 -6.05 -22.14
N ALA B 267 -0.89 -6.16 -21.18
CA ALA B 267 -0.88 -5.27 -20.04
C ALA B 267 -0.21 -5.92 -18.86
N GLY B 268 -0.24 -5.28 -17.70
CA GLY B 268 0.14 -5.94 -16.47
C GLY B 268 -0.93 -6.86 -15.92
N ASP B 269 -2.00 -7.04 -16.68
CA ASP B 269 -3.11 -7.88 -16.29
C ASP B 269 -2.67 -9.35 -16.21
N PRO B 270 -3.39 -10.17 -15.43
CA PRO B 270 -3.26 -11.62 -15.60
C PRO B 270 -4.16 -12.11 -16.72
N TYR B 271 -4.04 -11.49 -17.89
CA TYR B 271 -4.92 -11.72 -19.02
C TYR B 271 -4.11 -11.59 -20.30
N THR B 272 -4.02 -12.69 -21.05
CA THR B 272 -3.20 -12.67 -22.25
C THR B 272 -3.89 -11.88 -23.35
N ASP B 273 -3.13 -11.58 -24.39
CA ASP B 273 -3.67 -10.81 -25.51
C ASP B 273 -4.67 -11.64 -26.33
N TYR B 274 -4.56 -12.96 -26.28
CA TYR B 274 -5.49 -13.78 -27.07
C TYR B 274 -6.89 -13.78 -26.48
N GLU B 275 -7.03 -14.25 -25.24
CA GLU B 275 -8.35 -14.52 -24.67
C GLU B 275 -9.13 -13.26 -24.33
N LYS B 276 -8.48 -12.18 -23.92
CA LYS B 276 -9.16 -11.00 -23.42
C LYS B 276 -9.88 -10.21 -24.50
N ALA B 277 -9.51 -10.39 -25.77
CA ALA B 277 -10.13 -9.69 -26.88
C ALA B 277 -11.03 -10.58 -27.71
N SER B 278 -11.12 -11.87 -27.37
CA SER B 278 -11.95 -12.81 -28.11
C SER B 278 -13.30 -13.04 -27.47
N GLY B 279 -13.64 -12.35 -26.38
CA GLY B 279 -14.83 -12.67 -25.63
C GLY B 279 -14.66 -13.84 -24.69
N SER B 280 -13.51 -14.50 -24.71
CA SER B 280 -13.26 -15.69 -23.90
C SER B 280 -12.75 -15.32 -22.51
N PHE B 281 -13.59 -14.61 -21.75
CA PHE B 281 -13.23 -14.15 -20.42
C PHE B 281 -14.53 -13.95 -19.64
N ASP B 282 -14.41 -13.31 -18.48
CA ASP B 282 -15.57 -13.10 -17.61
C ASP B 282 -16.57 -12.16 -18.27
N LYS B 283 -17.82 -12.59 -18.35
CA LYS B 283 -18.85 -11.79 -18.98
C LYS B 283 -19.24 -10.58 -18.14
N ALA B 284 -18.92 -10.56 -16.85
CA ALA B 284 -19.17 -9.40 -16.02
C ALA B 284 -18.07 -8.35 -16.12
N ILE B 285 -16.95 -8.68 -16.76
CA ILE B 285 -15.96 -7.66 -17.12
C ILE B 285 -16.54 -6.76 -18.20
N LYS B 286 -16.35 -5.46 -18.04
CA LYS B 286 -16.79 -4.50 -19.05
C LYS B 286 -16.08 -4.74 -20.37
N THR B 287 -16.82 -4.60 -21.46
CA THR B 287 -16.29 -4.87 -22.80
C THR B 287 -15.25 -3.86 -23.24
N GLU B 288 -15.13 -2.72 -22.54
CA GLU B 288 -14.07 -1.77 -22.83
C GLU B 288 -12.70 -2.31 -22.43
N ALA B 289 -12.65 -3.36 -21.62
CA ALA B 289 -11.40 -4.02 -21.26
C ALA B 289 -10.98 -5.07 -22.28
N ARG B 290 -11.74 -5.23 -23.37
CA ARG B 290 -11.35 -6.18 -24.40
C ARG B 290 -10.12 -5.72 -25.17
N ASP B 291 -9.84 -4.42 -25.14
CA ASP B 291 -8.62 -3.91 -25.75
C ASP B 291 -7.40 -4.42 -24.98
N PRO B 292 -6.42 -5.03 -25.66
CA PRO B 292 -5.26 -5.59 -24.94
C PRO B 292 -4.39 -4.54 -24.24
N LEU B 293 -4.42 -3.30 -24.71
CA LEU B 293 -3.66 -2.22 -24.11
C LEU B 293 -4.33 -1.69 -22.85
N VAL B 294 -5.63 -1.90 -22.70
CA VAL B 294 -6.39 -1.52 -21.52
C VAL B 294 -6.42 -2.72 -20.58
N ALA B 295 -6.08 -2.50 -19.32
CA ALA B 295 -6.05 -3.57 -18.33
C ALA B 295 -7.37 -3.61 -17.56
N ALA B 296 -7.77 -4.82 -17.16
CA ALA B 296 -8.98 -4.99 -16.36
C ALA B 296 -8.69 -4.65 -14.90
N TYR B 297 -9.45 -3.71 -14.35
CA TYR B 297 -9.13 -3.18 -13.03
C TYR B 297 -10.36 -2.65 -12.31
N PRO B 298 -10.70 -3.22 -11.15
CA PRO B 298 -11.88 -2.75 -10.42
C PRO B 298 -11.59 -1.58 -9.51
N ILE B 299 -12.51 -0.61 -9.45
CA ILE B 299 -12.39 0.51 -8.54
C ILE B 299 -13.70 0.62 -7.76
N VAL B 300 -13.62 0.48 -6.45
CA VAL B 300 -14.78 0.56 -5.58
C VAL B 300 -14.59 1.73 -4.63
N GLY B 301 -15.56 2.64 -4.62
CA GLY B 301 -15.62 3.69 -3.62
C GLY B 301 -16.89 3.55 -2.81
N VAL B 302 -17.00 4.40 -1.80
CA VAL B 302 -18.10 4.33 -0.85
C VAL B 302 -18.91 5.61 -0.92
N GLY B 303 -20.19 5.47 -1.22
CA GLY B 303 -21.12 6.58 -1.23
C GLY B 303 -21.68 6.86 0.16
N MET B 304 -21.82 8.14 0.46
CA MET B 304 -22.47 8.64 1.67
C MET B 304 -23.82 9.24 1.32
N GLU B 305 -24.85 8.84 2.06
CA GLU B 305 -26.20 9.17 1.65
C GLU B 305 -27.00 9.94 2.70
N LYS B 306 -26.92 9.55 3.95
CA LYS B 306 -27.72 10.19 4.98
C LYS B 306 -26.97 10.13 6.31
N LEU B 307 -26.82 11.29 6.94
CA LEU B 307 -26.05 11.42 8.17
C LEU B 307 -27.03 11.57 9.33
N ILE B 308 -26.95 10.66 10.31
CA ILE B 308 -27.79 10.72 11.48
C ILE B 308 -26.92 10.71 12.73
N ILE B 309 -27.07 11.73 13.56
CA ILE B 309 -26.27 11.92 14.76
C ILE B 309 -27.17 11.74 15.97
N SER B 310 -26.88 10.70 16.76
CA SER B 310 -27.66 10.39 17.95
C SER B 310 -26.72 10.31 19.13
N THR B 311 -27.20 10.78 20.29
CA THR B 311 -26.36 10.95 21.46
C THR B 311 -26.35 9.72 22.39
N ASN B 312 -26.67 8.55 21.84
CA ASN B 312 -26.59 7.32 22.60
C ASN B 312 -25.57 6.39 21.95
N GLU B 313 -24.92 5.58 22.79
CA GLU B 313 -23.93 4.61 22.33
C GLU B 313 -24.55 3.28 21.96
N HIS B 314 -25.83 3.07 22.28
CA HIS B 314 -26.50 1.83 21.93
C HIS B 314 -27.00 1.84 20.49
N ALA B 315 -27.88 2.78 20.16
CA ALA B 315 -28.46 2.86 18.83
C ALA B 315 -28.79 4.31 18.48
N GLN B 319 -32.04 6.36 23.56
CA GLN B 319 -32.74 7.53 23.04
C GLN B 319 -32.04 8.82 23.45
N GLY B 320 -32.40 9.92 22.80
CA GLY B 320 -31.79 11.20 23.09
C GLY B 320 -31.98 12.14 21.92
N LYS B 321 -31.32 13.29 22.00
CA LYS B 321 -31.39 14.30 20.94
C LYS B 321 -30.65 13.81 19.70
N THR B 322 -31.36 13.76 18.58
CA THR B 322 -30.83 13.26 17.32
C THR B 322 -31.11 14.28 16.22
N VAL B 323 -30.14 14.44 15.32
CA VAL B 323 -30.32 15.24 14.12
C VAL B 323 -30.07 14.36 12.91
N SER B 324 -30.64 14.75 11.78
CA SER B 324 -30.59 13.95 10.56
C SER B 324 -30.52 14.85 9.36
N ARG B 325 -29.53 14.62 8.49
CA ARG B 325 -29.27 15.48 7.35
C ARG B 325 -29.02 14.64 6.11
N ALA B 326 -29.26 15.26 4.96
CA ALA B 326 -29.11 14.62 3.66
C ALA B 326 -27.75 15.00 3.09
N THR B 327 -26.92 13.99 2.88
CA THR B 327 -25.58 14.17 2.33
C THR B 327 -25.49 13.50 0.97
N THR B 328 -24.75 14.14 0.07
CA THR B 328 -24.44 13.58 -1.24
C THR B 328 -22.93 13.41 -1.32
N ASN B 329 -22.50 12.29 -1.87
CA ASN B 329 -21.08 12.00 -1.99
C ASN B 329 -20.61 12.46 -3.37
N SER B 330 -19.54 13.25 -3.38
CA SER B 330 -18.91 13.66 -4.62
C SER B 330 -17.61 12.89 -4.78
N LYS B 331 -17.48 12.21 -5.92
CA LYS B 331 -16.32 11.39 -6.20
C LYS B 331 -15.13 12.24 -6.63
N THR B 332 -15.32 13.06 -7.66
CA THR B 332 -14.28 13.97 -8.14
C THR B 332 -14.60 15.37 -7.61
N GLU B 333 -14.22 15.60 -6.36
CA GLU B 333 -14.36 16.91 -5.72
C GLU B 333 -13.04 17.45 -5.22
N SER B 334 -12.21 16.62 -4.58
CA SER B 334 -10.90 17.04 -4.14
C SER B 334 -9.89 17.13 -5.28
N ASN B 335 -10.06 16.34 -6.34
CA ASN B 335 -9.22 16.45 -7.51
C ASN B 335 -9.38 17.81 -8.18
N THR B 336 -10.63 18.28 -8.27
CA THR B 336 -10.95 19.56 -8.89
C THR B 336 -11.02 20.71 -7.89
N ALA B 337 -10.67 20.45 -6.63
CA ALA B 337 -10.65 21.49 -5.62
C ALA B 337 -9.51 22.48 -5.79
N GLY B 338 -8.45 22.10 -6.49
CA GLY B 338 -7.28 22.96 -6.64
C GLY B 338 -7.10 23.49 -8.03
N VAL B 339 -8.18 23.82 -8.72
CA VAL B 339 -8.12 24.34 -10.08
C VAL B 339 -8.41 25.83 -10.03
N SER B 340 -7.46 26.62 -10.51
CA SER B 340 -7.63 28.06 -10.66
C SER B 340 -7.49 28.39 -12.14
N VAL B 341 -8.41 29.18 -12.66
CA VAL B 341 -8.57 29.35 -14.09
C VAL B 341 -7.94 30.66 -14.54
N ASN B 342 -7.37 30.64 -15.75
CA ASN B 342 -6.99 31.86 -16.46
C ASN B 342 -8.10 32.20 -17.44
N VAL B 343 -8.36 33.50 -17.60
CA VAL B 343 -9.33 33.93 -18.61
C VAL B 343 -8.82 33.61 -20.01
N GLY B 344 -7.53 33.79 -20.23
CA GLY B 344 -6.91 33.39 -21.47
C GLY B 344 -5.69 32.53 -21.21
N TYR B 345 -5.48 31.56 -22.10
CA TYR B 345 -4.42 30.57 -21.93
C TYR B 345 -3.29 30.91 -22.88
N GLN B 346 -2.06 30.88 -22.36
CA GLN B 346 -0.89 31.04 -23.20
C GLN B 346 -0.79 29.87 -24.18
N ASN B 347 -0.17 30.13 -25.33
CA ASN B 347 0.17 29.14 -26.35
C ASN B 347 -1.13 28.48 -26.82
N GLY B 348 -1.10 27.17 -27.08
CA GLY B 348 -2.26 26.39 -27.44
C GLY B 348 -2.77 25.45 -26.37
N PHE B 349 -2.50 25.72 -25.09
CA PHE B 349 -2.92 24.81 -24.03
C PHE B 349 -4.41 25.00 -23.78
N THR B 350 -5.20 23.95 -24.00
CA THR B 350 -6.64 24.00 -23.81
C THR B 350 -7.07 23.38 -22.48
N ALA B 351 -6.25 23.51 -21.44
CA ALA B 351 -6.52 22.85 -20.17
C ALA B 351 -5.88 23.61 -19.02
N ASN B 352 -6.28 23.25 -17.80
CA ASN B 352 -5.77 23.85 -16.57
C ASN B 352 -5.03 22.82 -15.72
N VAL B 353 -4.53 23.28 -14.59
CA VAL B 353 -3.70 22.50 -13.68
C VAL B 353 -4.38 22.44 -12.33
N THR B 354 -4.52 21.24 -11.78
CA THR B 354 -4.94 21.10 -10.39
C THR B 354 -3.71 20.99 -9.50
N THR B 355 -3.85 21.45 -8.26
CA THR B 355 -2.80 21.23 -7.28
C THR B 355 -2.70 19.75 -6.92
N ASN B 356 -3.84 19.10 -6.70
CA ASN B 356 -3.88 17.72 -6.24
C ASN B 356 -4.75 16.89 -7.17
N TYR B 357 -4.32 15.65 -7.40
CA TYR B 357 -5.06 14.69 -8.19
C TYR B 357 -5.49 13.55 -7.26
N SER B 358 -6.79 13.26 -7.27
CA SER B 358 -7.35 12.18 -6.47
C SER B 358 -8.29 11.36 -7.35
N HIS B 359 -8.45 10.09 -7.00
CA HIS B 359 -9.30 9.19 -7.76
C HIS B 359 -10.71 9.20 -7.14
N THR B 360 -11.58 8.28 -7.58
CA THR B 360 -12.97 8.28 -7.15
C THR B 360 -13.21 7.40 -5.92
N THR B 361 -12.15 6.89 -5.30
CA THR B 361 -12.30 6.06 -4.10
C THR B 361 -12.77 6.86 -2.90
N ASP B 362 -12.16 8.04 -2.67
CA ASP B 362 -12.64 8.93 -1.63
C ASP B 362 -13.90 9.65 -2.10
N ASN B 363 -14.72 10.04 -1.15
CA ASN B 363 -15.89 10.85 -1.44
C ASN B 363 -15.96 12.02 -0.47
N SER B 364 -16.35 13.18 -1.00
CA SER B 364 -16.56 14.37 -0.20
C SER B 364 -18.04 14.51 0.08
N THR B 365 -18.40 14.64 1.36
CA THR B 365 -19.79 14.59 1.79
C THR B 365 -20.33 16.01 1.88
N ALA B 366 -21.32 16.30 1.05
CA ALA B 366 -21.98 17.60 1.07
C ALA B 366 -23.34 17.44 1.70
N VAL B 367 -23.60 18.16 2.78
CA VAL B 367 -24.94 18.22 3.37
C VAL B 367 -25.75 19.24 2.60
N GLN B 368 -26.89 18.82 2.05
CA GLN B 368 -27.74 19.74 1.30
C GLN B 368 -28.81 20.35 2.19
N ASP B 369 -29.62 19.50 2.83
CA ASP B 369 -30.72 19.97 3.66
C ASP B 369 -30.11 20.55 4.94
N SER B 370 -29.96 21.87 4.94
CA SER B 370 -29.36 22.59 6.06
C SER B 370 -29.84 24.04 6.02
N ASN B 371 -30.83 24.34 6.85
CA ASN B 371 -31.24 25.73 7.04
C ASN B 371 -30.20 26.44 7.91
N GLY B 372 -30.23 27.77 7.89
CA GLY B 372 -29.31 28.52 8.72
C GLY B 372 -29.56 28.29 10.19
N GLU B 373 -28.73 27.41 10.77
CA GLU B 373 -28.86 26.95 12.15
C GLU B 373 -27.64 26.12 12.50
N SER B 374 -27.08 26.31 13.68
CA SER B 374 -25.96 25.50 14.14
C SER B 374 -26.44 24.08 14.46
N TRP B 375 -25.56 23.11 14.20
CA TRP B 375 -25.78 21.75 14.69
C TRP B 375 -25.78 21.69 16.20
N ASN B 376 -25.05 22.61 16.86
CA ASN B 376 -25.03 22.68 18.31
C ASN B 376 -26.41 23.00 18.87
N THR B 377 -27.21 23.77 18.14
CA THR B 377 -28.60 24.02 18.54
C THR B 377 -29.40 22.71 18.54
N GLY B 378 -29.10 21.81 17.60
CA GLY B 378 -29.79 20.54 17.53
C GLY B 378 -29.34 19.50 18.54
N LEU B 379 -28.24 19.73 19.25
CA LEU B 379 -27.76 18.79 20.26
C LEU B 379 -27.62 19.40 21.65
N SER B 380 -27.31 20.70 21.75
CA SER B 380 -27.24 21.46 23.01
C SER B 380 -26.21 20.85 23.98
N ILE B 381 -24.94 20.91 23.55
CA ILE B 381 -23.82 20.41 24.34
C ILE B 381 -22.93 21.59 24.71
N ASN B 382 -22.38 21.57 25.93
CA ASN B 382 -21.62 22.71 26.45
C ASN B 382 -20.11 22.57 26.26
N LYS B 383 -19.50 21.59 26.91
CA LYS B 383 -18.06 21.72 27.14
C LYS B 383 -17.16 20.68 26.47
N GLY B 384 -17.30 19.41 26.82
CA GLY B 384 -16.35 18.43 26.31
C GLY B 384 -16.89 17.20 25.62
N GLU B 385 -18.11 16.80 25.99
CA GLU B 385 -18.70 15.56 25.51
C GLU B 385 -19.30 15.81 24.13
N SER B 386 -19.61 14.74 23.39
CA SER B 386 -20.40 14.85 22.18
C SER B 386 -21.13 13.53 21.93
N ALA B 387 -21.90 13.50 20.85
CA ALA B 387 -22.86 12.45 20.51
C ALA B 387 -22.17 11.25 19.88
N TYR B 388 -22.98 10.38 19.25
CA TYR B 388 -22.49 9.33 18.38
C TYR B 388 -23.02 9.52 16.97
N ILE B 389 -22.50 8.72 16.03
CA ILE B 389 -22.76 8.92 14.60
C ILE B 389 -23.25 7.61 14.00
N ASN B 390 -24.30 7.69 13.20
CA ASN B 390 -24.63 6.64 12.24
C ASN B 390 -24.77 7.28 10.86
N ALA B 391 -24.69 6.46 9.83
CA ALA B 391 -24.55 6.95 8.46
C ALA B 391 -25.39 6.08 7.55
N ASN B 392 -25.61 6.56 6.33
CA ASN B 392 -26.12 5.72 5.26
C ASN B 392 -25.03 5.57 4.21
N VAL B 393 -24.77 4.33 3.83
CA VAL B 393 -23.55 3.94 3.13
C VAL B 393 -23.95 3.10 1.92
N ARG B 394 -23.29 3.37 0.80
CA ARG B 394 -23.41 2.53 -0.39
C ARG B 394 -22.01 2.24 -0.89
N TYR B 395 -21.90 1.27 -1.79
CA TYR B 395 -20.60 0.73 -2.17
C TYR B 395 -20.52 0.61 -3.68
N TYR B 396 -20.16 1.69 -4.36
CA TYR B 396 -20.19 1.68 -5.82
C TYR B 396 -18.90 1.08 -6.35
N ASN B 397 -19.03 0.27 -7.40
CA ASN B 397 -17.89 -0.29 -8.11
C ASN B 397 -17.83 0.38 -9.47
N THR B 398 -16.74 1.10 -9.76
CA THR B 398 -16.63 1.89 -10.97
C THR B 398 -15.32 1.54 -11.69
N GLY B 399 -15.35 0.49 -12.49
CA GLY B 399 -14.17 0.06 -13.22
C GLY B 399 -14.61 -0.88 -14.32
N THR B 400 -13.61 -1.46 -15.00
CA THR B 400 -13.89 -2.53 -15.95
C THR B 400 -13.64 -3.91 -15.35
N ALA B 401 -14.18 -4.20 -14.16
CA ALA B 401 -13.90 -5.48 -13.50
C ALA B 401 -14.86 -5.77 -12.36
N PRO B 402 -15.26 -7.04 -12.16
CA PRO B 402 -15.99 -7.42 -10.93
C PRO B 402 -15.07 -7.96 -9.83
N MET B 403 -15.56 -7.95 -8.60
CA MET B 403 -14.81 -8.45 -7.44
C MET B 403 -15.76 -9.21 -6.52
N TYR B 404 -15.21 -10.22 -5.85
CA TYR B 404 -16.03 -11.19 -5.13
C TYR B 404 -15.92 -11.12 -3.61
N LYS B 405 -14.73 -11.28 -3.04
CA LYS B 405 -14.59 -11.43 -1.59
C LYS B 405 -14.41 -10.06 -0.97
N VAL B 406 -15.50 -9.30 -0.93
CA VAL B 406 -15.46 -7.89 -0.63
C VAL B 406 -15.01 -7.65 0.80
N THR B 407 -13.77 -7.20 0.95
CA THR B 407 -13.20 -6.94 2.28
C THR B 407 -12.64 -5.53 2.29
N PRO B 408 -13.49 -4.53 2.47
CA PRO B 408 -13.04 -3.15 2.41
C PRO B 408 -12.70 -2.56 3.78
N THR B 409 -11.82 -1.57 3.75
CA THR B 409 -11.55 -0.72 4.90
C THR B 409 -11.78 0.72 4.46
N THR B 410 -12.53 1.48 5.26
CA THR B 410 -12.86 2.84 4.88
C THR B 410 -12.73 3.74 6.09
N ASN B 411 -11.98 4.82 5.93
CA ASN B 411 -11.74 5.75 7.01
C ASN B 411 -12.66 6.95 6.89
N LEU B 412 -13.12 7.42 8.05
CA LEU B 412 -13.97 8.60 8.17
C LEU B 412 -13.05 9.79 8.38
N VAL B 413 -12.38 10.21 7.30
CA VAL B 413 -11.38 11.26 7.37
C VAL B 413 -12.08 12.60 7.33
N LEU B 414 -12.34 13.17 8.50
CA LEU B 414 -12.88 14.52 8.64
C LEU B 414 -11.71 15.49 8.55
N ASP B 415 -11.53 16.07 7.36
CA ASP B 415 -10.47 17.02 6.99
C ASP B 415 -9.11 16.68 7.58
N GLY B 416 -8.75 15.40 7.60
CA GLY B 416 -7.46 14.94 8.10
C GLY B 416 -7.53 13.87 9.17
N ASP B 417 -8.46 13.95 10.13
CA ASP B 417 -8.48 12.96 11.20
C ASP B 417 -9.54 11.91 10.91
N THR B 418 -9.18 10.65 11.19
CA THR B 418 -10.09 9.53 10.96
C THR B 418 -10.93 9.30 12.20
N LEU B 419 -12.24 9.49 12.09
CA LEU B 419 -13.10 9.28 13.24
C LEU B 419 -13.28 7.80 13.53
N SER B 420 -13.34 6.98 12.50
CA SER B 420 -13.27 5.54 12.67
C SER B 420 -12.84 4.91 11.34
N THR B 421 -12.29 3.71 11.44
CA THR B 421 -12.05 2.85 10.30
C THR B 421 -13.12 1.77 10.32
N ILE B 422 -14.01 1.80 9.35
CA ILE B 422 -15.10 0.85 9.27
C ILE B 422 -14.77 -0.18 8.21
N LYS B 423 -14.84 -1.45 8.59
CA LYS B 423 -14.60 -2.56 7.69
C LYS B 423 -15.88 -3.35 7.56
N ALA B 424 -16.32 -3.56 6.32
CA ALA B 424 -17.69 -4.02 6.06
C ALA B 424 -17.89 -5.50 6.31
N GLN B 425 -16.83 -6.23 6.66
CA GLN B 425 -16.81 -7.69 6.82
C GLN B 425 -17.23 -8.30 5.49
N GLU B 426 -17.94 -9.42 5.49
CA GLU B 426 -18.51 -10.01 4.28
C GLU B 426 -19.98 -10.33 4.46
N ASN B 427 -20.43 -10.51 5.71
CA ASN B 427 -21.83 -10.80 6.01
C ASN B 427 -22.78 -9.72 5.52
N GLN B 428 -22.34 -8.47 5.50
CA GLN B 428 -23.20 -7.35 5.18
C GLN B 428 -23.10 -6.92 3.72
N ILE B 429 -22.38 -7.66 2.88
CA ILE B 429 -22.12 -7.26 1.50
C ILE B 429 -22.66 -8.27 0.50
N GLY B 430 -22.14 -9.49 0.52
CA GLY B 430 -22.38 -10.46 -0.53
C GLY B 430 -21.14 -10.70 -1.38
N ASN B 431 -21.13 -11.88 -2.01
CA ASN B 431 -19.93 -12.40 -2.67
C ASN B 431 -19.70 -11.82 -4.06
N ASN B 432 -20.30 -10.68 -4.40
CA ASN B 432 -19.98 -10.06 -5.67
C ASN B 432 -20.26 -8.57 -5.61
N LEU B 433 -19.48 -7.82 -6.37
CA LEU B 433 -19.73 -6.40 -6.67
C LEU B 433 -19.35 -6.19 -8.14
N SER B 434 -20.36 -6.27 -9.01
CA SER B 434 -20.15 -6.08 -10.42
C SER B 434 -19.77 -4.62 -10.72
N PRO B 435 -19.02 -4.37 -11.78
CA PRO B 435 -18.69 -2.98 -12.14
C PRO B 435 -19.93 -2.21 -12.51
N GLY B 436 -19.94 -0.92 -12.16
CA GLY B 436 -21.12 -0.11 -12.39
C GLY B 436 -22.24 -0.36 -11.43
N ASP B 437 -21.96 -0.95 -10.27
CA ASP B 437 -23.00 -1.33 -9.32
C ASP B 437 -22.63 -0.92 -7.91
N THR B 438 -23.63 -0.44 -7.17
CA THR B 438 -23.48 -0.23 -5.74
C THR B 438 -23.89 -1.48 -4.98
N TYR B 439 -23.71 -1.46 -3.67
CA TYR B 439 -24.17 -2.58 -2.86
C TYR B 439 -25.70 -2.58 -2.78
N PRO B 440 -26.39 -1.42 -2.64
CA PRO B 440 -27.82 -1.43 -2.96
C PRO B 440 -28.06 -1.37 -4.46
N LYS B 441 -28.52 -2.48 -5.02
CA LYS B 441 -28.75 -2.63 -6.46
C LYS B 441 -29.89 -1.72 -6.87
N LYS B 442 -29.54 -0.67 -7.64
CA LYS B 442 -30.43 0.33 -8.26
C LYS B 442 -31.27 0.96 -7.14
N GLY B 443 -32.60 0.84 -7.16
CA GLY B 443 -33.40 1.52 -6.17
C GLY B 443 -33.60 0.73 -4.89
N LEU B 444 -32.79 1.03 -3.88
CA LEU B 444 -32.89 0.40 -2.58
C LEU B 444 -32.54 1.42 -1.52
N SER B 445 -32.42 0.95 -0.28
CA SER B 445 -31.98 1.82 0.79
C SER B 445 -30.47 1.74 0.96
N PRO B 446 -29.82 2.87 1.23
CA PRO B 446 -28.39 2.82 1.57
C PRO B 446 -28.16 2.14 2.91
N LEU B 447 -27.03 1.46 3.02
CA LEU B 447 -26.74 0.62 4.18
C LEU B 447 -26.39 1.50 5.37
N ALA B 448 -26.99 1.19 6.52
CA ALA B 448 -26.73 1.93 7.74
C ALA B 448 -25.52 1.36 8.47
N LEU B 449 -24.96 2.17 9.36
CA LEU B 449 -23.73 1.79 10.08
C LEU B 449 -24.05 1.27 11.48
N ASN B 450 -24.76 0.14 11.52
CA ASN B 450 -24.96 -0.60 12.75
C ASN B 450 -24.81 -2.10 12.58
N THR B 451 -24.77 -2.61 11.36
CA THR B 451 -24.69 -4.04 11.12
C THR B 451 -23.29 -4.57 11.40
N SER B 457 -18.55 -2.66 13.46
CA SER B 457 -19.89 -3.24 13.50
C SER B 457 -20.70 -2.61 14.62
N ARG B 458 -20.27 -1.45 15.09
CA ARG B 458 -20.92 -0.75 16.19
C ARG B 458 -20.85 0.74 15.91
N LEU B 459 -21.41 1.53 16.83
CA LEU B 459 -21.55 2.97 16.63
C LEU B 459 -20.21 3.69 16.72
N ILE B 460 -20.20 4.94 16.30
CA ILE B 460 -18.97 5.72 16.17
C ILE B 460 -19.05 6.98 17.03
N PRO B 461 -18.04 7.28 17.84
CA PRO B 461 -18.13 8.44 18.74
C PRO B 461 -17.53 9.72 18.17
N ILE B 462 -17.68 10.82 18.92
CA ILE B 462 -17.13 12.12 18.57
C ILE B 462 -16.91 12.91 19.86
N ASN B 463 -15.91 13.79 19.83
CA ASN B 463 -15.61 14.71 20.93
C ASN B 463 -15.82 16.14 20.44
N TYR B 464 -15.98 17.05 21.39
CA TYR B 464 -16.40 18.42 21.08
C TYR B 464 -15.19 19.29 20.70
N ASP B 465 -14.58 18.95 19.56
CA ASP B 465 -13.68 19.87 18.88
C ASP B 465 -14.04 19.95 17.40
N GLN B 466 -14.55 18.84 16.87
CA GLN B 466 -14.88 18.72 15.46
C GLN B 466 -16.30 19.19 15.16
N LEU B 467 -17.06 19.53 16.19
CA LEU B 467 -18.42 20.04 15.99
C LEU B 467 -18.38 21.45 15.43
N LYS B 468 -17.67 22.36 16.11
CA LYS B 468 -17.50 23.70 15.59
C LYS B 468 -16.60 23.72 14.37
N LYS B 469 -15.78 22.68 14.20
CA LYS B 469 -15.05 22.50 12.95
C LYS B 469 -15.99 22.23 11.79
N LEU B 470 -16.87 21.23 11.93
CA LEU B 470 -17.87 20.91 10.92
C LEU B 470 -18.94 21.97 10.75
N ASP B 471 -19.22 22.77 11.77
CA ASP B 471 -20.31 23.73 11.75
C ASP B 471 -20.11 24.82 10.70
N ALA B 472 -18.90 25.39 10.63
CA ALA B 472 -18.67 26.52 9.74
C ALA B 472 -18.30 26.07 8.34
N GLY B 473 -17.14 25.44 8.18
CA GLY B 473 -16.60 25.27 6.84
C GLY B 473 -16.29 23.87 6.36
N LYS B 474 -16.03 22.94 7.27
CA LYS B 474 -15.46 21.66 6.87
C LYS B 474 -16.54 20.63 6.56
N GLN B 475 -16.22 19.74 5.64
CA GLN B 475 -17.07 18.61 5.29
C GLN B 475 -16.34 17.32 5.64
N ILE B 476 -17.10 16.30 6.01
CA ILE B 476 -16.53 14.98 6.27
C ILE B 476 -16.10 14.38 4.95
N LYS B 477 -14.88 13.84 4.90
CA LYS B 477 -14.50 13.03 3.77
C LYS B 477 -14.47 11.56 4.19
N LEU B 478 -14.74 10.69 3.24
CA LEU B 478 -14.89 9.27 3.52
C LEU B 478 -14.15 8.49 2.45
N GLU B 479 -13.04 7.85 2.83
CA GLU B 479 -12.15 7.30 1.82
C GLU B 479 -11.87 5.83 2.07
N THR B 480 -11.96 5.03 1.00
CA THR B 480 -11.56 3.64 1.07
C THR B 480 -10.05 3.54 1.03
N THR B 481 -9.47 2.93 2.05
CA THR B 481 -8.03 2.73 2.10
C THR B 481 -7.60 1.41 1.48
N GLN B 482 -8.09 0.30 2.01
CA GLN B 482 -7.80 -1.01 1.44
C GLN B 482 -9.10 -1.74 1.21
N VAL B 483 -9.23 -2.33 0.02
CA VAL B 483 -10.30 -3.27 -0.28
C VAL B 483 -9.65 -4.57 -0.73
N SER B 484 -9.93 -5.65 -0.04
CA SER B 484 -9.45 -6.96 -0.43
C SER B 484 -10.57 -7.69 -1.15
N GLY B 485 -10.20 -8.58 -2.05
CA GLY B 485 -11.20 -9.33 -2.77
C GLY B 485 -10.56 -10.15 -3.86
N ASN B 486 -11.36 -11.06 -4.41
CA ASN B 486 -10.93 -11.93 -5.47
C ASN B 486 -11.72 -11.64 -6.73
N PHE B 487 -11.13 -12.01 -7.87
CA PHE B 487 -11.83 -12.13 -9.12
C PHE B 487 -12.19 -13.59 -9.31
N GLY B 488 -12.83 -13.90 -10.43
CA GLY B 488 -13.29 -15.25 -10.70
C GLY B 488 -12.58 -15.83 -11.91
N THR B 489 -12.31 -17.13 -11.84
CA THR B 489 -11.70 -17.87 -12.94
C THR B 489 -12.58 -19.05 -13.30
N LYS B 490 -12.77 -19.27 -14.59
CA LYS B 490 -13.39 -20.50 -15.06
C LYS B 490 -12.44 -21.67 -14.84
N ASN B 491 -13.01 -22.83 -14.56
CA ASN B 491 -12.24 -24.07 -14.53
C ASN B 491 -12.16 -24.61 -15.96
N SER B 492 -11.65 -25.83 -16.11
CA SER B 492 -11.50 -26.41 -17.44
C SER B 492 -12.84 -26.83 -18.03
N SER B 493 -13.72 -27.40 -17.20
CA SER B 493 -14.96 -27.98 -17.69
C SER B 493 -16.18 -27.15 -17.33
N GLY B 494 -16.36 -26.83 -16.05
CA GLY B 494 -17.63 -26.32 -15.58
C GLY B 494 -17.73 -24.82 -15.51
N GLN B 495 -17.93 -24.30 -14.29
CA GLN B 495 -18.29 -22.91 -14.11
C GLN B 495 -17.17 -22.15 -13.39
N ILE B 496 -17.44 -20.91 -13.02
CA ILE B 496 -16.40 -20.04 -12.47
C ILE B 496 -16.02 -20.48 -11.06
N VAL B 497 -14.77 -20.25 -10.70
CA VAL B 497 -14.32 -20.31 -9.32
C VAL B 497 -13.60 -19.01 -8.99
N THR B 498 -13.96 -18.42 -7.86
CA THR B 498 -13.33 -17.18 -7.42
C THR B 498 -12.43 -17.42 -6.21
N GLU B 499 -11.96 -18.66 -6.03
CA GLU B 499 -11.27 -19.03 -4.80
C GLU B 499 -9.78 -18.70 -4.88
N GLY B 500 -9.07 -19.25 -5.86
CA GLY B 500 -7.65 -19.03 -5.98
C GLY B 500 -7.29 -17.73 -6.67
N ASN B 501 -7.83 -16.63 -6.17
CA ASN B 501 -7.65 -15.32 -6.80
C ASN B 501 -7.41 -14.28 -5.72
N SER B 502 -6.96 -13.11 -6.16
CA SER B 502 -6.72 -11.99 -5.25
C SER B 502 -6.65 -10.70 -6.04
N TRP B 503 -7.35 -9.67 -5.58
CA TRP B 503 -7.12 -8.31 -6.07
C TRP B 503 -6.15 -7.56 -5.16
N SER B 504 -5.01 -8.19 -4.87
CA SER B 504 -3.94 -7.54 -4.12
C SER B 504 -2.56 -7.81 -4.68
N ASP B 505 -2.39 -8.82 -5.54
CA ASP B 505 -1.09 -9.17 -6.10
C ASP B 505 -0.79 -8.44 -7.39
N TYR B 506 -1.76 -8.30 -8.28
CA TYR B 506 -1.53 -7.73 -9.60
C TYR B 506 -1.98 -6.28 -9.70
N ILE B 507 -2.38 -5.67 -8.58
CA ILE B 507 -2.78 -4.27 -8.57
C ILE B 507 -1.60 -3.38 -8.97
N SER B 508 -0.43 -3.63 -8.38
CA SER B 508 0.74 -2.84 -8.71
C SER B 508 1.27 -3.14 -10.10
N GLN B 509 1.21 -4.40 -10.54
CA GLN B 509 1.67 -4.77 -11.87
C GLN B 509 0.81 -4.12 -12.95
N ILE B 510 -0.50 -4.07 -12.73
CA ILE B 510 -1.38 -3.34 -13.63
C ILE B 510 -1.10 -1.83 -13.53
N ASP B 511 -0.86 -1.34 -12.30
CA ASP B 511 -0.63 0.08 -12.07
C ASP B 511 0.71 0.56 -12.60
N SER B 512 1.63 -0.34 -12.94
CA SER B 512 2.98 0.05 -13.32
C SER B 512 3.17 0.21 -14.82
N ILE B 513 2.31 -0.37 -15.64
CA ILE B 513 2.45 -0.30 -17.09
C ILE B 513 1.43 0.63 -17.71
N SER B 514 0.29 0.83 -17.07
CA SER B 514 -0.82 1.60 -17.63
C SER B 514 -0.81 3.02 -17.10
N ALA B 515 -1.46 3.91 -17.85
CA ALA B 515 -1.69 5.28 -17.44
C ALA B 515 -2.94 5.32 -16.55
N SER B 516 -3.38 6.52 -16.18
CA SER B 516 -4.57 6.66 -15.33
C SER B 516 -5.43 7.78 -15.89
N ILE B 517 -6.62 7.43 -16.36
CA ILE B 517 -7.58 8.41 -16.88
C ILE B 517 -8.87 8.27 -16.10
N ILE B 518 -9.47 9.40 -15.75
CA ILE B 518 -10.80 9.45 -15.14
C ILE B 518 -11.70 10.25 -16.08
N LEU B 519 -12.89 9.71 -16.35
CA LEU B 519 -13.90 10.40 -17.14
C LEU B 519 -15.06 10.72 -16.21
N ASP B 520 -15.48 11.97 -16.21
CA ASP B 520 -16.49 12.47 -15.27
C ASP B 520 -17.63 13.06 -16.07
N THR B 521 -18.58 12.19 -16.43
CA THR B 521 -19.89 12.66 -16.83
C THR B 521 -20.59 13.22 -15.60
N GLU B 522 -21.57 14.10 -15.83
CA GLU B 522 -22.23 14.82 -14.75
C GLU B 522 -23.00 13.92 -13.80
N ASN B 523 -23.27 12.66 -14.16
CA ASN B 523 -23.91 11.74 -13.25
C ASN B 523 -23.34 10.33 -13.24
N GLU B 524 -22.17 10.10 -13.86
CA GLU B 524 -21.46 8.85 -13.67
C GLU B 524 -19.97 9.09 -13.92
N SER B 525 -19.16 8.18 -13.37
CA SER B 525 -17.71 8.29 -13.46
C SER B 525 -17.11 6.99 -13.98
N TYR B 526 -15.98 7.12 -14.66
CA TYR B 526 -15.21 5.99 -15.16
C TYR B 526 -13.75 6.24 -14.83
N GLU B 527 -12.99 5.15 -14.68
CA GLU B 527 -11.55 5.30 -14.50
C GLU B 527 -10.86 4.11 -15.12
N ARG B 528 -9.96 4.39 -16.06
CA ARG B 528 -9.40 3.38 -16.92
C ARG B 528 -7.88 3.48 -16.91
N ARG B 529 -7.26 2.33 -17.16
CA ARG B 529 -5.81 2.18 -17.14
C ARG B 529 -5.37 1.51 -18.43
N VAL B 530 -4.63 2.26 -19.25
CA VAL B 530 -4.22 1.81 -20.58
C VAL B 530 -2.70 1.84 -20.66
N THR B 531 -2.11 0.74 -21.11
CA THR B 531 -0.66 0.65 -21.22
C THR B 531 -0.15 1.57 -22.32
N ALA B 532 1.05 2.11 -22.11
CA ALA B 532 1.69 3.05 -23.02
C ALA B 532 3.00 2.46 -23.50
N LYS B 533 3.81 3.30 -24.15
CA LYS B 533 5.11 2.87 -24.64
C LYS B 533 6.22 3.56 -23.88
N ASN B 534 7.25 2.78 -23.52
CA ASN B 534 8.48 3.33 -22.94
C ASN B 534 9.40 3.72 -24.08
N LEU B 535 9.75 5.01 -24.16
CA LEU B 535 10.47 5.52 -25.32
C LEU B 535 11.98 5.39 -25.15
N GLN B 536 12.52 5.67 -23.96
CA GLN B 536 13.96 5.51 -23.73
C GLN B 536 14.27 4.05 -23.34
N ASP B 537 13.81 3.16 -24.22
CA ASP B 537 14.06 1.74 -24.17
C ASP B 537 13.74 1.18 -25.55
N PRO B 538 14.68 1.23 -26.50
CA PRO B 538 14.44 0.59 -27.80
C PRO B 538 14.34 -0.92 -27.72
N GLU B 539 14.85 -1.53 -26.64
CA GLU B 539 14.55 -2.93 -26.37
C GLU B 539 13.06 -3.14 -26.12
N ASP B 540 12.43 -2.21 -25.39
CA ASP B 540 11.00 -2.26 -25.12
C ASP B 540 10.20 -2.02 -26.39
N LYS B 541 9.38 -2.99 -26.77
CA LYS B 541 8.55 -2.93 -27.98
C LYS B 541 7.10 -3.17 -27.57
N THR B 542 6.39 -2.08 -27.31
CA THR B 542 4.98 -2.09 -26.94
C THR B 542 4.27 -1.02 -27.75
N PRO B 543 2.97 -1.21 -28.00
CA PRO B 543 2.22 -0.23 -28.79
C PRO B 543 2.16 1.15 -28.16
N GLU B 544 2.07 2.16 -29.04
CA GLU B 544 2.05 3.56 -28.66
C GLU B 544 0.79 4.22 -29.23
N LEU B 545 0.10 4.98 -28.39
CA LEU B 545 -1.15 5.63 -28.77
C LEU B 545 -1.16 7.08 -28.33
N THR B 546 -2.13 7.83 -28.84
CA THR B 546 -2.33 9.21 -28.45
C THR B 546 -3.41 9.31 -27.37
N ILE B 547 -3.78 10.55 -27.04
CA ILE B 547 -4.82 10.79 -26.05
C ILE B 547 -6.18 10.32 -26.55
N GLY B 548 -6.54 10.72 -27.78
CA GLY B 548 -7.82 10.33 -28.33
C GLY B 548 -7.91 8.84 -28.60
N GLU B 549 -6.80 8.23 -29.04
CA GLU B 549 -6.75 6.79 -29.22
C GLU B 549 -7.00 6.08 -27.90
N ALA B 550 -6.37 6.55 -26.82
CA ALA B 550 -6.57 5.96 -25.50
C ALA B 550 -8.02 6.12 -25.04
N ILE B 551 -8.61 7.29 -25.27
CA ILE B 551 -9.98 7.54 -24.84
C ILE B 551 -10.94 6.63 -25.61
N GLU B 552 -10.74 6.48 -26.92
CA GLU B 552 -11.59 5.60 -27.72
C GLU B 552 -11.43 4.14 -27.29
N LYS B 553 -10.20 3.70 -27.09
CA LYS B 553 -9.95 2.28 -26.85
C LYS B 553 -10.21 1.91 -25.39
N ALA B 554 -10.35 2.92 -24.52
CA ALA B 554 -10.60 2.67 -23.10
C ALA B 554 -12.05 2.85 -22.75
N PHE B 555 -12.72 3.82 -23.36
CA PHE B 555 -14.11 4.10 -23.03
C PHE B 555 -15.09 3.60 -24.07
N GLY B 556 -14.72 3.63 -25.35
CA GLY B 556 -15.66 3.33 -26.41
C GLY B 556 -16.24 4.61 -26.97
N ALA B 557 -15.88 4.96 -28.20
CA ALA B 557 -16.22 6.26 -28.76
C ALA B 557 -16.81 6.09 -30.15
N THR B 558 -17.73 6.98 -30.50
CA THR B 558 -18.30 7.02 -31.84
C THR B 558 -17.61 8.11 -32.65
N LYS B 559 -17.04 7.75 -33.79
CA LYS B 559 -16.21 8.67 -34.56
C LYS B 559 -17.06 9.41 -35.58
N LYS B 560 -17.33 10.69 -35.32
CA LYS B 560 -17.76 11.60 -36.37
C LYS B 560 -16.53 12.31 -36.91
N ASP B 561 -16.72 13.09 -37.98
CA ASP B 561 -15.62 13.73 -38.70
C ASP B 561 -14.94 14.77 -37.80
N GLY B 562 -13.75 14.44 -37.33
CA GLY B 562 -13.05 15.28 -36.39
C GLY B 562 -13.60 15.26 -34.98
N LEU B 563 -14.66 14.51 -34.73
CA LEU B 563 -15.31 14.48 -33.43
C LEU B 563 -15.28 13.09 -32.85
N LEU B 564 -14.86 13.01 -31.60
CA LEU B 564 -15.05 11.81 -30.81
C LEU B 564 -16.35 11.98 -30.05
N TYR B 565 -17.12 10.91 -29.96
CA TYR B 565 -18.39 10.93 -29.27
C TYR B 565 -18.39 9.90 -28.16
N PHE B 566 -19.11 10.23 -27.09
CA PHE B 566 -19.54 9.25 -26.11
C PHE B 566 -20.82 8.65 -26.66
N ASN B 567 -21.62 7.99 -25.83
CA ASN B 567 -22.92 7.52 -26.28
C ASN B 567 -23.78 8.67 -26.79
N ASP B 568 -23.72 9.82 -26.11
CA ASP B 568 -24.29 11.06 -26.63
C ASP B 568 -23.36 12.26 -26.58
N ILE B 569 -22.45 12.34 -25.62
CA ILE B 569 -21.65 13.54 -25.38
C ILE B 569 -20.58 13.69 -26.45
N PRO B 570 -20.48 14.85 -27.10
CA PRO B 570 -19.30 15.12 -27.93
C PRO B 570 -18.08 15.31 -27.05
N ILE B 571 -17.19 14.32 -27.08
CA ILE B 571 -15.97 14.35 -26.29
C ILE B 571 -14.83 14.83 -27.18
N ASP B 572 -14.22 15.93 -26.78
CA ASP B 572 -13.26 16.61 -27.64
C ASP B 572 -12.38 17.47 -26.74
N GLU B 573 -11.23 17.90 -27.27
CA GLU B 573 -10.39 18.86 -26.57
C GLU B 573 -11.01 20.25 -26.53
N SER B 574 -12.04 20.50 -27.34
CA SER B 574 -12.72 21.78 -27.37
C SER B 574 -14.19 21.66 -26.95
N CYS B 575 -14.59 20.51 -26.39
CA CYS B 575 -15.98 20.32 -26.00
C CYS B 575 -16.17 19.94 -24.54
N VAL B 576 -15.11 19.53 -23.83
CA VAL B 576 -15.19 19.21 -22.42
C VAL B 576 -14.05 19.93 -21.69
N GLU B 577 -13.94 19.67 -20.39
CA GLU B 577 -12.97 20.31 -19.52
C GLU B 577 -11.85 19.31 -19.22
N LEU B 578 -10.60 19.72 -19.41
CA LEU B 578 -9.47 18.82 -19.23
C LEU B 578 -8.63 19.25 -18.03
N ILE B 579 -8.36 18.31 -17.13
CA ILE B 579 -7.62 18.57 -15.90
C ILE B 579 -6.43 17.62 -15.83
N PHE B 580 -5.25 18.17 -15.57
CA PHE B 580 -4.06 17.39 -15.35
C PHE B 580 -3.39 17.86 -14.07
N ASP B 581 -2.67 16.93 -13.44
CA ASP B 581 -1.83 17.29 -12.30
C ASP B 581 -0.55 17.95 -12.80
N ASP B 582 0.38 18.21 -11.86
CA ASP B 582 1.52 19.07 -12.16
C ASP B 582 2.47 18.43 -13.17
N ASN B 583 2.87 17.17 -12.95
CA ASN B 583 3.81 16.52 -13.85
C ASN B 583 3.23 16.35 -15.26
N THR B 584 1.95 15.99 -15.34
CA THR B 584 1.30 15.89 -16.64
C THR B 584 1.22 17.25 -17.31
N ALA B 585 0.99 18.30 -16.53
CA ALA B 585 0.98 19.65 -17.07
C ALA B 585 2.34 20.03 -17.63
N ASN B 586 3.42 19.71 -16.91
CA ASN B 586 4.75 20.05 -17.40
C ASN B 586 5.11 19.28 -18.66
N LYS B 587 4.80 17.98 -18.72
CA LYS B 587 5.16 17.22 -19.91
C LYS B 587 4.30 17.62 -21.10
N ILE B 588 3.03 17.99 -20.86
CA ILE B 588 2.18 18.44 -21.95
C ILE B 588 2.61 19.80 -22.47
N LYS B 589 2.96 20.73 -21.56
CA LYS B 589 3.49 22.01 -21.99
C LYS B 589 4.78 21.86 -22.75
N ASP B 590 5.66 20.95 -22.31
CA ASP B 590 6.87 20.64 -23.06
C ASP B 590 6.54 20.07 -24.44
N SER B 591 5.47 19.28 -24.53
CA SER B 591 5.15 18.60 -25.79
C SER B 591 4.63 19.55 -26.86
N LEU B 592 3.79 20.52 -26.50
CA LEU B 592 3.03 21.23 -27.53
C LEU B 592 3.83 22.20 -28.38
N LYS B 593 5.07 22.52 -28.01
CA LYS B 593 5.87 23.36 -28.89
C LYS B 593 6.27 22.61 -30.15
N THR B 594 6.70 21.34 -30.04
CA THR B 594 7.02 20.59 -31.23
C THR B 594 5.77 20.07 -31.94
N LEU B 595 4.62 20.13 -31.29
CA LEU B 595 3.36 19.95 -32.01
C LEU B 595 3.02 21.19 -32.81
N SER B 596 2.84 21.00 -34.12
CA SER B 596 2.53 22.09 -35.03
C SER B 596 1.04 22.43 -35.04
N ASP B 597 0.22 21.66 -34.35
CA ASP B 597 -1.20 21.91 -34.25
C ASP B 597 -1.62 22.57 -32.94
N LYS B 598 -0.74 22.58 -31.94
CA LYS B 598 -0.99 23.17 -30.62
C LYS B 598 -2.24 22.55 -29.98
N LYS B 599 -2.38 21.24 -30.15
CA LYS B 599 -3.61 20.55 -29.83
C LYS B 599 -3.35 19.49 -28.76
N ILE B 600 -4.23 19.47 -27.75
CA ILE B 600 -3.97 18.68 -26.55
C ILE B 600 -4.07 17.19 -26.84
N TYR B 601 -5.10 16.77 -27.60
CA TYR B 601 -5.36 15.36 -27.82
C TYR B 601 -4.29 14.67 -28.68
N ASN B 602 -3.46 15.43 -29.39
CA ASN B 602 -2.40 14.86 -30.21
C ASN B 602 -1.10 14.78 -29.42
N VAL B 603 -1.17 14.08 -28.28
CA VAL B 603 -0.01 13.81 -27.44
C VAL B 603 0.06 12.31 -27.22
N LYS B 604 1.23 11.73 -27.51
CA LYS B 604 1.43 10.31 -27.31
C LYS B 604 1.35 9.93 -25.83
N LEU B 605 0.91 8.71 -25.56
CA LEU B 605 0.76 8.23 -24.20
C LEU B 605 2.08 7.70 -23.67
N GLU B 606 2.45 8.13 -22.47
CA GLU B 606 3.62 7.60 -21.78
C GLU B 606 3.16 6.98 -20.47
N ARG B 607 4.05 6.19 -19.86
CA ARG B 607 3.68 5.46 -18.67
C ARG B 607 3.60 6.40 -17.47
N GLY B 608 2.39 6.61 -16.97
CA GLY B 608 2.23 7.30 -15.70
C GLY B 608 1.93 8.78 -15.71
N MET B 609 0.87 9.21 -16.40
CA MET B 609 0.31 10.53 -16.15
C MET B 609 -1.10 10.36 -15.61
N ASN B 610 -1.66 11.45 -15.13
CA ASN B 610 -3.04 11.46 -14.62
C ASN B 610 -3.87 12.43 -15.44
N ILE B 611 -4.95 11.92 -16.02
CA ILE B 611 -5.85 12.70 -16.88
C ILE B 611 -7.23 12.68 -16.25
N LEU B 612 -7.88 13.84 -16.19
CA LEU B 612 -9.25 13.94 -15.74
C LEU B 612 -10.07 14.67 -16.79
N ILE B 613 -11.23 14.12 -17.13
CA ILE B 613 -12.14 14.68 -18.12
C ILE B 613 -13.41 15.07 -17.37
N LYS B 614 -13.92 16.27 -17.61
CA LYS B 614 -15.14 16.77 -16.99
C LYS B 614 -16.10 17.21 -18.08
N THR B 615 -17.23 16.54 -18.18
CA THR B 615 -18.22 16.97 -19.17
C THR B 615 -18.93 18.23 -18.65
N PRO B 616 -18.98 19.30 -19.44
CA PRO B 616 -19.74 20.48 -19.01
C PRO B 616 -21.21 20.17 -18.89
N THR B 617 -21.84 20.79 -17.89
CA THR B 617 -23.23 20.49 -17.58
C THR B 617 -24.15 20.85 -18.74
N TYR B 618 -23.95 22.03 -19.32
CA TYR B 618 -24.70 22.43 -20.51
C TYR B 618 -23.70 22.79 -21.59
N PHE B 619 -24.04 22.51 -22.84
CA PHE B 619 -23.11 22.80 -23.93
C PHE B 619 -23.88 23.00 -25.21
N THR B 620 -23.59 24.10 -25.89
CA THR B 620 -24.07 24.35 -27.24
C THR B 620 -22.86 24.69 -28.08
N ASN B 621 -22.96 24.50 -29.39
CA ASN B 621 -21.91 24.91 -30.31
C ASN B 621 -22.48 25.47 -31.59
N PHE B 622 -23.74 25.92 -31.56
CA PHE B 622 -24.47 26.41 -32.73
C PHE B 622 -24.47 25.35 -33.83
N ASP B 623 -24.70 24.11 -33.41
CA ASP B 623 -24.54 22.89 -34.19
C ASP B 623 -25.60 21.91 -33.71
N ASP B 624 -25.37 20.63 -33.97
CA ASP B 624 -26.33 19.58 -33.63
C ASP B 624 -26.59 19.46 -32.13
N TYR B 625 -25.65 19.85 -31.28
CA TYR B 625 -25.78 19.65 -29.85
C TYR B 625 -26.12 20.98 -29.17
N ASN B 626 -27.19 20.97 -28.37
CA ASN B 626 -27.53 22.09 -27.49
C ASN B 626 -28.33 21.54 -26.33
N ASN B 627 -27.68 21.29 -25.20
CA ASN B 627 -28.37 20.83 -24.01
C ASN B 627 -28.55 21.97 -23.02
N TYR B 628 -28.42 23.20 -23.48
CA TYR B 628 -28.74 24.34 -22.64
C TYR B 628 -30.23 24.36 -22.35
N PRO B 629 -30.63 24.45 -21.08
CA PRO B 629 -32.07 24.52 -20.78
C PRO B 629 -32.68 25.82 -21.20
N SER B 630 -31.95 26.91 -21.06
CA SER B 630 -32.39 28.22 -21.53
C SER B 630 -31.72 28.50 -22.86
N THR B 631 -32.30 29.45 -23.61
CA THR B 631 -31.84 29.75 -24.95
C THR B 631 -31.11 31.08 -24.97
N TRP B 632 -30.36 31.31 -26.04
CA TRP B 632 -29.61 32.54 -26.20
C TRP B 632 -30.41 33.52 -27.06
N SER B 633 -29.90 34.75 -27.17
CA SER B 633 -30.54 35.79 -27.96
C SER B 633 -29.55 36.30 -28.99
N ASN B 634 -30.09 36.66 -30.16
CA ASN B 634 -29.32 37.09 -31.32
C ASN B 634 -28.30 36.02 -31.69
N VAL B 635 -28.79 34.82 -31.97
CA VAL B 635 -27.97 33.73 -32.47
C VAL B 635 -28.15 33.70 -33.97
N ASN B 636 -27.08 34.04 -34.68
CA ASN B 636 -27.05 33.96 -36.13
C ASN B 636 -26.04 32.88 -36.50
N THR B 637 -26.50 31.63 -36.49
CA THR B 637 -25.66 30.49 -36.83
C THR B 637 -25.53 30.31 -38.34
N THR B 638 -26.14 31.19 -39.13
CA THR B 638 -26.03 31.15 -40.59
C THR B 638 -24.63 31.62 -40.98
N ASN B 639 -23.67 30.72 -40.80
CA ASN B 639 -22.26 31.03 -40.94
C ASN B 639 -21.53 29.69 -41.03
N GLN B 640 -20.29 29.72 -41.53
CA GLN B 640 -19.51 28.50 -41.61
C GLN B 640 -18.04 28.64 -41.27
N ASP B 641 -17.58 29.78 -40.76
CA ASP B 641 -16.19 29.85 -40.31
C ASP B 641 -16.07 29.53 -38.83
N GLY B 642 -16.68 28.41 -38.43
CA GLY B 642 -16.62 27.94 -37.07
C GLY B 642 -15.57 26.86 -36.89
N LEU B 643 -15.22 26.62 -35.62
CA LEU B 643 -14.28 25.57 -35.31
C LEU B 643 -14.86 24.21 -35.65
N GLN B 644 -16.16 24.02 -35.42
CA GLN B 644 -16.86 22.80 -35.81
C GLN B 644 -17.94 23.22 -36.79
N GLY B 645 -17.59 23.36 -38.06
CA GLY B 645 -18.55 23.74 -39.05
C GLY B 645 -18.99 25.19 -38.92
N SER B 646 -20.21 25.38 -38.43
CA SER B 646 -20.83 26.69 -38.33
C SER B 646 -20.32 27.47 -37.12
N ALA B 647 -20.57 28.78 -37.15
CA ALA B 647 -20.33 29.66 -36.02
C ALA B 647 -21.54 30.57 -35.88
N ASN B 648 -21.66 31.19 -34.70
CA ASN B 648 -22.71 32.16 -34.46
C ASN B 648 -22.21 33.54 -34.86
N LYS B 649 -22.96 34.22 -35.72
CA LYS B 649 -22.67 35.60 -36.02
C LYS B 649 -23.32 36.50 -34.96
N LEU B 650 -22.54 37.44 -34.44
CA LEU B 650 -23.05 38.43 -33.51
C LEU B 650 -23.42 39.69 -34.26
N ASN B 651 -24.45 40.38 -33.78
CA ASN B 651 -24.75 41.74 -34.22
C ASN B 651 -24.73 42.72 -33.07
N GLY B 652 -25.40 42.38 -31.97
CA GLY B 652 -25.46 43.22 -30.79
C GLY B 652 -25.36 42.42 -29.51
N GLU B 653 -26.36 42.59 -28.64
CA GLU B 653 -26.39 41.87 -27.38
C GLU B 653 -26.66 40.38 -27.59
N THR B 654 -26.33 39.61 -26.57
CA THR B 654 -26.70 38.19 -26.50
C THR B 654 -27.01 37.88 -25.04
N LYS B 655 -28.24 37.44 -24.81
CA LYS B 655 -28.79 37.22 -23.48
C LYS B 655 -29.05 35.73 -23.26
N ILE B 656 -28.73 35.25 -22.06
CA ILE B 656 -29.35 34.02 -21.59
C ILE B 656 -29.71 34.23 -20.12
N LYS B 657 -30.93 33.83 -19.76
CA LYS B 657 -31.45 33.95 -18.41
C LYS B 657 -31.79 32.54 -17.96
N ILE B 658 -30.78 31.84 -17.45
CA ILE B 658 -30.92 30.45 -17.04
C ILE B 658 -31.27 30.42 -15.55
N PRO B 659 -32.41 29.88 -15.17
CA PRO B 659 -32.91 30.05 -13.80
C PRO B 659 -32.18 29.19 -12.78
N MET B 660 -32.52 29.46 -11.53
CA MET B 660 -31.92 28.79 -10.38
C MET B 660 -32.19 27.29 -10.35
N SER B 661 -33.40 26.86 -10.72
CA SER B 661 -33.84 25.48 -10.48
C SER B 661 -32.99 24.44 -11.19
N GLU B 662 -32.36 24.80 -12.31
CA GLU B 662 -31.58 23.86 -13.09
C GLU B 662 -30.13 23.76 -12.62
N LEU B 663 -29.77 24.52 -11.58
CA LEU B 663 -28.39 24.64 -11.14
C LEU B 663 -28.27 24.21 -9.69
N LYS B 664 -27.19 23.50 -9.39
CA LYS B 664 -27.00 22.98 -8.04
C LYS B 664 -26.54 24.11 -7.12
N PRO B 665 -27.21 24.31 -5.99
CA PRO B 665 -26.86 25.40 -5.08
C PRO B 665 -25.49 25.20 -4.42
N TYR B 666 -24.86 26.34 -4.13
CA TYR B 666 -23.53 26.41 -3.53
C TYR B 666 -22.50 25.61 -4.31
N LYS B 667 -22.42 25.90 -5.61
CA LYS B 667 -21.51 25.24 -6.52
C LYS B 667 -20.75 26.30 -7.31
N ARG B 668 -19.71 25.84 -8.02
CA ARG B 668 -18.91 26.69 -8.88
C ARG B 668 -19.10 26.26 -10.32
N TYR B 669 -19.39 27.21 -11.20
CA TYR B 669 -19.65 26.91 -12.59
C TYR B 669 -18.84 27.84 -13.47
N VAL B 670 -18.30 27.27 -14.54
CA VAL B 670 -17.47 28.01 -15.49
C VAL B 670 -18.22 28.06 -16.81
N PHE B 671 -18.43 29.27 -17.32
CA PHE B 671 -18.94 29.50 -18.66
C PHE B 671 -17.73 29.75 -19.56
N SER B 672 -17.51 28.85 -20.50
CA SER B 672 -16.37 28.90 -21.40
C SER B 672 -16.85 28.96 -22.84
N GLY B 673 -16.01 29.51 -23.71
CA GLY B 673 -16.39 29.64 -25.10
C GLY B 673 -15.22 29.97 -26.00
N TYR B 674 -15.49 29.86 -27.31
CA TYR B 674 -14.55 30.24 -28.37
C TYR B 674 -15.05 31.48 -29.08
N SER B 675 -14.20 32.50 -29.15
CA SER B 675 -14.49 33.72 -29.90
C SER B 675 -13.40 33.93 -30.94
N LYS B 676 -13.82 34.16 -32.17
CA LYS B 676 -12.89 34.40 -33.27
C LYS B 676 -13.25 35.72 -33.92
N ASP B 677 -12.25 36.51 -34.26
CA ASP B 677 -12.49 37.82 -34.86
C ASP B 677 -11.61 38.02 -36.08
N PRO B 678 -12.17 38.00 -37.29
CA PRO B 678 -11.39 38.34 -38.50
C PRO B 678 -11.15 39.83 -38.64
N LEU B 679 -10.63 40.45 -37.58
CA LEU B 679 -10.44 41.88 -37.49
C LEU B 679 -9.30 42.14 -36.50
N THR B 680 -8.95 43.41 -36.31
CA THR B 680 -7.77 43.73 -35.51
C THR B 680 -8.05 43.69 -34.02
N SER B 681 -8.91 44.61 -33.54
CA SER B 681 -9.08 44.79 -32.10
C SER B 681 -10.54 45.01 -31.73
N ASN B 682 -11.47 44.52 -32.54
CA ASN B 682 -12.89 44.60 -32.18
C ASN B 682 -13.17 43.70 -31.00
N SER B 683 -13.55 44.30 -29.88
CA SER B 683 -13.67 43.59 -28.60
C SER B 683 -15.14 43.39 -28.26
N ILE B 684 -15.37 42.63 -27.19
CA ILE B 684 -16.70 42.39 -26.65
C ILE B 684 -16.62 42.61 -25.14
N ILE B 685 -17.78 42.85 -24.53
CA ILE B 685 -17.85 42.91 -23.07
C ILE B 685 -18.83 41.85 -22.61
N VAL B 686 -18.56 41.24 -21.45
CA VAL B 686 -19.39 40.19 -20.90
C VAL B 686 -19.75 40.58 -19.47
N LYS B 687 -20.88 40.05 -19.01
CA LYS B 687 -21.34 40.27 -17.64
C LYS B 687 -22.06 39.03 -17.17
N ILE B 688 -21.75 38.60 -15.96
CA ILE B 688 -22.45 37.49 -15.31
C ILE B 688 -23.12 38.06 -14.07
N LYS B 689 -24.45 38.17 -14.10
CA LYS B 689 -25.23 38.73 -13.01
C LYS B 689 -25.81 37.60 -12.18
N ALA B 690 -25.37 37.53 -10.93
CA ALA B 690 -25.76 36.54 -9.92
C ALA B 690 -25.62 37.21 -8.56
N LYS B 691 -25.50 36.40 -7.50
CA LYS B 691 -25.16 36.93 -6.19
C LYS B 691 -23.80 37.63 -6.19
N GLU B 692 -22.84 37.12 -6.95
CA GLU B 692 -21.53 37.76 -7.12
C GLU B 692 -21.40 38.06 -8.61
N GLU B 693 -21.92 39.21 -9.02
CA GLU B 693 -21.91 39.60 -10.42
C GLU B 693 -20.54 40.14 -10.82
N LYS B 694 -20.21 40.00 -12.10
CA LYS B 694 -18.91 40.42 -12.59
C LYS B 694 -19.07 40.94 -14.01
N THR B 695 -18.19 41.87 -14.39
CA THR B 695 -18.12 42.41 -15.73
C THR B 695 -16.68 42.32 -16.22
N ASP B 696 -16.50 41.76 -17.42
CA ASP B 696 -15.19 41.56 -17.97
C ASP B 696 -15.17 42.01 -19.42
N TYR B 697 -13.99 42.33 -19.92
CA TYR B 697 -13.81 42.83 -21.27
C TYR B 697 -12.85 41.89 -22.01
N LEU B 698 -13.27 41.40 -23.17
CA LEU B 698 -12.51 40.39 -23.91
C LEU B 698 -12.16 40.91 -25.28
N VAL B 699 -10.87 40.81 -25.63
CA VAL B 699 -10.38 41.17 -26.96
C VAL B 699 -10.11 39.89 -27.75
N PRO B 700 -10.87 39.62 -28.80
CA PRO B 700 -10.52 38.50 -29.69
C PRO B 700 -9.64 38.95 -30.84
N GLU B 701 -9.07 37.98 -31.57
CA GLU B 701 -8.19 38.29 -32.69
C GLU B 701 -8.42 37.29 -33.83
N GLN B 702 -7.48 37.26 -34.79
CA GLN B 702 -7.66 36.50 -36.02
C GLN B 702 -7.81 35.00 -35.76
N GLY B 703 -7.05 34.47 -34.80
CA GLY B 703 -7.20 33.08 -34.41
C GLY B 703 -8.35 32.87 -33.44
N TYR B 704 -8.63 31.60 -33.17
CA TYR B 704 -9.67 31.24 -32.22
C TYR B 704 -9.17 31.51 -30.80
N THR B 705 -10.03 32.10 -29.98
CA THR B 705 -9.68 32.50 -28.61
C THR B 705 -10.58 31.77 -27.62
N LYS B 706 -9.98 31.26 -26.54
CA LYS B 706 -10.72 30.59 -25.49
C LYS B 706 -10.91 31.53 -24.31
N PHE B 707 -12.14 31.61 -23.80
CA PHE B 707 -12.41 32.39 -22.61
C PHE B 707 -13.22 31.56 -21.62
N SER B 708 -13.04 31.87 -20.33
CA SER B 708 -13.74 31.18 -19.27
C SER B 708 -14.02 32.17 -18.15
N TYR B 709 -15.22 32.09 -17.58
CA TYR B 709 -15.64 32.99 -16.51
C TYR B 709 -16.37 32.21 -15.44
N GLU B 710 -16.02 32.45 -14.18
CA GLU B 710 -16.52 31.71 -13.04
C GLU B 710 -17.66 32.44 -12.34
N PHE B 711 -18.68 31.67 -11.97
CA PHE B 711 -19.76 32.18 -11.14
C PHE B 711 -20.20 31.12 -10.14
N GLU B 712 -20.50 31.58 -8.95
CA GLU B 712 -20.73 30.73 -7.79
C GLU B 712 -22.20 30.80 -7.40
N THR B 713 -22.79 29.63 -7.15
CA THR B 713 -24.23 29.51 -6.94
C THR B 713 -24.58 29.70 -5.46
N THR B 714 -25.86 29.96 -5.21
CA THR B 714 -26.31 30.43 -3.90
C THR B 714 -27.54 29.62 -3.49
N GLU B 715 -28.30 30.14 -2.52
CA GLU B 715 -29.48 29.46 -2.02
C GLU B 715 -30.55 29.33 -3.10
N LYS B 716 -31.56 28.51 -2.79
CA LYS B 716 -32.65 28.25 -3.73
C LYS B 716 -33.59 29.43 -3.92
N ASP B 717 -33.77 30.27 -2.90
CA ASP B 717 -34.80 31.32 -2.93
C ASP B 717 -34.31 32.59 -3.60
N SER B 718 -33.44 32.47 -4.61
CA SER B 718 -32.88 33.60 -5.33
C SER B 718 -33.53 33.71 -6.71
N SER B 719 -33.13 34.75 -7.45
CA SER B 719 -33.67 35.00 -8.78
C SER B 719 -32.94 34.14 -9.80
N ASN B 720 -33.15 34.45 -11.08
CA ASN B 720 -32.53 33.68 -12.15
C ASN B 720 -31.09 34.17 -12.39
N ILE B 721 -30.40 33.44 -13.27
CA ILE B 721 -28.98 33.65 -13.53
C ILE B 721 -28.85 34.34 -14.87
N GLU B 722 -28.16 35.48 -14.91
CA GLU B 722 -28.06 36.28 -16.13
C GLU B 722 -26.66 36.16 -16.70
N ILE B 723 -26.54 35.79 -17.97
CA ILE B 723 -25.27 35.89 -18.68
C ILE B 723 -25.52 36.74 -19.92
N THR B 724 -24.88 37.91 -19.97
CA THR B 724 -25.07 38.89 -21.02
C THR B 724 -23.73 39.12 -21.71
N LEU B 725 -23.77 39.36 -23.02
CA LEU B 725 -22.56 39.80 -23.70
C LEU B 725 -22.93 40.81 -24.77
N ILE B 726 -22.23 41.95 -24.78
CA ILE B 726 -22.39 42.96 -25.81
C ILE B 726 -21.24 42.81 -26.80
N GLY B 727 -21.59 42.50 -28.04
CA GLY B 727 -20.65 42.44 -29.13
C GLY B 727 -20.66 43.70 -29.97
N SER B 728 -20.04 43.60 -31.14
CA SER B 728 -19.93 44.74 -32.03
C SER B 728 -20.18 44.31 -33.48
N GLY B 729 -20.90 43.22 -33.68
CA GLY B 729 -21.33 42.84 -35.00
C GLY B 729 -20.30 42.13 -35.86
N THR B 730 -19.11 41.89 -35.35
CA THR B 730 -18.05 41.29 -36.16
C THR B 730 -17.57 39.98 -35.57
N THR B 731 -17.47 39.91 -34.25
CA THR B 731 -16.94 38.74 -33.57
C THR B 731 -17.89 37.55 -33.70
N TYR B 732 -17.31 36.36 -33.82
CA TYR B 732 -18.06 35.13 -34.02
C TYR B 732 -17.85 34.19 -32.84
N LEU B 733 -18.94 33.63 -32.35
CA LEU B 733 -18.91 32.75 -31.18
C LEU B 733 -19.18 31.31 -31.59
N ASP B 734 -18.52 30.40 -30.90
CA ASP B 734 -18.65 28.97 -31.16
C ASP B 734 -18.33 28.22 -29.88
N ASN B 735 -19.06 27.12 -29.66
CA ASN B 735 -18.79 26.12 -28.63
C ASN B 735 -18.85 26.73 -27.21
N LEU B 736 -20.03 27.21 -26.86
CA LEU B 736 -20.29 27.81 -25.55
C LEU B 736 -20.78 26.73 -24.58
N SER B 737 -20.05 26.55 -23.47
CA SER B 737 -20.38 25.51 -22.51
C SER B 737 -20.37 26.08 -21.10
N ILE B 738 -21.08 25.41 -20.21
CA ILE B 738 -21.09 25.70 -18.78
C ILE B 738 -20.85 24.39 -18.04
N THR B 739 -19.83 24.38 -17.18
CA THR B 739 -19.45 23.21 -16.42
C THR B 739 -19.54 23.49 -14.93
N GLU B 740 -19.82 22.43 -14.17
CA GLU B 740 -19.72 22.46 -12.72
C GLU B 740 -18.32 22.03 -12.33
N LEU B 741 -17.87 22.50 -11.17
CA LEU B 741 -16.56 22.07 -10.67
C LEU B 741 -16.68 21.36 -9.34
N ASN B 742 -17.12 22.06 -8.30
CA ASN B 742 -17.26 21.53 -6.94
C ASN B 742 -18.00 22.58 -6.10
N SER B 743 -18.07 22.37 -4.79
CA SER B 743 -18.93 23.13 -3.91
C SER B 743 -18.13 23.98 -2.92
N THR B 744 -18.88 24.98 -2.21
CA THR B 744 -18.52 25.94 -1.19
C THR B 744 -19.02 25.51 0.19
N PRO B 745 -18.34 25.99 1.23
CA PRO B 745 -18.94 25.99 2.57
C PRO B 745 -19.78 27.24 2.79
N GLU B 746 -20.76 27.14 3.67
CA GLU B 746 -21.62 28.27 3.98
C GLU B 746 -21.45 28.69 5.45
N ILE B 747 -21.51 30.01 5.69
CA ILE B 747 -21.48 30.55 7.04
C ILE B 747 -22.67 30.05 7.82
N LEU B 748 -22.43 29.49 8.99
CA LEU B 748 -23.48 28.86 9.77
C LEU B 748 -23.33 29.15 11.27
N ASP C 218 31.92 -16.69 -26.46
CA ASP C 218 31.64 -18.04 -26.95
C ASP C 218 31.82 -19.05 -25.82
N LEU C 219 32.83 -18.83 -24.99
CA LEU C 219 33.15 -19.72 -23.89
C LEU C 219 32.40 -19.29 -22.64
N ASP C 220 31.65 -20.22 -22.06
CA ASP C 220 30.74 -19.94 -20.97
C ASP C 220 31.28 -20.52 -19.67
N THR C 221 31.16 -19.76 -18.59
CA THR C 221 31.58 -20.22 -17.28
C THR C 221 30.41 -20.58 -16.38
N ASP C 222 29.47 -19.67 -16.18
CA ASP C 222 28.43 -19.85 -15.18
C ASP C 222 27.14 -20.31 -15.86
N ASN C 223 26.05 -20.41 -15.08
CA ASN C 223 24.73 -20.73 -15.63
C ASN C 223 24.00 -19.47 -16.06
N ASP C 224 24.68 -18.68 -16.88
CA ASP C 224 24.16 -17.48 -17.52
C ASP C 224 24.51 -17.57 -18.99
N ASN C 225 23.70 -16.97 -19.84
CA ASN C 225 23.99 -17.08 -21.27
C ASN C 225 25.13 -16.16 -21.70
N ILE C 226 25.54 -15.24 -20.84
CA ILE C 226 26.62 -14.31 -21.19
C ILE C 226 27.96 -15.01 -21.02
N PRO C 227 28.78 -15.08 -22.06
CA PRO C 227 30.01 -15.87 -22.01
C PRO C 227 31.10 -15.17 -21.21
N ASP C 228 32.20 -15.92 -21.02
CA ASP C 228 33.35 -15.41 -20.27
C ASP C 228 33.95 -14.18 -20.92
N SER C 229 34.07 -14.19 -22.26
CA SER C 229 34.55 -13.02 -22.97
C SER C 229 33.59 -11.84 -22.87
N TYR C 230 32.33 -12.09 -22.53
CA TYR C 230 31.37 -11.01 -22.45
C TYR C 230 30.99 -10.67 -21.02
N GLU C 231 31.10 -11.63 -20.09
CA GLU C 231 30.81 -11.35 -18.68
C GLU C 231 31.67 -10.22 -18.14
N ARG C 232 32.92 -10.15 -18.56
CA ARG C 232 33.75 -8.98 -18.34
C ARG C 232 33.95 -8.26 -19.65
N ASN C 233 34.42 -7.01 -19.56
CA ASN C 233 35.01 -6.16 -20.59
C ASN C 233 34.08 -5.75 -21.74
N GLY C 234 32.85 -6.25 -21.80
CA GLY C 234 31.87 -5.70 -22.73
C GLY C 234 30.53 -6.39 -22.57
N TYR C 235 29.45 -5.62 -22.40
CA TYR C 235 28.26 -6.18 -21.77
C TYR C 235 27.05 -5.40 -22.27
N THR C 236 26.26 -6.03 -23.13
CA THR C 236 25.03 -5.45 -23.64
C THR C 236 24.03 -6.58 -23.85
N ILE C 237 22.77 -6.34 -23.52
CA ILE C 237 21.70 -7.27 -23.85
C ILE C 237 20.66 -6.53 -24.69
N LYS C 238 20.46 -7.01 -25.90
CA LYS C 238 19.41 -6.49 -26.76
C LYS C 238 18.59 -7.68 -27.24
N ASP C 239 17.26 -7.46 -27.37
CA ASP C 239 16.20 -8.41 -27.72
C ASP C 239 16.45 -9.84 -27.19
N LEU C 240 16.78 -9.91 -25.90
CA LEU C 240 16.97 -11.16 -25.15
C LEU C 240 18.12 -12.01 -25.69
N ILE C 241 19.11 -11.38 -26.32
CA ILE C 241 20.40 -12.00 -26.57
C ILE C 241 21.47 -11.03 -26.08
N ALA C 242 22.69 -11.55 -25.94
CA ALA C 242 23.81 -10.81 -25.39
C ALA C 242 24.80 -10.47 -26.49
N VAL C 243 25.23 -9.22 -26.53
CA VAL C 243 26.22 -8.74 -27.48
C VAL C 243 27.22 -7.91 -26.68
N LYS C 244 28.43 -7.77 -27.23
CA LYS C 244 29.48 -7.01 -26.57
C LYS C 244 29.16 -5.52 -26.59
N TRP C 245 30.04 -4.71 -26.02
CA TRP C 245 29.92 -3.26 -26.02
C TRP C 245 30.98 -2.68 -26.93
N GLU C 246 30.56 -1.78 -27.82
CA GLU C 246 31.48 -1.13 -28.76
C GLU C 246 31.20 0.35 -28.96
N ASP C 247 30.44 0.98 -28.05
CA ASP C 247 30.15 2.42 -28.06
C ASP C 247 29.44 2.87 -29.33
N SER C 248 28.83 1.95 -30.07
CA SER C 248 28.01 2.29 -31.22
C SER C 248 26.54 2.46 -30.85
N PHE C 249 26.16 1.92 -29.70
CA PHE C 249 24.82 2.06 -29.11
C PHE C 249 24.89 2.64 -27.71
N ALA C 250 25.74 3.66 -27.53
CA ALA C 250 25.88 4.29 -26.22
C ALA C 250 24.68 5.13 -25.83
N GLU C 251 24.11 5.89 -26.76
CA GLU C 251 22.95 6.72 -26.48
C GLU C 251 21.68 6.13 -27.05
N GLN C 252 21.71 4.85 -27.45
CA GLN C 252 20.54 4.13 -27.95
C GLN C 252 19.92 3.26 -26.87
N GLY C 253 19.87 3.76 -25.63
CA GLY C 253 19.19 3.07 -24.56
C GLY C 253 19.94 1.91 -23.96
N TYR C 254 21.19 1.71 -24.34
CA TYR C 254 22.00 0.58 -23.87
C TYR C 254 23.22 1.12 -23.13
N LYS C 255 23.55 0.49 -22.00
CA LYS C 255 24.71 0.86 -21.21
C LYS C 255 25.71 -0.29 -21.16
N LYS C 256 26.97 0.08 -20.97
CA LYS C 256 28.04 -0.88 -20.77
C LYS C 256 28.06 -1.31 -19.32
N TYR C 257 28.22 -2.59 -19.09
CA TYR C 257 28.44 -3.13 -17.76
C TYR C 257 29.71 -3.98 -17.77
N VAL C 258 30.14 -4.41 -16.60
CA VAL C 258 31.14 -5.48 -16.45
C VAL C 258 30.65 -6.33 -15.29
N SER C 259 30.66 -7.65 -15.48
CA SER C 259 30.18 -8.54 -14.43
C SER C 259 31.33 -9.43 -13.99
N ASN C 260 31.15 -10.07 -12.84
CA ASN C 260 31.94 -11.24 -12.49
C ASN C 260 31.75 -12.27 -13.58
N TYR C 261 32.83 -12.94 -13.96
CA TYR C 261 32.71 -14.07 -14.85
C TYR C 261 32.72 -15.39 -14.10
N LEU C 262 32.97 -15.37 -12.79
CA LEU C 262 32.98 -16.57 -11.98
C LEU C 262 31.63 -16.86 -11.33
N GLU C 263 30.74 -15.88 -11.25
CA GLU C 263 29.39 -16.10 -10.75
C GLU C 263 28.38 -15.45 -11.68
N SER C 264 27.42 -16.25 -12.13
CA SER C 264 26.25 -15.72 -12.81
C SER C 264 25.48 -14.78 -11.90
N ASN C 265 25.34 -15.14 -10.64
CA ASN C 265 24.88 -14.21 -9.63
C ASN C 265 26.04 -13.27 -9.34
N THR C 266 26.26 -12.33 -10.26
CA THR C 266 27.34 -11.36 -10.16
C THR C 266 27.22 -10.52 -8.90
N ALA C 267 26.00 -10.17 -8.52
CA ALA C 267 25.79 -9.53 -7.23
C ALA C 267 25.44 -10.59 -6.19
N GLY C 268 25.09 -10.16 -4.99
CA GLY C 268 24.57 -11.09 -4.02
C GLY C 268 23.14 -11.50 -4.26
N ASP C 269 22.57 -11.05 -5.37
CA ASP C 269 21.17 -11.26 -5.68
C ASP C 269 20.87 -12.74 -5.94
N PRO C 270 19.61 -13.15 -5.78
CA PRO C 270 19.21 -14.46 -6.29
C PRO C 270 18.82 -14.41 -7.76
N TYR C 271 19.66 -13.77 -8.58
CA TYR C 271 19.43 -13.66 -10.01
C TYR C 271 20.76 -13.87 -10.71
N THR C 272 20.75 -14.61 -11.82
CA THR C 272 21.93 -14.61 -12.65
C THR C 272 22.08 -13.23 -13.27
N ASP C 273 23.31 -12.87 -13.65
CA ASP C 273 23.51 -11.57 -14.28
C ASP C 273 22.83 -11.51 -15.64
N TYR C 274 22.59 -12.66 -16.27
CA TYR C 274 21.68 -12.70 -17.41
C TYR C 274 20.24 -12.44 -16.98
N GLU C 275 19.81 -13.03 -15.86
CA GLU C 275 18.42 -12.87 -15.41
C GLU C 275 18.08 -11.44 -15.07
N LYS C 276 19.04 -10.67 -14.57
CA LYS C 276 18.80 -9.35 -14.03
C LYS C 276 19.04 -8.23 -15.05
N ALA C 277 19.72 -8.52 -16.16
CA ALA C 277 20.10 -7.51 -17.13
C ALA C 277 19.45 -7.72 -18.49
N SER C 278 18.66 -8.78 -18.65
CA SER C 278 17.99 -9.03 -19.92
C SER C 278 16.53 -8.60 -19.92
N GLY C 279 16.04 -8.01 -18.84
CA GLY C 279 14.61 -7.86 -18.67
C GLY C 279 13.93 -9.12 -18.21
N SER C 280 14.68 -10.20 -18.01
CA SER C 280 14.12 -11.50 -17.64
C SER C 280 14.00 -11.64 -16.12
N PHE C 281 13.36 -10.66 -15.49
CA PHE C 281 13.27 -10.61 -14.04
C PHE C 281 12.01 -9.82 -13.68
N ASP C 282 11.87 -9.50 -12.40
CA ASP C 282 10.66 -8.85 -11.93
C ASP C 282 10.63 -7.41 -12.40
N LYS C 283 9.48 -7.00 -12.96
CA LYS C 283 9.36 -5.65 -13.48
C LYS C 283 9.25 -4.61 -12.37
N ALA C 284 8.91 -5.01 -11.16
CA ALA C 284 8.91 -4.08 -10.02
C ALA C 284 10.31 -3.78 -9.52
N ILE C 285 11.30 -4.58 -9.89
CA ILE C 285 12.69 -4.27 -9.59
C ILE C 285 13.10 -3.04 -10.38
N LYS C 286 13.75 -2.10 -9.70
CA LYS C 286 14.26 -0.90 -10.37
C LYS C 286 15.29 -1.28 -11.43
N THR C 287 15.23 -0.57 -12.56
CA THR C 287 16.19 -0.78 -13.64
C THR C 287 17.61 -0.39 -13.24
N GLU C 288 17.78 0.35 -12.16
CA GLU C 288 19.10 0.60 -11.60
C GLU C 288 19.75 -0.66 -11.07
N ALA C 289 18.97 -1.69 -10.77
CA ALA C 289 19.48 -2.99 -10.39
C ALA C 289 19.71 -3.90 -11.57
N ARG C 290 19.58 -3.40 -12.80
CA ARG C 290 19.89 -4.24 -13.96
C ARG C 290 21.39 -4.40 -14.15
N ASP C 291 22.18 -3.47 -13.62
CA ASP C 291 23.63 -3.63 -13.65
C ASP C 291 24.02 -4.84 -12.80
N PRO C 292 24.81 -5.78 -13.36
CA PRO C 292 25.12 -7.02 -12.64
C PRO C 292 25.83 -6.82 -11.32
N LEU C 293 26.58 -5.75 -11.17
CA LEU C 293 27.26 -5.43 -9.92
C LEU C 293 26.30 -4.86 -8.88
N VAL C 294 25.22 -4.23 -9.31
CA VAL C 294 24.21 -3.66 -8.43
C VAL C 294 23.28 -4.79 -7.99
N ALA C 295 23.03 -4.87 -6.69
CA ALA C 295 22.17 -5.90 -6.14
C ALA C 295 20.77 -5.35 -5.85
N ALA C 296 19.76 -6.18 -6.08
CA ALA C 296 18.39 -5.80 -5.73
C ALA C 296 18.20 -5.87 -4.23
N TYR C 297 17.89 -4.73 -3.61
CA TYR C 297 17.98 -4.64 -2.17
C TYR C 297 16.99 -3.62 -1.60
N PRO C 298 15.94 -4.06 -0.91
CA PRO C 298 14.93 -3.12 -0.41
C PRO C 298 15.20 -2.65 1.02
N ILE C 299 14.82 -1.41 1.33
CA ILE C 299 14.95 -0.87 2.68
C ILE C 299 13.64 -0.20 3.05
N VAL C 300 13.00 -0.65 4.12
CA VAL C 300 11.71 -0.14 4.57
C VAL C 300 11.92 0.62 5.88
N GLY C 301 11.48 1.88 5.90
CA GLY C 301 11.42 2.64 7.13
C GLY C 301 10.02 3.18 7.35
N VAL C 302 9.86 3.90 8.47
CA VAL C 302 8.56 4.42 8.89
C VAL C 302 8.68 5.92 9.15
N GLY C 303 7.92 6.69 8.40
CA GLY C 303 7.84 8.12 8.59
C GLY C 303 6.84 8.47 9.68
N MET C 304 7.07 9.59 10.34
CA MET C 304 6.25 10.05 11.45
C MET C 304 5.55 11.35 11.08
N GLU C 305 4.28 11.42 11.37
CA GLU C 305 3.42 12.44 10.80
C GLU C 305 2.78 13.34 11.83
N LYS C 306 2.10 12.77 12.83
CA LYS C 306 1.46 13.57 13.85
C LYS C 306 1.41 12.79 15.15
N LEU C 307 1.85 13.44 16.23
CA LEU C 307 1.89 12.84 17.55
C LEU C 307 0.72 13.37 18.36
N ILE C 308 -0.14 12.48 18.83
CA ILE C 308 -1.28 12.85 19.66
C ILE C 308 -1.14 12.17 21.02
N ILE C 309 -1.33 12.93 22.08
CA ILE C 309 -1.08 12.49 23.45
C ILE C 309 -2.36 12.63 24.25
N SER C 310 -2.98 11.51 24.58
CA SER C 310 -4.22 11.49 25.34
C SER C 310 -4.02 10.67 26.60
N THR C 311 -4.66 11.09 27.68
CA THR C 311 -4.42 10.53 29.00
C THR C 311 -5.37 9.37 29.35
N ASN C 312 -5.85 8.66 28.33
CA ASN C 312 -6.71 7.51 28.56
C ASN C 312 -6.05 6.26 27.99
N GLU C 313 -6.38 5.12 28.60
CA GLU C 313 -5.90 3.82 28.14
C GLU C 313 -6.85 3.15 27.17
N HIS C 314 -8.10 3.62 27.09
CA HIS C 314 -9.07 3.03 26.17
C HIS C 314 -8.77 3.42 24.73
N ALA C 315 -8.47 4.69 24.50
CA ALA C 315 -8.25 5.19 23.14
C ALA C 315 -7.34 6.41 23.17
N GLN C 319 -12.29 9.72 27.66
CA GLN C 319 -11.80 11.04 27.29
C GLN C 319 -10.71 11.50 28.25
N GLY C 320 -10.32 12.76 28.12
CA GLY C 320 -9.29 13.34 28.96
C GLY C 320 -8.53 14.41 28.22
N LYS C 321 -7.51 14.94 28.88
CA LYS C 321 -6.64 15.95 28.27
C LYS C 321 -5.85 15.31 27.14
N THR C 322 -5.71 16.06 26.04
CA THR C 322 -5.05 15.56 24.84
C THR C 322 -4.41 16.73 24.11
N VAL C 323 -3.16 16.53 23.69
CA VAL C 323 -2.50 17.47 22.80
C VAL C 323 -2.23 16.78 21.46
N SER C 324 -1.98 17.58 20.44
CA SER C 324 -1.67 17.06 19.11
C SER C 324 -0.63 17.96 18.48
N ARG C 325 0.42 17.36 17.94
CA ARG C 325 1.52 18.09 17.32
C ARG C 325 1.83 17.50 15.96
N ALA C 326 2.27 18.37 15.06
CA ALA C 326 2.69 17.99 13.72
C ALA C 326 4.17 17.64 13.76
N THR C 327 4.49 16.40 13.42
CA THR C 327 5.84 15.89 13.48
C THR C 327 6.34 15.55 12.09
N THR C 328 7.58 15.93 11.83
CA THR C 328 8.26 15.59 10.59
C THR C 328 9.34 14.56 10.87
N ASN C 329 9.37 13.52 10.04
CA ASN C 329 10.40 12.50 10.13
C ASN C 329 11.59 12.93 9.29
N SER C 330 12.76 12.94 9.92
CA SER C 330 14.02 13.11 9.21
C SER C 330 14.73 11.77 9.20
N LYS C 331 15.05 11.29 8.01
CA LYS C 331 15.66 9.96 7.83
C LYS C 331 17.17 10.04 7.95
N THR C 332 17.80 10.88 7.13
CA THR C 332 19.24 11.10 7.20
C THR C 332 19.48 12.36 8.03
N GLU C 333 19.31 12.21 9.34
CA GLU C 333 19.67 13.25 10.30
C GLU C 333 20.70 12.76 11.30
N SER C 334 20.47 11.60 11.91
CA SER C 334 21.41 11.01 12.85
C SER C 334 22.74 10.67 12.21
N ASN C 335 22.75 10.31 10.93
CA ASN C 335 24.00 10.09 10.22
C ASN C 335 24.79 11.40 10.11
N THR C 336 24.10 12.52 9.96
CA THR C 336 24.73 13.80 9.66
C THR C 336 24.60 14.82 10.80
N ALA C 337 24.08 14.41 11.96
CA ALA C 337 23.97 15.34 13.07
C ALA C 337 25.30 15.63 13.75
N GLY C 338 26.20 14.64 13.82
CA GLY C 338 27.45 14.80 14.52
C GLY C 338 28.59 15.24 13.63
N VAL C 339 28.30 16.08 12.64
CA VAL C 339 29.28 16.55 11.69
C VAL C 339 29.69 17.96 12.08
N SER C 340 30.98 18.17 12.32
CA SER C 340 31.54 19.48 12.61
C SER C 340 32.63 19.77 11.59
N VAL C 341 32.58 20.97 11.00
CA VAL C 341 33.40 21.30 9.86
C VAL C 341 34.45 22.33 10.25
N ASN C 342 35.61 22.26 9.64
CA ASN C 342 36.64 23.28 9.75
C ASN C 342 36.37 24.38 8.73
N VAL C 343 37.06 25.51 8.90
CA VAL C 343 36.97 26.58 7.91
C VAL C 343 37.60 26.13 6.60
N GLY C 344 38.70 25.39 6.67
CA GLY C 344 39.38 24.93 5.48
C GLY C 344 39.68 23.45 5.54
N TYR C 345 39.96 22.88 4.37
CA TYR C 345 40.23 21.45 4.23
C TYR C 345 41.70 21.22 3.91
N GLN C 346 42.34 20.35 4.68
CA GLN C 346 43.72 19.97 4.41
C GLN C 346 43.79 18.99 3.23
N ASN C 347 44.87 19.10 2.48
CA ASN C 347 45.26 18.21 1.37
C ASN C 347 44.15 18.23 0.31
N GLY C 348 43.94 17.12 -0.39
CA GLY C 348 42.87 16.99 -1.36
C GLY C 348 41.57 16.47 -0.78
N PHE C 349 41.46 16.41 0.55
CA PHE C 349 40.25 15.95 1.22
C PHE C 349 39.17 17.02 1.11
N THR C 350 38.31 16.90 0.11
CA THR C 350 37.24 17.85 -0.11
C THR C 350 35.94 17.40 0.53
N ALA C 351 36.02 16.64 1.62
CA ALA C 351 34.85 16.12 2.31
C ALA C 351 35.09 16.15 3.80
N ASN C 352 34.03 15.90 4.56
CA ASN C 352 34.08 15.83 6.01
C ASN C 352 33.70 14.44 6.48
N VAL C 353 33.97 14.18 7.77
CA VAL C 353 33.76 12.87 8.38
C VAL C 353 32.59 12.97 9.33
N THR C 354 31.63 12.07 9.18
CA THR C 354 30.56 11.95 10.17
C THR C 354 31.08 11.25 11.41
N THR C 355 30.51 11.63 12.55
CA THR C 355 30.84 10.93 13.80
C THR C 355 30.36 9.50 13.76
N ASN C 356 29.15 9.29 13.26
CA ASN C 356 28.56 7.95 13.14
C ASN C 356 27.86 7.83 11.80
N TYR C 357 27.73 6.59 11.34
CA TYR C 357 27.02 6.28 10.11
C TYR C 357 25.78 5.45 10.44
N SER C 358 24.63 5.96 10.03
CA SER C 358 23.36 5.24 10.18
C SER C 358 22.71 5.14 8.81
N HIS C 359 21.98 4.05 8.59
CA HIS C 359 21.36 3.81 7.30
C HIS C 359 20.02 4.56 7.23
N THR C 360 19.21 4.21 6.24
CA THR C 360 17.94 4.90 5.99
C THR C 360 16.76 4.25 6.71
N THR C 361 17.01 3.57 7.83
CA THR C 361 15.94 2.94 8.59
C THR C 361 15.44 3.82 9.72
N ASP C 362 16.35 4.48 10.44
CA ASP C 362 15.99 5.31 11.57
C ASP C 362 15.30 6.59 11.12
N ASN C 363 14.49 7.15 12.02
CA ASN C 363 13.81 8.41 11.78
C ASN C 363 13.72 9.22 13.06
N SER C 364 13.94 10.53 12.92
CA SER C 364 13.89 11.46 14.03
C SER C 364 12.67 12.36 13.86
N THR C 365 11.92 12.55 14.95
CA THR C 365 10.65 13.25 14.90
C THR C 365 10.83 14.68 15.39
N ALA C 366 10.55 15.64 14.52
CA ALA C 366 10.67 17.05 14.86
C ALA C 366 9.28 17.65 14.98
N VAL C 367 9.03 18.34 16.09
CA VAL C 367 7.74 18.98 16.33
C VAL C 367 7.81 20.40 15.80
N GLN C 368 6.94 20.70 14.84
CA GLN C 368 6.95 21.99 14.16
C GLN C 368 6.02 22.99 14.86
N ASP C 369 4.78 22.58 15.12
CA ASP C 369 3.78 23.41 15.79
C ASP C 369 4.05 23.45 17.29
N SER C 370 5.20 24.00 17.65
CA SER C 370 5.65 24.05 19.04
C SER C 370 6.03 25.49 19.38
N ASN C 371 5.05 26.26 19.81
CA ASN C 371 5.32 27.56 20.42
C ASN C 371 5.83 27.35 21.84
N GLY C 372 6.12 28.46 22.53
CA GLY C 372 6.56 28.33 23.90
C GLY C 372 5.46 27.82 24.79
N GLU C 373 5.52 26.52 25.10
CA GLU C 373 4.48 25.81 25.84
C GLU C 373 5.03 24.45 26.25
N SER C 374 5.00 24.14 27.54
CA SER C 374 5.49 22.86 28.01
C SER C 374 4.46 21.76 27.72
N TRP C 375 4.96 20.58 27.36
CA TRP C 375 4.08 19.44 27.11
C TRP C 375 3.29 19.04 28.34
N ASN C 376 3.83 19.30 29.53
CA ASN C 376 3.12 19.03 30.78
C ASN C 376 1.89 19.93 30.92
N THR C 377 1.94 21.14 30.37
CA THR C 377 0.84 22.09 30.53
C THR C 377 -0.43 21.58 29.85
N GLY C 378 -0.30 20.94 28.68
CA GLY C 378 -1.45 20.44 27.99
C GLY C 378 -2.03 19.15 28.52
N LEU C 379 -1.33 18.47 29.42
CA LEU C 379 -1.82 17.21 30.00
C LEU C 379 -2.03 17.27 31.51
N SER C 380 -1.38 18.21 32.21
CA SER C 380 -1.52 18.44 33.65
C SER C 380 -1.17 17.17 34.45
N ILE C 381 0.09 16.78 34.33
CA ILE C 381 0.64 15.60 35.01
C ILE C 381 1.49 16.09 36.18
N ASN C 382 1.17 15.62 37.39
CA ASN C 382 1.81 16.19 38.58
C ASN C 382 3.02 15.40 39.08
N LYS C 383 2.84 14.15 39.51
CA LYS C 383 3.94 13.50 40.21
C LYS C 383 4.41 12.20 39.58
N GLY C 384 3.52 11.22 39.42
CA GLY C 384 3.97 9.90 39.00
C GLY C 384 3.32 9.34 37.76
N GLU C 385 2.06 9.72 37.52
CA GLU C 385 1.31 9.17 36.41
C GLU C 385 1.78 9.78 35.09
N SER C 386 1.14 9.38 33.99
CA SER C 386 1.39 10.00 32.70
C SER C 386 0.21 9.69 31.79
N ALA C 387 0.28 10.20 30.57
CA ALA C 387 -0.77 10.00 29.58
C ALA C 387 -0.51 8.72 28.79
N TYR C 388 -1.20 8.57 27.67
CA TYR C 388 -0.88 7.57 26.67
C TYR C 388 -0.53 8.28 25.37
N ILE C 389 0.20 7.59 24.50
CA ILE C 389 0.75 8.20 23.30
C ILE C 389 0.18 7.47 22.09
N ASN C 390 -0.17 8.23 21.05
CA ASN C 390 -0.59 7.68 19.77
C ASN C 390 0.05 8.50 18.65
N ALA C 391 0.22 7.84 17.50
CA ALA C 391 1.11 8.35 16.47
C ALA C 391 0.44 8.22 15.11
N ASN C 392 0.90 9.04 14.17
CA ASN C 392 0.53 8.94 12.77
C ASN C 392 1.79 8.59 11.99
N VAL C 393 1.69 7.60 11.10
CA VAL C 393 2.88 7.05 10.48
C VAL C 393 2.67 6.77 8.99
N ARG C 394 3.79 6.62 8.30
CA ARG C 394 3.88 6.23 6.90
C ARG C 394 4.88 5.10 6.79
N TYR C 395 4.69 4.19 5.84
CA TYR C 395 5.49 2.97 5.78
C TYR C 395 6.23 2.91 4.44
N TYR C 396 7.36 3.60 4.34
CA TYR C 396 8.03 3.77 3.06
C TYR C 396 9.03 2.64 2.81
N ASN C 397 9.22 2.34 1.53
CA ASN C 397 10.23 1.39 1.08
C ASN C 397 11.20 2.13 0.16
N THR C 398 12.49 2.07 0.47
CA THR C 398 13.53 2.78 -0.30
C THR C 398 14.63 1.80 -0.67
N GLY C 399 14.48 1.13 -1.81
CA GLY C 399 15.51 0.21 -2.26
C GLY C 399 15.27 -0.19 -3.70
N THR C 400 16.17 -1.02 -4.22
CA THR C 400 16.05 -1.53 -5.58
C THR C 400 15.42 -2.92 -5.62
N ALA C 401 14.31 -3.14 -4.91
CA ALA C 401 13.69 -4.45 -4.89
C ALA C 401 12.27 -4.35 -4.36
N PRO C 402 11.35 -5.23 -4.78
CA PRO C 402 10.01 -5.23 -4.19
C PRO C 402 9.87 -6.16 -2.99
N MET C 403 8.76 -6.03 -2.27
CA MET C 403 8.59 -6.56 -0.93
C MET C 403 7.15 -7.01 -0.76
N TYR C 404 6.93 -8.24 -0.28
CA TYR C 404 5.58 -8.79 -0.35
C TYR C 404 4.90 -9.02 0.99
N LYS C 405 5.44 -9.88 1.84
CA LYS C 405 4.76 -10.25 3.09
C LYS C 405 5.37 -9.43 4.23
N VAL C 406 5.14 -8.12 4.17
CA VAL C 406 5.87 -7.19 5.01
C VAL C 406 5.50 -7.39 6.47
N THR C 407 6.50 -7.71 7.28
CA THR C 407 6.32 -7.86 8.72
C THR C 407 7.44 -7.12 9.42
N PRO C 408 7.28 -5.82 9.63
CA PRO C 408 8.31 -5.06 10.33
C PRO C 408 8.01 -4.92 11.82
N THR C 409 9.05 -5.11 12.62
CA THR C 409 9.05 -4.76 14.02
C THR C 409 9.65 -3.36 14.13
N THR C 410 9.21 -2.58 15.11
CA THR C 410 9.65 -1.19 15.20
C THR C 410 9.69 -0.77 16.66
N ASN C 411 10.80 -0.13 17.05
CA ASN C 411 10.94 0.41 18.38
C ASN C 411 10.64 1.90 18.40
N LEU C 412 9.90 2.33 19.43
CA LEU C 412 9.61 3.73 19.68
C LEU C 412 10.58 4.20 20.76
N VAL C 413 11.72 4.74 20.34
CA VAL C 413 12.87 4.96 21.22
C VAL C 413 13.01 6.45 21.52
N LEU C 414 13.02 6.80 22.80
CA LEU C 414 13.32 8.16 23.24
C LEU C 414 14.65 8.10 23.99
N ASP C 415 15.73 8.50 23.31
CA ASP C 415 17.13 8.42 23.72
C ASP C 415 17.50 7.15 24.47
N GLY C 416 17.11 6.00 23.94
CA GLY C 416 17.33 4.72 24.58
C GLY C 416 16.16 4.21 25.38
N ASP C 417 15.24 5.09 25.76
CA ASP C 417 14.04 4.68 26.49
C ASP C 417 13.00 4.26 25.48
N THR C 418 13.05 3.00 25.07
CA THR C 418 12.07 2.45 24.15
C THR C 418 10.72 2.32 24.86
N LEU C 419 9.74 3.12 24.44
CA LEU C 419 8.44 3.08 25.08
C LEU C 419 7.69 1.80 24.76
N SER C 420 7.74 1.36 23.51
CA SER C 420 7.17 0.08 23.15
C SER C 420 7.79 -0.42 21.84
N THR C 421 7.48 -1.68 21.54
CA THR C 421 7.72 -2.30 20.26
C THR C 421 6.37 -2.48 19.61
N ILE C 422 6.23 -1.97 18.40
CA ILE C 422 5.02 -2.18 17.60
C ILE C 422 5.42 -2.92 16.34
N LYS C 423 4.74 -4.03 16.09
CA LYS C 423 4.93 -4.78 14.86
C LYS C 423 3.74 -4.46 13.97
N ALA C 424 4.00 -4.21 12.68
CA ALA C 424 2.97 -3.69 11.81
C ALA C 424 2.03 -4.76 11.28
N GLN C 425 2.29 -6.02 11.60
CA GLN C 425 1.50 -7.21 11.23
C GLN C 425 1.46 -7.29 9.70
N GLU C 426 0.37 -7.80 9.13
CA GLU C 426 0.15 -7.87 7.70
C GLU C 426 -1.19 -7.28 7.31
N ASN C 427 -2.16 -7.31 8.23
CA ASN C 427 -3.49 -6.76 8.00
C ASN C 427 -3.48 -5.27 7.74
N GLN C 428 -2.73 -4.52 8.55
CA GLN C 428 -2.62 -3.07 8.38
C GLN C 428 -1.58 -2.68 7.35
N ILE C 429 -1.15 -3.63 6.52
CA ILE C 429 -0.08 -3.41 5.55
C ILE C 429 -0.57 -3.63 4.13
N GLY C 430 -1.24 -4.75 3.87
CA GLY C 430 -1.44 -5.23 2.52
C GLY C 430 -0.22 -5.97 2.02
N ASN C 431 -0.47 -6.98 1.19
CA ASN C 431 0.56 -7.94 0.83
C ASN C 431 1.46 -7.45 -0.29
N ASN C 432 1.56 -6.14 -0.49
CA ASN C 432 2.52 -5.55 -1.40
C ASN C 432 3.04 -4.25 -0.83
N LEU C 433 4.34 -4.03 -0.97
CA LEU C 433 4.96 -2.72 -0.73
C LEU C 433 6.06 -2.54 -1.77
N SER C 434 5.72 -1.87 -2.86
CA SER C 434 6.68 -1.56 -3.91
C SER C 434 7.72 -0.57 -3.40
N PRO C 435 8.92 -0.56 -3.97
CA PRO C 435 9.89 0.47 -3.60
C PRO C 435 9.40 1.87 -3.94
N GLY C 436 9.69 2.81 -3.06
CA GLY C 436 9.37 4.20 -3.32
C GLY C 436 7.95 4.61 -2.99
N ASP C 437 7.32 4.00 -1.98
CA ASP C 437 5.98 4.42 -1.56
C ASP C 437 5.74 4.05 -0.11
N THR C 438 4.89 4.83 0.54
CA THR C 438 4.45 4.52 1.89
C THR C 438 3.25 3.58 1.83
N TYR C 439 2.80 3.12 3.00
CA TYR C 439 1.58 2.32 2.98
C TYR C 439 0.37 3.23 2.81
N PRO C 440 0.26 4.39 3.51
CA PRO C 440 -0.72 5.37 3.03
C PRO C 440 -0.22 6.02 1.76
N LYS C 441 -0.82 5.65 0.63
CA LYS C 441 -0.25 5.90 -0.68
C LYS C 441 -0.32 7.38 -1.02
N LYS C 442 0.83 8.05 -0.93
CA LYS C 442 1.06 9.42 -1.38
C LYS C 442 0.14 10.34 -0.60
N GLY C 443 -0.81 11.03 -1.22
CA GLY C 443 -1.67 11.95 -0.50
C GLY C 443 -2.82 11.24 0.17
N LEU C 444 -2.67 10.98 1.46
CA LEU C 444 -3.66 10.23 2.23
C LEU C 444 -3.43 10.56 3.69
N SER C 445 -4.46 10.35 4.50
CA SER C 445 -4.31 10.48 5.93
C SER C 445 -3.37 9.38 6.43
N PRO C 446 -2.46 9.70 7.34
CA PRO C 446 -1.53 8.68 7.85
C PRO C 446 -2.23 7.66 8.72
N LEU C 447 -1.64 6.47 8.80
CA LEU C 447 -2.20 5.38 9.57
C LEU C 447 -1.96 5.64 11.05
N ALA C 448 -3.02 5.56 11.84
CA ALA C 448 -2.90 5.71 13.29
C ALA C 448 -2.59 4.37 13.94
N LEU C 449 -2.17 4.44 15.20
CA LEU C 449 -1.75 3.24 15.95
C LEU C 449 -2.87 2.72 16.83
N ASN C 450 -3.96 2.30 16.20
CA ASN C 450 -5.06 1.66 16.90
C ASN C 450 -5.62 0.43 16.20
N THR C 451 -5.30 0.23 14.93
CA THR C 451 -5.81 -0.91 14.17
C THR C 451 -4.99 -2.17 14.45
N SER C 457 -1.29 -3.43 18.56
CA SER C 457 -2.57 -3.04 17.95
C SER C 457 -3.38 -2.19 18.90
N ARG C 458 -2.78 -1.82 20.02
CA ARG C 458 -3.45 -0.98 21.02
C ARG C 458 -2.48 0.09 21.48
N LEU C 459 -2.86 0.77 22.56
CA LEU C 459 -2.16 1.98 22.97
C LEU C 459 -0.78 1.68 23.55
N ILE C 460 0.11 2.66 23.41
CA ILE C 460 1.47 2.60 23.92
C ILE C 460 1.52 3.40 25.23
N PRO C 461 2.11 2.86 26.29
CA PRO C 461 2.18 3.62 27.55
C PRO C 461 3.42 4.49 27.66
N ILE C 462 3.42 5.37 28.66
CA ILE C 462 4.52 6.28 28.94
C ILE C 462 4.44 6.66 30.41
N ASN C 463 5.57 7.06 30.98
CA ASN C 463 5.68 7.46 32.37
C ASN C 463 6.38 8.81 32.48
N TYR C 464 6.16 9.46 33.62
CA TYR C 464 6.63 10.84 33.82
C TYR C 464 8.11 10.86 34.21
N ASP C 465 8.94 10.40 33.27
CA ASP C 465 10.36 10.66 33.29
C ASP C 465 10.76 11.13 31.90
N GLN C 466 10.04 10.63 30.90
CA GLN C 466 10.28 10.93 29.50
C GLN C 466 9.51 12.14 29.01
N LEU C 467 8.62 12.71 29.83
CA LEU C 467 7.82 13.85 29.39
C LEU C 467 8.65 15.11 29.31
N LYS C 468 9.25 15.52 30.44
CA LYS C 468 10.15 16.67 30.43
C LYS C 468 11.43 16.37 29.67
N LYS C 469 11.80 15.09 29.58
CA LYS C 469 12.86 14.67 28.66
C LYS C 469 12.53 15.05 27.23
N LEU C 470 11.34 14.68 26.75
CA LEU C 470 10.89 15.10 25.43
C LEU C 470 10.59 16.58 25.36
N ASP C 471 10.08 17.19 26.43
CA ASP C 471 9.66 18.58 26.44
C ASP C 471 10.82 19.55 26.21
N ALA C 472 11.96 19.31 26.86
CA ALA C 472 13.00 20.35 26.89
C ALA C 472 13.79 20.39 25.58
N GLY C 473 14.61 19.37 25.32
CA GLY C 473 15.41 19.37 24.11
C GLY C 473 15.28 18.14 23.24
N LYS C 474 14.91 17.01 23.84
CA LYS C 474 15.02 15.74 23.14
C LYS C 474 13.81 15.52 22.24
N GLN C 475 14.01 14.72 21.21
CA GLN C 475 12.97 14.36 20.27
C GLN C 475 12.77 12.85 20.30
N ILE C 476 11.56 12.42 19.95
CA ILE C 476 11.25 11.00 19.85
C ILE C 476 11.92 10.46 18.58
N LYS C 477 12.47 9.26 18.69
CA LYS C 477 13.04 8.56 17.55
C LYS C 477 12.26 7.28 17.29
N LEU C 478 12.29 6.82 16.03
CA LEU C 478 11.52 5.66 15.58
C LEU C 478 12.42 4.81 14.70
N GLU C 479 12.56 3.53 15.03
CA GLU C 479 13.49 2.68 14.28
C GLU C 479 12.84 1.35 13.92
N THR C 480 12.86 1.02 12.64
CA THR C 480 12.49 -0.32 12.20
C THR C 480 13.60 -1.29 12.56
N THR C 481 13.24 -2.31 13.33
CA THR C 481 14.21 -3.22 13.92
C THR C 481 14.40 -4.48 13.09
N GLN C 482 13.33 -5.23 12.86
CA GLN C 482 13.41 -6.47 12.10
C GLN C 482 12.23 -6.52 11.15
N VAL C 483 12.52 -6.42 9.85
CA VAL C 483 11.50 -6.38 8.82
C VAL C 483 11.55 -7.70 8.07
N SER C 484 10.44 -8.41 8.04
CA SER C 484 10.41 -9.76 7.49
C SER C 484 9.42 -9.86 6.34
N GLY C 485 9.71 -10.73 5.39
CA GLY C 485 8.80 -10.99 4.29
C GLY C 485 9.44 -11.86 3.24
N ASN C 486 8.75 -11.98 2.12
CA ASN C 486 9.14 -12.81 0.99
C ASN C 486 9.42 -11.94 -0.24
N PHE C 487 9.94 -12.57 -1.29
CA PHE C 487 9.99 -11.93 -2.60
C PHE C 487 9.34 -12.86 -3.62
N GLY C 488 9.14 -12.36 -4.83
CA GLY C 488 8.46 -13.09 -5.87
C GLY C 488 9.42 -13.55 -6.97
N THR C 489 9.20 -14.76 -7.45
CA THR C 489 9.90 -15.30 -8.61
C THR C 489 8.89 -15.71 -9.66
N LYS C 490 9.21 -15.42 -10.92
CA LYS C 490 8.34 -15.82 -12.02
C LYS C 490 8.41 -17.32 -12.23
N ASN C 491 7.26 -17.96 -12.35
CA ASN C 491 7.18 -19.42 -12.40
C ASN C 491 7.49 -19.90 -13.81
N SER C 492 7.21 -21.17 -14.09
CA SER C 492 7.44 -21.70 -15.43
C SER C 492 6.41 -21.16 -16.41
N SER C 493 5.12 -21.27 -16.08
CA SER C 493 4.04 -21.01 -17.02
C SER C 493 3.38 -19.66 -16.80
N GLY C 494 2.83 -19.42 -15.61
CA GLY C 494 1.88 -18.33 -15.43
C GLY C 494 2.42 -17.07 -14.81
N GLN C 495 1.73 -16.58 -13.78
CA GLN C 495 2.09 -15.32 -13.15
C GLN C 495 3.10 -15.58 -12.03
N ILE C 496 3.43 -14.53 -11.29
CA ILE C 496 4.49 -14.62 -10.29
C ILE C 496 4.04 -15.49 -9.13
N VAL C 497 5.02 -16.10 -8.47
CA VAL C 497 4.81 -16.80 -7.21
C VAL C 497 5.77 -16.20 -6.19
N THR C 498 5.26 -15.96 -4.99
CA THR C 498 5.99 -15.18 -3.99
C THR C 498 5.97 -15.86 -2.63
N GLU C 499 5.69 -17.16 -2.59
CA GLU C 499 5.55 -17.85 -1.31
C GLU C 499 6.88 -18.44 -0.84
N GLY C 500 7.51 -19.26 -1.67
CA GLY C 500 8.71 -19.96 -1.27
C GLY C 500 10.00 -19.15 -1.40
N ASN C 501 9.97 -17.90 -0.98
CA ASN C 501 11.13 -17.03 -0.99
C ASN C 501 11.13 -16.19 0.27
N SER C 502 12.23 -15.47 0.50
CA SER C 502 12.34 -14.60 1.65
C SER C 502 13.46 -13.59 1.43
N TRP C 503 13.18 -12.33 1.76
CA TRP C 503 14.27 -11.37 1.97
C TRP C 503 14.78 -11.47 3.40
N SER C 504 15.17 -12.67 3.80
CA SER C 504 15.94 -12.86 5.02
C SER C 504 17.11 -13.81 4.82
N ASP C 505 17.05 -14.70 3.83
CA ASP C 505 18.11 -15.68 3.58
C ASP C 505 19.23 -15.12 2.72
N TYR C 506 19.05 -13.92 2.17
CA TYR C 506 19.99 -13.36 1.21
C TYR C 506 20.43 -11.95 1.58
N ILE C 507 19.94 -11.42 2.70
CA ILE C 507 20.29 -10.08 3.15
C ILE C 507 21.78 -9.97 3.46
N SER C 508 22.32 -10.96 4.18
CA SER C 508 23.74 -10.94 4.48
C SER C 508 24.59 -11.27 3.26
N GLN C 509 24.05 -12.07 2.34
CA GLN C 509 24.79 -12.36 1.11
C GLN C 509 24.95 -11.12 0.25
N ILE C 510 23.91 -10.29 0.19
CA ILE C 510 24.02 -9.02 -0.53
C ILE C 510 24.87 -8.02 0.24
N ASP C 511 24.66 -7.93 1.56
CA ASP C 511 25.29 -6.90 2.38
C ASP C 511 26.79 -7.11 2.55
N SER C 512 27.31 -8.28 2.21
CA SER C 512 28.72 -8.59 2.43
C SER C 512 29.61 -8.28 1.24
N ILE C 513 29.09 -8.38 0.01
CA ILE C 513 29.91 -8.23 -1.17
C ILE C 513 30.01 -6.77 -1.62
N SER C 514 29.02 -5.94 -1.28
CA SER C 514 28.92 -4.58 -1.76
C SER C 514 29.42 -3.60 -0.72
N ALA C 515 29.76 -2.41 -1.19
CA ALA C 515 29.82 -1.24 -0.33
C ALA C 515 28.40 -0.68 -0.21
N SER C 516 28.22 0.32 0.66
CA SER C 516 26.89 0.89 0.87
C SER C 516 26.95 2.36 0.50
N ILE C 517 26.09 2.79 -0.43
CA ILE C 517 26.08 4.16 -0.91
C ILE C 517 24.68 4.74 -0.75
N ILE C 518 24.58 5.85 -0.03
CA ILE C 518 23.33 6.57 0.16
C ILE C 518 23.38 7.88 -0.61
N LEU C 519 22.35 8.15 -1.39
CA LEU C 519 22.16 9.43 -2.05
C LEU C 519 21.00 10.12 -1.34
N ASP C 520 21.13 11.41 -1.09
CA ASP C 520 20.13 12.14 -0.32
C ASP C 520 19.91 13.51 -0.96
N THR C 521 18.80 13.62 -1.69
CA THR C 521 18.32 14.92 -2.13
C THR C 521 17.56 15.59 -0.99
N GLU C 522 17.11 16.82 -1.24
CA GLU C 522 16.39 17.57 -0.23
C GLU C 522 14.96 17.10 -0.03
N ASN C 523 14.49 16.12 -0.81
CA ASN C 523 13.14 15.61 -0.67
C ASN C 523 13.04 14.09 -0.66
N GLU C 524 14.04 13.38 -1.16
CA GLU C 524 14.01 11.92 -1.15
C GLU C 524 15.42 11.38 -1.02
N SER C 525 15.52 10.06 -0.93
CA SER C 525 16.81 9.40 -0.79
C SER C 525 16.80 8.06 -1.52
N TYR C 526 18.01 7.61 -1.86
CA TYR C 526 18.25 6.27 -2.38
C TYR C 526 19.35 5.63 -1.54
N GLU C 527 19.37 4.30 -1.53
CA GLU C 527 20.50 3.60 -0.92
C GLU C 527 20.72 2.30 -1.69
N ARG C 528 21.96 2.11 -2.13
CA ARG C 528 22.29 1.08 -3.09
C ARG C 528 23.50 0.30 -2.59
N ARG C 529 23.52 -0.98 -2.95
CA ARG C 529 24.63 -1.87 -2.66
C ARG C 529 25.13 -2.46 -3.96
N VAL C 530 26.32 -2.03 -4.38
CA VAL C 530 26.94 -2.44 -5.63
C VAL C 530 28.21 -3.20 -5.30
N THR C 531 28.35 -4.40 -5.86
CA THR C 531 29.40 -5.30 -5.43
C THR C 531 30.78 -4.81 -5.86
N ALA C 532 31.71 -4.84 -4.93
CA ALA C 532 33.05 -4.29 -5.08
C ALA C 532 34.08 -5.42 -4.94
N LYS C 533 35.34 -5.03 -4.84
CA LYS C 533 36.46 -5.98 -4.90
C LYS C 533 37.22 -6.01 -3.58
N ASN C 534 37.64 -7.21 -3.19
CA ASN C 534 38.64 -7.36 -2.14
C ASN C 534 40.00 -7.11 -2.77
N LEU C 535 40.71 -6.09 -2.27
CA LEU C 535 42.02 -5.77 -2.82
C LEU C 535 43.06 -6.82 -2.46
N GLN C 536 42.92 -7.44 -1.29
CA GLN C 536 43.86 -8.48 -0.88
C GLN C 536 43.38 -9.86 -1.34
N ASP C 537 43.01 -9.95 -2.61
CA ASP C 537 42.44 -11.17 -3.16
C ASP C 537 42.50 -11.18 -4.69
N PRO C 538 43.65 -11.50 -5.28
CA PRO C 538 43.68 -11.75 -6.73
C PRO C 538 42.87 -12.95 -7.16
N GLU C 539 42.58 -13.88 -6.25
CA GLU C 539 41.64 -14.96 -6.56
C GLU C 539 40.24 -14.41 -6.79
N ASP C 540 39.86 -13.38 -6.04
CA ASP C 540 38.59 -12.69 -6.28
C ASP C 540 38.67 -11.92 -7.59
N LYS C 541 37.94 -12.41 -8.59
CA LYS C 541 37.94 -11.79 -9.92
C LYS C 541 36.57 -11.19 -10.15
N THR C 542 36.41 -9.96 -9.69
CA THR C 542 35.18 -9.19 -9.79
C THR C 542 35.53 -7.85 -10.41
N PRO C 543 34.59 -7.19 -11.08
CA PRO C 543 34.89 -5.89 -11.69
C PRO C 543 35.25 -4.84 -10.66
N GLU C 544 36.09 -3.91 -11.10
CA GLU C 544 36.57 -2.81 -10.27
C GLU C 544 36.23 -1.49 -10.96
N LEU C 545 35.55 -0.62 -10.22
CA LEU C 545 35.11 0.66 -10.76
C LEU C 545 35.49 1.77 -9.79
N THR C 546 35.46 3.00 -10.31
CA THR C 546 35.71 4.17 -9.48
C THR C 546 34.45 4.54 -8.70
N ILE C 547 34.55 5.64 -7.95
CA ILE C 547 33.37 6.15 -7.25
C ILE C 547 32.34 6.68 -8.24
N GLY C 548 32.81 7.43 -9.25
CA GLY C 548 31.89 7.99 -10.23
C GLY C 548 31.26 6.94 -11.13
N GLU C 549 32.04 5.92 -11.51
CA GLU C 549 31.48 4.81 -12.29
C GLU C 549 30.41 4.08 -11.51
N ALA C 550 30.65 3.85 -10.22
CA ALA C 550 29.67 3.20 -9.36
C ALA C 550 28.42 4.04 -9.21
N ILE C 551 28.58 5.36 -9.07
CA ILE C 551 27.41 6.23 -8.91
C ILE C 551 26.59 6.27 -10.19
N GLU C 552 27.26 6.33 -11.35
CA GLU C 552 26.55 6.29 -12.63
C GLU C 552 25.79 4.97 -12.80
N LYS C 553 26.44 3.85 -12.50
CA LYS C 553 25.84 2.57 -12.81
C LYS C 553 24.91 2.11 -11.70
N ALA C 554 24.88 2.86 -10.59
CA ALA C 554 24.01 2.55 -9.46
C ALA C 554 22.77 3.43 -9.46
N PHE C 555 22.95 4.75 -9.50
CA PHE C 555 21.83 5.66 -9.44
C PHE C 555 21.31 6.08 -10.80
N GLY C 556 22.16 6.06 -11.83
CA GLY C 556 21.76 6.55 -13.13
C GLY C 556 22.15 8.01 -13.29
N ALA C 557 23.07 8.30 -14.19
CA ALA C 557 23.58 9.66 -14.35
C ALA C 557 23.77 9.97 -15.82
N THR C 558 23.43 11.21 -16.19
CA THR C 558 23.68 11.71 -17.53
C THR C 558 25.11 12.22 -17.62
N LYS C 559 25.87 11.68 -18.56
CA LYS C 559 27.30 12.00 -18.66
C LYS C 559 27.47 13.22 -19.56
N LYS C 560 27.62 14.39 -18.95
CA LYS C 560 28.10 15.56 -19.66
C LYS C 560 29.62 15.57 -19.60
N ASP C 561 30.24 16.53 -20.31
CA ASP C 561 31.68 16.56 -20.49
C ASP C 561 32.37 16.79 -19.16
N GLY C 562 32.93 15.72 -18.60
CA GLY C 562 33.54 15.79 -17.28
C GLY C 562 32.57 15.91 -16.14
N LEU C 563 31.27 15.82 -16.39
CA LEU C 563 30.28 15.99 -15.34
C LEU C 563 29.29 14.83 -15.37
N LEU C 564 28.81 14.47 -14.19
CA LEU C 564 27.68 13.59 -14.04
C LEU C 564 26.49 14.45 -13.65
N TYR C 565 25.32 14.13 -14.18
CA TYR C 565 24.08 14.79 -13.81
C TYR C 565 23.08 13.77 -13.28
N PHE C 566 22.23 14.24 -12.38
CA PHE C 566 20.98 13.56 -12.09
C PHE C 566 19.96 14.03 -13.11
N ASN C 567 18.68 13.77 -12.87
CA ASN C 567 17.64 14.29 -13.75
C ASN C 567 17.70 15.82 -13.86
N ASP C 568 17.96 16.51 -12.75
CA ASP C 568 18.26 17.93 -12.79
C ASP C 568 19.50 18.36 -12.02
N ILE C 569 19.84 17.70 -10.93
CA ILE C 569 20.88 18.18 -10.02
C ILE C 569 22.25 17.94 -10.65
N PRO C 570 23.06 18.99 -10.81
CA PRO C 570 24.48 18.79 -11.15
C PRO C 570 25.20 18.17 -9.98
N ILE C 571 25.67 16.94 -10.17
CA ILE C 571 26.33 16.16 -9.11
C ILE C 571 27.80 16.03 -9.45
N ASP C 572 28.65 16.38 -8.50
CA ASP C 572 30.09 16.37 -8.68
C ASP C 572 30.73 16.31 -7.30
N GLU C 573 32.06 16.22 -7.26
CA GLU C 573 32.78 16.37 -6.01
C GLU C 573 32.90 17.82 -5.57
N SER C 574 32.44 18.76 -6.41
CA SER C 574 32.44 20.17 -6.08
C SER C 574 31.04 20.77 -6.12
N CYS C 575 30.01 19.95 -6.30
CA CYS C 575 28.64 20.44 -6.40
C CYS C 575 27.73 19.96 -5.29
N VAL C 576 28.08 18.89 -4.59
CA VAL C 576 27.30 18.37 -3.48
C VAL C 576 28.23 18.21 -2.28
N GLU C 577 27.67 17.65 -1.20
CA GLU C 577 28.38 17.46 0.06
C GLU C 577 28.64 15.98 0.25
N LEU C 578 29.86 15.62 0.63
CA LEU C 578 30.26 14.22 0.74
C LEU C 578 30.52 13.85 2.20
N ILE C 579 29.96 12.73 2.64
CA ILE C 579 30.03 12.29 4.02
C ILE C 579 30.54 10.87 4.06
N PHE C 580 31.59 10.62 4.84
CA PHE C 580 32.09 9.28 5.06
C PHE C 580 32.24 9.04 6.55
N ASP C 581 32.03 7.79 6.95
CA ASP C 581 32.40 7.37 8.29
C ASP C 581 33.91 7.22 8.38
N ASP C 582 34.39 6.87 9.58
CA ASP C 582 35.82 6.95 9.87
C ASP C 582 36.65 5.99 9.01
N ASN C 583 36.14 4.77 8.79
CA ASN C 583 36.89 3.81 7.99
C ASN C 583 36.98 4.24 6.53
N THR C 584 35.85 4.67 5.95
CA THR C 584 35.85 5.13 4.57
C THR C 584 36.69 6.38 4.40
N ALA C 585 36.60 7.31 5.37
CA ALA C 585 37.40 8.53 5.31
C ALA C 585 38.89 8.23 5.40
N ASN C 586 39.27 7.31 6.28
CA ASN C 586 40.67 6.93 6.38
C ASN C 586 41.16 6.25 5.10
N LYS C 587 40.32 5.39 4.51
CA LYS C 587 40.68 4.72 3.27
C LYS C 587 40.86 5.71 2.12
N ILE C 588 39.98 6.72 2.03
CA ILE C 588 40.10 7.63 0.90
C ILE C 588 41.23 8.63 1.14
N LYS C 589 41.52 8.94 2.40
CA LYS C 589 42.71 9.72 2.72
C LYS C 589 43.98 8.98 2.36
N ASP C 590 43.99 7.66 2.55
CA ASP C 590 45.11 6.85 2.08
C ASP C 590 45.18 6.83 0.56
N SER C 591 44.03 6.74 -0.11
CA SER C 591 44.03 6.55 -1.56
C SER C 591 44.34 7.84 -2.31
N LEU C 592 43.94 9.01 -1.78
CA LEU C 592 44.17 10.28 -2.46
C LEU C 592 45.63 10.61 -2.68
N LYS C 593 46.52 10.05 -1.86
CA LYS C 593 47.92 10.44 -1.91
C LYS C 593 48.61 9.88 -3.16
N THR C 594 48.28 8.65 -3.56
CA THR C 594 48.85 8.09 -4.77
C THR C 594 48.15 8.60 -6.04
N LEU C 595 47.02 9.29 -5.90
CA LEU C 595 46.42 9.96 -7.05
C LEU C 595 47.28 11.13 -7.51
N SER C 596 47.51 11.18 -8.82
CA SER C 596 48.20 12.29 -9.46
C SER C 596 47.23 13.39 -9.88
N ASP C 597 45.94 13.22 -9.58
CA ASP C 597 44.94 14.19 -9.96
C ASP C 597 44.26 14.88 -8.80
N LYS C 598 44.30 14.27 -7.60
CA LYS C 598 43.72 14.82 -6.37
C LYS C 598 42.22 15.10 -6.53
N LYS C 599 41.47 14.08 -6.92
CA LYS C 599 40.02 14.16 -6.96
C LYS C 599 39.42 12.96 -6.24
N ILE C 600 38.22 13.17 -5.70
CA ILE C 600 37.57 12.16 -4.87
C ILE C 600 37.10 10.97 -5.71
N TYR C 601 36.46 11.25 -6.85
CA TYR C 601 35.69 10.22 -7.53
C TYR C 601 36.54 9.24 -8.32
N ASN C 602 37.79 9.58 -8.64
CA ASN C 602 38.67 8.67 -9.35
C ASN C 602 39.42 7.77 -8.37
N VAL C 603 38.65 7.12 -7.51
CA VAL C 603 39.16 6.19 -6.51
C VAL C 603 38.38 4.89 -6.65
N LYS C 604 39.11 3.78 -6.78
CA LYS C 604 38.48 2.48 -6.92
C LYS C 604 37.74 2.09 -5.64
N LEU C 605 36.65 1.34 -5.81
CA LEU C 605 35.86 0.92 -4.67
C LEU C 605 36.31 -0.45 -4.16
N GLU C 606 36.54 -0.53 -2.85
CA GLU C 606 36.83 -1.79 -2.19
C GLU C 606 35.53 -2.29 -1.57
N ARG C 607 35.52 -3.56 -1.21
CA ARG C 607 34.34 -4.17 -0.62
C ARG C 607 34.08 -3.63 0.79
N GLY C 608 32.89 -3.06 0.97
CA GLY C 608 32.44 -2.69 2.31
C GLY C 608 32.82 -1.34 2.85
N MET C 609 32.44 -0.25 2.18
CA MET C 609 32.49 1.06 2.79
C MET C 609 31.12 1.72 2.76
N ASN C 610 30.99 2.77 3.58
CA ASN C 610 29.76 3.53 3.69
C ASN C 610 30.00 4.95 3.19
N ILE C 611 29.21 5.37 2.20
CA ILE C 611 29.36 6.66 1.54
C ILE C 611 28.00 7.34 1.54
N LEU C 612 27.96 8.64 1.85
CA LEU C 612 26.72 9.40 1.86
C LEU C 612 26.90 10.66 1.03
N ILE C 613 25.91 10.96 0.19
CA ILE C 613 25.92 12.13 -0.69
C ILE C 613 24.73 13.00 -0.29
N LYS C 614 25.00 14.29 -0.08
CA LYS C 614 24.00 15.28 0.32
C LYS C 614 23.90 16.35 -0.76
N THR C 615 22.75 16.45 -1.41
CA THR C 615 22.52 17.60 -2.26
C THR C 615 22.36 18.84 -1.38
N PRO C 616 23.10 19.92 -1.64
CA PRO C 616 22.87 21.14 -0.87
C PRO C 616 21.53 21.77 -1.21
N THR C 617 21.02 22.57 -0.27
CA THR C 617 19.70 23.18 -0.44
C THR C 617 19.67 24.08 -1.67
N TYR C 618 20.68 24.93 -1.83
CA TYR C 618 20.79 25.82 -2.97
C TYR C 618 22.19 25.67 -3.54
N PHE C 619 22.32 25.85 -4.85
CA PHE C 619 23.64 25.73 -5.46
C PHE C 619 23.68 26.53 -6.75
N THR C 620 24.73 27.34 -6.91
CA THR C 620 25.07 27.86 -8.23
C THR C 620 26.53 27.56 -8.49
N ASN C 621 26.88 27.48 -9.76
CA ASN C 621 28.26 27.43 -10.22
C ASN C 621 28.55 28.58 -11.17
N PHE C 622 27.70 29.62 -11.15
CA PHE C 622 27.75 30.74 -12.09
C PHE C 622 27.76 30.23 -13.53
N ASP C 623 26.87 29.28 -13.79
CA ASP C 623 26.81 28.49 -15.00
C ASP C 623 25.33 28.19 -15.25
N ASP C 624 25.08 27.11 -16.01
CA ASP C 624 23.73 26.69 -16.37
C ASP C 624 22.81 26.49 -15.16
N TYR C 625 23.35 26.08 -14.01
CA TYR C 625 22.52 25.76 -12.86
C TYR C 625 22.60 26.87 -11.82
N ASN C 626 21.46 27.49 -11.54
CA ASN C 626 21.35 28.48 -10.47
C ASN C 626 19.90 28.49 -9.99
N ASN C 627 19.63 27.79 -8.90
CA ASN C 627 18.27 27.66 -8.37
C ASN C 627 18.11 28.50 -7.09
N TYR C 628 18.76 29.65 -7.05
CA TYR C 628 18.83 30.41 -5.80
C TYR C 628 17.50 31.06 -5.45
N PRO C 629 17.23 31.23 -4.15
CA PRO C 629 16.13 32.10 -3.74
C PRO C 629 16.30 33.52 -4.24
N SER C 630 17.52 34.05 -4.18
CA SER C 630 17.81 35.42 -4.54
C SER C 630 19.19 35.48 -5.18
N THR C 631 19.42 36.55 -5.93
CA THR C 631 20.68 36.76 -6.63
C THR C 631 21.59 37.64 -5.77
N TRP C 632 22.82 37.81 -6.25
CA TRP C 632 23.80 38.56 -5.48
C TRP C 632 23.89 39.99 -5.97
N SER C 633 24.83 40.73 -5.40
CA SER C 633 25.21 42.04 -5.88
C SER C 633 26.62 41.97 -6.43
N ASN C 634 26.86 42.69 -7.52
CA ASN C 634 28.15 42.72 -8.22
C ASN C 634 28.55 41.31 -8.66
N VAL C 635 27.75 40.73 -9.54
CA VAL C 635 28.03 39.45 -10.15
C VAL C 635 28.68 39.72 -11.50
N ASN C 636 29.98 39.45 -11.58
CA ASN C 636 30.69 39.50 -12.86
C ASN C 636 31.09 38.08 -13.21
N THR C 637 30.17 37.35 -13.83
CA THR C 637 30.39 35.99 -14.26
C THR C 637 31.11 35.91 -15.60
N THR C 638 31.41 37.06 -16.21
CA THR C 638 32.08 37.12 -17.50
C THR C 638 33.55 36.74 -17.31
N ASN C 639 33.81 35.43 -17.37
CA ASN C 639 35.13 34.90 -17.10
C ASN C 639 35.21 33.52 -17.73
N GLN C 640 36.43 32.98 -17.84
CA GLN C 640 36.59 31.61 -18.31
C GLN C 640 37.68 30.79 -17.62
N ASP C 641 38.40 31.33 -16.65
CA ASP C 641 39.31 30.48 -15.89
C ASP C 641 38.65 29.97 -14.61
N GLY C 642 37.43 29.44 -14.75
CA GLY C 642 36.69 28.91 -13.64
C GLY C 642 36.84 27.41 -13.52
N LEU C 643 36.29 26.89 -12.41
CA LEU C 643 36.32 25.45 -12.18
C LEU C 643 35.47 24.71 -13.20
N GLN C 644 34.30 25.27 -13.52
CA GLN C 644 33.42 24.72 -14.57
C GLN C 644 33.21 25.84 -15.58
N GLY C 645 34.16 26.03 -16.49
CA GLY C 645 33.98 27.07 -17.46
C GLY C 645 34.22 28.45 -16.87
N SER C 646 33.14 29.17 -16.62
CA SER C 646 33.17 30.53 -16.11
C SER C 646 33.24 30.55 -14.59
N ALA C 647 33.47 31.75 -14.05
CA ALA C 647 33.47 32.01 -12.62
C ALA C 647 33.05 33.46 -12.40
N ASN C 648 32.67 33.77 -11.16
CA ASN C 648 32.19 35.11 -10.82
C ASN C 648 33.35 35.95 -10.30
N LYS C 649 33.62 37.05 -10.98
CA LYS C 649 34.60 38.02 -10.52
C LYS C 649 34.05 38.84 -9.37
N LEU C 650 34.94 39.30 -8.50
CA LEU C 650 34.59 40.26 -7.46
C LEU C 650 35.25 41.59 -7.78
N ASN C 651 34.55 42.68 -7.48
CA ASN C 651 35.15 44.01 -7.45
C ASN C 651 35.01 44.65 -6.08
N GLY C 652 33.82 44.61 -5.49
CA GLY C 652 33.58 45.16 -4.18
C GLY C 652 32.78 44.21 -3.30
N GLU C 653 31.66 44.70 -2.77
CA GLU C 653 30.84 43.87 -1.90
C GLU C 653 29.97 42.93 -2.72
N THR C 654 29.49 41.88 -2.06
CA THR C 654 28.55 40.94 -2.64
C THR C 654 27.54 40.58 -1.57
N LYS C 655 26.25 40.72 -1.89
CA LYS C 655 25.18 40.76 -0.91
C LYS C 655 24.16 39.67 -1.21
N ILE C 656 23.68 38.98 -0.18
CA ILE C 656 22.45 38.21 -0.35
C ILE C 656 21.61 38.38 0.91
N LYS C 657 20.30 38.53 0.70
CA LYS C 657 19.31 38.74 1.74
C LYS C 657 18.28 37.64 1.55
N ILE C 658 18.54 36.48 2.14
CA ILE C 658 17.72 35.28 1.91
C ILE C 658 16.70 35.20 3.04
N PRO C 659 15.40 35.05 2.72
CA PRO C 659 14.35 35.38 3.70
C PRO C 659 14.19 34.36 4.81
N MET C 660 13.39 34.76 5.81
CA MET C 660 13.22 33.93 7.00
C MET C 660 12.29 32.75 6.75
N SER C 661 11.20 32.95 5.99
CA SER C 661 10.12 31.97 5.94
C SER C 661 10.44 30.82 5.00
N GLU C 662 11.27 31.05 3.99
CA GLU C 662 11.72 30.01 3.10
C GLU C 662 12.57 28.97 3.82
N LEU C 663 13.31 29.39 4.84
CA LEU C 663 14.21 28.52 5.59
C LEU C 663 13.42 27.83 6.69
N LYS C 664 13.91 26.68 7.13
CA LYS C 664 13.21 25.91 8.14
C LYS C 664 13.69 26.31 9.53
N PRO C 665 12.80 26.50 10.49
CA PRO C 665 13.18 27.03 11.80
C PRO C 665 13.96 26.05 12.65
N TYR C 666 14.83 26.61 13.50
CA TYR C 666 15.58 25.88 14.52
C TYR C 666 16.41 24.76 13.92
N LYS C 667 17.18 25.13 12.89
CA LYS C 667 18.02 24.19 12.17
C LYS C 667 19.41 24.78 12.05
N ARG C 668 20.28 24.06 11.36
CA ARG C 668 21.68 24.42 11.21
C ARG C 668 22.06 24.30 9.74
N TYR C 669 22.68 25.35 9.21
CA TYR C 669 22.97 25.42 7.78
C TYR C 669 24.42 25.82 7.56
N VAL C 670 24.96 25.35 6.44
CA VAL C 670 26.35 25.58 6.06
C VAL C 670 26.38 26.30 4.72
N PHE C 671 27.11 27.42 4.68
CA PHE C 671 27.41 28.16 3.46
C PHE C 671 28.81 27.80 3.01
N SER C 672 28.93 27.21 1.82
CA SER C 672 30.22 26.78 1.30
C SER C 672 30.45 27.41 -0.07
N GLY C 673 31.73 27.62 -0.38
CA GLY C 673 32.07 28.25 -1.65
C GLY C 673 33.51 28.01 -2.02
N TYR C 674 33.85 28.40 -3.26
CA TYR C 674 35.21 28.30 -3.75
C TYR C 674 35.74 29.69 -4.11
N SER C 675 36.88 30.04 -3.53
CA SER C 675 37.53 31.31 -3.81
C SER C 675 38.95 31.07 -4.32
N LYS C 676 39.27 31.68 -5.45
CA LYS C 676 40.60 31.56 -6.05
C LYS C 676 41.17 32.96 -6.20
N ASP C 677 42.47 33.08 -5.99
CA ASP C 677 43.06 34.40 -6.14
C ASP C 677 44.44 34.33 -6.78
N PRO C 678 44.61 34.78 -8.03
CA PRO C 678 45.92 34.80 -8.67
C PRO C 678 46.79 35.97 -8.21
N LEU C 679 46.87 36.15 -6.89
CA LEU C 679 47.65 37.21 -6.29
C LEU C 679 48.30 36.65 -5.03
N THR C 680 49.10 37.48 -4.36
CA THR C 680 49.89 36.98 -3.23
C THR C 680 49.06 36.89 -1.95
N SER C 681 48.57 38.02 -1.45
CA SER C 681 47.95 38.05 -0.14
C SER C 681 46.67 38.88 -0.12
N ASN C 682 46.02 39.01 -1.27
CA ASN C 682 44.74 39.70 -1.32
C ASN C 682 43.67 38.80 -0.70
N SER C 683 42.96 39.32 0.29
CA SER C 683 42.10 38.51 1.14
C SER C 683 40.68 39.06 1.12
N ILE C 684 39.76 38.33 1.80
CA ILE C 684 38.36 38.68 1.86
C ILE C 684 37.87 38.54 3.30
N ILE C 685 36.74 39.17 3.57
CA ILE C 685 36.05 39.02 4.85
C ILE C 685 34.59 38.67 4.58
N VAL C 686 34.07 37.74 5.37
CA VAL C 686 32.66 37.33 5.26
C VAL C 686 31.94 37.72 6.54
N LYS C 687 30.62 37.89 6.42
CA LYS C 687 29.80 38.17 7.58
C LYS C 687 28.45 37.50 7.37
N ILE C 688 28.10 36.58 8.27
CA ILE C 688 26.80 35.92 8.26
C ILE C 688 25.99 36.52 9.40
N LYS C 689 25.04 37.38 9.06
CA LYS C 689 24.22 38.08 10.03
C LYS C 689 22.89 37.36 10.17
N ALA C 690 22.68 36.80 11.36
CA ALA C 690 21.45 36.13 11.75
C ALA C 690 21.31 36.32 13.26
N LYS C 691 20.49 35.47 13.89
CA LYS C 691 20.44 35.48 15.35
C LYS C 691 21.77 35.02 15.96
N GLU C 692 22.50 34.15 15.27
CA GLU C 692 23.86 33.78 15.63
C GLU C 692 24.75 34.30 14.49
N GLU C 693 25.13 35.56 14.59
CA GLU C 693 25.92 36.20 13.54
C GLU C 693 27.40 35.97 13.78
N LYS C 694 28.19 36.14 12.72
CA LYS C 694 29.63 35.97 12.81
C LYS C 694 30.30 36.78 11.70
N THR C 695 31.53 37.19 11.98
CA THR C 695 32.39 37.86 11.01
C THR C 695 33.72 37.12 10.97
N ASP C 696 34.15 36.76 9.76
CA ASP C 696 35.32 35.90 9.62
C ASP C 696 36.23 36.46 8.53
N TYR C 697 37.51 36.09 8.64
CA TYR C 697 38.56 36.51 7.72
C TYR C 697 39.03 35.30 6.93
N LEU C 698 39.16 35.47 5.61
CA LEU C 698 39.60 34.37 4.76
C LEU C 698 40.70 34.87 3.83
N VAL C 699 41.73 34.06 3.66
CA VAL C 699 42.83 34.35 2.74
C VAL C 699 42.79 33.31 1.61
N PRO C 700 42.53 33.72 0.38
CA PRO C 700 42.66 32.79 -0.75
C PRO C 700 44.05 32.85 -1.35
N GLU C 701 44.35 31.92 -2.26
CA GLU C 701 45.67 31.86 -2.88
C GLU C 701 45.56 31.45 -4.34
N GLN C 702 46.71 31.11 -4.95
CA GLN C 702 46.76 30.78 -6.37
C GLN C 702 45.87 29.60 -6.71
N GLY C 703 45.73 28.64 -5.79
CA GLY C 703 44.80 27.54 -5.96
C GLY C 703 43.40 27.88 -5.48
N TYR C 704 42.46 27.04 -5.88
CA TYR C 704 41.08 27.18 -5.44
C TYR C 704 40.96 26.82 -3.95
N THR C 705 40.10 27.52 -3.24
CA THR C 705 39.91 27.33 -1.81
C THR C 705 38.45 27.03 -1.51
N LYS C 706 38.20 25.87 -0.90
CA LYS C 706 36.87 25.56 -0.38
C LYS C 706 36.74 26.09 1.04
N PHE C 707 35.72 26.89 1.27
CA PHE C 707 35.47 27.44 2.59
C PHE C 707 34.02 27.19 2.98
N SER C 708 33.82 26.98 4.28
CA SER C 708 32.49 26.69 4.81
C SER C 708 32.30 27.46 6.11
N TYR C 709 31.11 28.02 6.28
CA TYR C 709 30.76 28.79 7.47
C TYR C 709 29.35 28.44 7.91
N GLU C 710 29.17 28.31 9.22
CA GLU C 710 27.94 27.79 9.80
C GLU C 710 27.04 28.92 10.27
N PHE C 711 25.73 28.62 10.33
CA PHE C 711 24.78 29.49 11.01
C PHE C 711 23.58 28.68 11.43
N GLU C 712 22.83 29.20 12.40
CA GLU C 712 21.69 28.52 12.96
C GLU C 712 20.41 29.29 12.65
N THR C 713 19.34 28.56 12.35
CA THR C 713 18.04 29.15 12.15
C THR C 713 17.25 29.12 13.45
N THR C 714 16.22 29.96 13.53
CA THR C 714 15.26 29.96 14.62
C THR C 714 13.88 30.14 14.01
N GLU C 715 12.88 30.38 14.86
CA GLU C 715 11.50 30.52 14.44
C GLU C 715 11.32 31.76 13.56
N LYS C 716 10.19 31.78 12.84
CA LYS C 716 10.02 32.62 11.66
C LYS C 716 9.65 34.07 11.97
N ASP C 717 9.48 34.44 13.24
CA ASP C 717 9.10 35.80 13.59
C ASP C 717 10.31 36.73 13.70
N SER C 718 11.44 36.33 13.15
CA SER C 718 12.66 37.11 13.14
C SER C 718 12.76 37.90 11.83
N SER C 719 13.89 38.54 11.63
CA SER C 719 14.16 39.26 10.38
C SER C 719 14.68 38.29 9.33
N ASN C 720 15.17 38.83 8.22
CA ASN C 720 15.73 38.02 7.15
C ASN C 720 17.16 37.59 7.50
N ILE C 721 17.78 36.88 6.56
CA ILE C 721 19.12 36.31 6.76
C ILE C 721 20.08 37.06 5.84
N GLU C 722 21.14 37.64 6.42
CA GLU C 722 22.09 38.44 5.67
C GLU C 722 23.39 37.65 5.49
N ILE C 723 23.91 37.64 4.28
CA ILE C 723 25.27 37.16 4.03
C ILE C 723 25.98 38.20 3.18
N THR C 724 27.06 38.76 3.72
CA THR C 724 27.84 39.80 3.05
C THR C 724 29.26 39.30 2.84
N LEU C 725 29.82 39.59 1.68
CA LEU C 725 31.22 39.28 1.39
C LEU C 725 31.90 40.54 0.89
N ILE C 726 32.97 40.96 1.57
CA ILE C 726 33.74 42.12 1.18
C ILE C 726 35.10 41.64 0.70
N GLY C 727 35.37 41.87 -0.60
CA GLY C 727 36.64 41.54 -1.20
C GLY C 727 37.46 42.76 -1.54
N SER C 728 38.47 42.54 -2.39
CA SER C 728 39.35 43.61 -2.81
C SER C 728 39.57 43.56 -4.32
N GLY C 729 38.59 43.03 -5.04
CA GLY C 729 38.57 43.12 -6.49
C GLY C 729 39.43 42.13 -7.24
N THR C 730 40.14 41.24 -6.55
CA THR C 730 41.03 40.32 -7.23
C THR C 730 40.56 38.88 -7.02
N THR C 731 39.95 38.63 -5.88
CA THR C 731 39.45 37.30 -5.56
C THR C 731 38.26 36.94 -6.43
N TYR C 732 38.18 35.67 -6.82
CA TYR C 732 37.16 35.18 -7.71
C TYR C 732 36.38 34.07 -7.04
N LEU C 733 35.06 34.11 -7.18
CA LEU C 733 34.16 33.20 -6.49
C LEU C 733 33.47 32.29 -7.49
N ASP C 734 33.36 31.01 -7.10
CA ASP C 734 32.74 30.01 -7.95
C ASP C 734 32.15 28.90 -7.08
N ASN C 735 31.06 28.33 -7.60
CA ASN C 735 30.41 27.12 -7.07
C ASN C 735 29.99 27.30 -5.61
N LEU C 736 29.06 28.23 -5.40
CA LEU C 736 28.57 28.56 -4.08
C LEU C 736 27.34 27.72 -3.76
N SER C 737 27.35 27.05 -2.61
CA SER C 737 26.27 26.17 -2.21
C SER C 737 25.86 26.45 -0.77
N ILE C 738 24.60 26.15 -0.47
CA ILE C 738 24.05 26.23 0.88
C ILE C 738 23.38 24.89 1.17
N THR C 739 23.75 24.27 2.28
CA THR C 739 23.24 22.96 2.63
C THR C 739 22.70 22.99 4.07
N GLU C 740 21.80 22.05 4.35
CA GLU C 740 21.27 21.86 5.70
C GLU C 740 22.03 20.71 6.36
N LEU C 741 22.17 20.79 7.68
CA LEU C 741 22.92 19.76 8.40
C LEU C 741 22.03 18.97 9.34
N ASN C 742 21.38 19.65 10.30
CA ASN C 742 20.45 19.05 11.24
C ASN C 742 19.67 20.18 11.90
N SER C 743 18.91 19.84 12.94
CA SER C 743 18.06 20.80 13.63
C SER C 743 18.61 21.10 15.01
N THR C 744 18.68 22.40 15.35
CA THR C 744 19.01 22.61 16.75
C THR C 744 17.77 22.46 17.61
N PRO C 745 17.90 21.86 18.79
CA PRO C 745 16.73 21.72 19.67
C PRO C 745 16.35 23.05 20.30
N GLU C 746 15.10 23.44 20.06
CA GLU C 746 14.55 24.64 20.67
C GLU C 746 14.36 24.43 22.16
N ILE C 747 14.50 25.51 22.93
CA ILE C 747 14.34 25.44 24.37
C ILE C 747 12.86 25.52 24.71
N LEU C 748 12.38 24.60 25.53
CA LEU C 748 10.96 24.52 25.84
C LEU C 748 10.72 24.03 27.26
N ASP D 218 49.16 -37.53 -8.35
CA ASP D 218 48.64 -38.41 -9.40
C ASP D 218 47.77 -39.51 -8.81
N LEU D 219 47.82 -39.66 -7.49
CA LEU D 219 47.06 -40.67 -6.78
C LEU D 219 45.97 -40.01 -5.95
N ASP D 220 44.73 -40.47 -6.14
CA ASP D 220 43.58 -39.94 -5.42
C ASP D 220 43.20 -40.89 -4.31
N THR D 221 43.08 -40.37 -3.09
CA THR D 221 42.74 -41.18 -1.93
C THR D 221 41.36 -40.86 -1.39
N ASP D 222 41.07 -39.59 -1.10
CA ASP D 222 39.74 -39.18 -0.67
C ASP D 222 38.84 -39.02 -1.89
N ASN D 223 37.65 -38.45 -1.68
CA ASN D 223 36.84 -37.98 -2.80
C ASN D 223 37.16 -36.52 -3.13
N ASP D 224 38.32 -36.09 -2.66
CA ASP D 224 38.83 -34.75 -2.88
C ASP D 224 39.65 -34.80 -4.16
N ASN D 225 39.40 -33.83 -5.06
CA ASN D 225 40.15 -33.78 -6.31
C ASN D 225 41.62 -33.51 -6.08
N ILE D 226 41.97 -32.97 -4.93
CA ILE D 226 43.37 -32.77 -4.55
C ILE D 226 44.00 -34.13 -4.29
N PRO D 227 45.06 -34.50 -5.01
CA PRO D 227 45.58 -35.87 -4.92
C PRO D 227 46.40 -36.10 -3.65
N ASP D 228 46.90 -37.33 -3.53
CA ASP D 228 47.72 -37.72 -2.39
C ASP D 228 48.99 -36.91 -2.30
N SER D 229 49.65 -36.67 -3.43
CA SER D 229 50.86 -35.86 -3.43
C SER D 229 50.58 -34.38 -3.18
N TYR D 230 49.31 -33.97 -3.25
CA TYR D 230 48.97 -32.55 -3.06
C TYR D 230 48.13 -32.31 -1.81
N GLU D 231 47.49 -33.35 -1.24
CA GLU D 231 46.81 -33.14 0.03
C GLU D 231 47.80 -32.90 1.17
N ARG D 232 49.05 -33.32 0.98
CA ARG D 232 50.17 -32.94 1.83
C ARG D 232 51.20 -32.21 0.98
N ASN D 233 52.13 -31.53 1.65
CA ASN D 233 53.40 -30.97 1.18
C ASN D 233 53.31 -29.94 0.04
N GLY D 234 52.12 -29.63 -0.46
CA GLY D 234 51.94 -28.50 -1.36
C GLY D 234 50.48 -28.32 -1.70
N TYR D 235 49.96 -27.11 -1.53
CA TYR D 235 48.52 -26.94 -1.42
C TYR D 235 48.15 -25.50 -1.82
N THR D 236 47.57 -25.35 -3.00
CA THR D 236 47.02 -24.06 -3.41
C THR D 236 45.80 -24.29 -4.28
N ILE D 237 44.73 -23.53 -4.02
CA ILE D 237 43.57 -23.49 -4.89
C ILE D 237 43.58 -22.16 -5.63
N LYS D 238 43.68 -22.24 -6.95
CA LYS D 238 43.52 -21.07 -7.81
C LYS D 238 42.54 -21.42 -8.90
N ASP D 239 41.50 -20.58 -9.05
CA ASP D 239 40.48 -20.71 -10.09
C ASP D 239 39.84 -22.10 -10.09
N LEU D 240 39.59 -22.63 -8.90
CA LEU D 240 38.97 -23.94 -8.69
C LEU D 240 39.80 -25.09 -9.27
N ILE D 241 41.13 -24.92 -9.35
CA ILE D 241 42.02 -26.06 -9.56
C ILE D 241 43.11 -25.99 -8.49
N ALA D 242 43.76 -27.14 -8.27
CA ALA D 242 44.72 -27.30 -7.20
C ALA D 242 46.11 -27.46 -7.79
N VAL D 243 47.08 -26.75 -7.21
CA VAL D 243 48.46 -26.79 -7.65
C VAL D 243 49.34 -26.88 -6.40
N LYS D 244 50.56 -27.38 -6.60
CA LYS D 244 51.55 -27.47 -5.52
C LYS D 244 52.01 -26.07 -5.13
N TRP D 245 52.75 -25.98 -4.03
CA TRP D 245 53.28 -24.72 -3.54
C TRP D 245 54.77 -24.65 -3.88
N GLU D 246 55.16 -23.61 -4.61
CA GLU D 246 56.57 -23.43 -4.96
C GLU D 246 57.10 -22.06 -4.52
N ASP D 247 56.36 -21.34 -3.67
CA ASP D 247 56.75 -20.05 -3.10
C ASP D 247 57.07 -19.00 -4.17
N SER D 248 56.48 -19.16 -5.36
CA SER D 248 56.52 -18.13 -6.40
C SER D 248 55.38 -17.14 -6.25
N PHE D 249 54.50 -17.39 -5.28
CA PHE D 249 53.18 -16.76 -5.20
C PHE D 249 52.65 -16.65 -3.77
N ALA D 250 53.54 -16.44 -2.79
CA ALA D 250 53.12 -16.26 -1.40
C ALA D 250 52.56 -14.87 -1.15
N GLU D 251 53.07 -13.85 -1.83
CA GLU D 251 52.80 -12.46 -1.51
C GLU D 251 51.64 -11.86 -2.31
N GLN D 252 51.02 -12.65 -3.18
CA GLN D 252 49.84 -12.23 -3.95
C GLN D 252 48.55 -12.73 -3.33
N GLY D 253 48.45 -12.71 -2.01
CA GLY D 253 47.20 -13.03 -1.34
C GLY D 253 46.84 -14.49 -1.36
N TYR D 254 47.80 -15.36 -1.63
CA TYR D 254 47.57 -16.79 -1.65
C TYR D 254 48.34 -17.42 -0.49
N LYS D 255 47.61 -18.10 0.39
CA LYS D 255 48.21 -18.70 1.56
C LYS D 255 48.44 -20.18 1.31
N LYS D 256 49.47 -20.71 1.94
CA LYS D 256 49.80 -22.13 1.85
C LYS D 256 49.03 -22.87 2.93
N TYR D 257 48.51 -24.04 2.58
CA TYR D 257 47.76 -24.85 3.51
C TYR D 257 48.29 -26.27 3.49
N VAL D 258 47.56 -27.15 4.19
CA VAL D 258 47.84 -28.57 4.25
C VAL D 258 46.60 -29.27 4.79
N SER D 259 46.29 -30.43 4.22
CA SER D 259 45.05 -31.12 4.53
C SER D 259 45.36 -32.57 4.91
N ASN D 260 44.32 -33.30 5.31
CA ASN D 260 44.44 -34.74 5.42
C ASN D 260 44.42 -35.35 4.02
N TYR D 261 44.83 -36.59 3.92
CA TYR D 261 44.55 -37.40 2.75
C TYR D 261 43.79 -38.66 3.11
N LEU D 262 43.43 -38.85 4.37
CA LEU D 262 42.61 -39.97 4.81
C LEU D 262 41.14 -39.62 4.93
N GLU D 263 40.81 -38.35 5.15
CA GLU D 263 39.43 -37.91 5.23
C GLU D 263 39.20 -36.73 4.29
N SER D 264 38.00 -36.70 3.71
CA SER D 264 37.61 -35.57 2.88
C SER D 264 37.54 -34.28 3.69
N ASN D 265 36.80 -34.31 4.80
CA ASN D 265 36.70 -33.17 5.69
C ASN D 265 37.94 -33.15 6.56
N THR D 266 38.90 -32.31 6.20
CA THR D 266 40.11 -32.17 7.01
C THR D 266 39.79 -31.67 8.41
N ALA D 267 38.80 -30.81 8.54
CA ALA D 267 38.32 -30.43 9.86
C ALA D 267 37.08 -31.25 10.19
N GLY D 268 36.49 -31.02 11.36
CA GLY D 268 35.22 -31.63 11.70
C GLY D 268 34.02 -30.95 11.08
N ASP D 269 34.27 -29.98 10.20
CA ASP D 269 33.23 -29.21 9.58
C ASP D 269 32.46 -30.07 8.57
N PRO D 270 31.26 -29.64 8.16
CA PRO D 270 30.59 -30.35 7.05
C PRO D 270 31.08 -29.89 5.69
N TYR D 271 32.40 -29.75 5.53
CA TYR D 271 33.00 -29.31 4.29
C TYR D 271 34.27 -30.11 4.06
N THR D 272 34.45 -30.57 2.82
CA THR D 272 35.74 -31.16 2.48
C THR D 272 36.79 -30.05 2.44
N ASP D 273 38.05 -30.46 2.45
CA ASP D 273 39.13 -29.51 2.27
C ASP D 273 39.03 -28.81 0.91
N TYR D 274 38.51 -29.51 -0.10
CA TYR D 274 38.21 -28.85 -1.35
C TYR D 274 37.03 -27.89 -1.22
N GLU D 275 35.98 -28.31 -0.50
CA GLU D 275 34.78 -27.50 -0.39
C GLU D 275 34.99 -26.21 0.38
N LYS D 276 35.84 -26.23 1.41
CA LYS D 276 35.99 -25.10 2.31
C LYS D 276 37.10 -24.15 1.91
N ALA D 277 38.03 -24.57 1.06
CA ALA D 277 39.21 -23.77 0.74
C ALA D 277 39.17 -23.19 -0.66
N SER D 278 38.13 -23.47 -1.43
CA SER D 278 38.07 -23.05 -2.82
C SER D 278 37.06 -21.94 -3.08
N GLY D 279 36.37 -21.45 -2.06
CA GLY D 279 35.19 -20.65 -2.29
C GLY D 279 33.95 -21.45 -2.57
N SER D 280 34.07 -22.79 -2.62
CA SER D 280 32.94 -23.66 -2.96
C SER D 280 32.08 -23.96 -1.73
N PHE D 281 31.68 -22.92 -1.01
CA PHE D 281 30.99 -23.09 0.24
C PHE D 281 30.23 -21.79 0.53
N ASP D 282 29.68 -21.69 1.74
CA ASP D 282 28.88 -20.53 2.10
C ASP D 282 29.76 -19.29 2.19
N LYS D 283 29.33 -18.23 1.50
CA LYS D 283 30.09 -16.99 1.49
C LYS D 283 30.04 -16.26 2.83
N ALA D 284 29.09 -16.60 3.70
CA ALA D 284 29.02 -16.01 5.03
C ALA D 284 30.07 -16.58 5.98
N ILE D 285 30.68 -17.72 5.64
CA ILE D 285 31.74 -18.28 6.46
C ILE D 285 33.00 -17.44 6.28
N LYS D 286 33.68 -17.18 7.40
CA LYS D 286 34.90 -16.38 7.38
C LYS D 286 35.98 -17.06 6.56
N THR D 287 36.75 -16.25 5.82
CA THR D 287 37.85 -16.77 5.01
C THR D 287 39.01 -17.29 5.85
N GLU D 288 39.04 -16.97 7.14
CA GLU D 288 39.96 -17.63 8.04
C GLU D 288 39.61 -19.11 8.24
N ALA D 289 38.36 -19.47 8.00
CA ALA D 289 37.94 -20.86 7.95
C ALA D 289 38.11 -21.47 6.57
N ARG D 290 38.69 -20.73 5.61
CA ARG D 290 39.08 -21.37 4.37
C ARG D 290 40.30 -22.25 4.57
N ASP D 291 41.05 -22.03 5.64
CA ASP D 291 42.13 -22.94 5.98
C ASP D 291 41.54 -24.28 6.36
N PRO D 292 41.98 -25.38 5.72
CA PRO D 292 41.36 -26.68 5.95
C PRO D 292 41.51 -27.21 7.37
N LEU D 293 42.47 -26.71 8.13
CA LEU D 293 42.63 -27.09 9.52
C LEU D 293 41.71 -26.30 10.45
N VAL D 294 41.12 -25.21 9.95
CA VAL D 294 40.22 -24.36 10.73
C VAL D 294 38.80 -24.79 10.46
N ALA D 295 38.09 -25.16 11.52
CA ALA D 295 36.75 -25.73 11.41
C ALA D 295 35.70 -24.65 11.52
N ALA D 296 34.61 -24.82 10.76
CA ALA D 296 33.47 -23.92 10.88
C ALA D 296 32.72 -24.20 12.17
N TYR D 297 32.87 -23.31 13.14
CA TYR D 297 32.36 -23.52 14.49
C TYR D 297 31.81 -22.23 15.07
N PRO D 298 30.49 -22.08 15.13
CA PRO D 298 29.91 -20.81 15.62
C PRO D 298 29.68 -20.81 17.12
N ILE D 299 30.07 -19.75 17.80
CA ILE D 299 29.80 -19.60 19.22
C ILE D 299 28.99 -18.32 19.42
N VAL D 300 27.76 -18.46 19.89
CA VAL D 300 26.85 -17.35 20.10
C VAL D 300 26.78 -17.04 21.58
N GLY D 301 27.12 -15.80 21.94
CA GLY D 301 27.00 -15.34 23.30
C GLY D 301 26.01 -14.19 23.39
N VAL D 302 25.71 -13.81 24.63
CA VAL D 302 24.72 -12.79 24.92
C VAL D 302 25.37 -11.61 25.61
N GLY D 303 25.32 -10.46 24.97
CA GLY D 303 25.70 -9.21 25.56
C GLY D 303 24.60 -8.70 26.48
N MET D 304 25.03 -8.16 27.61
CA MET D 304 24.14 -7.56 28.60
C MET D 304 24.33 -6.04 28.61
N GLU D 305 23.21 -5.33 28.53
CA GLU D 305 23.33 -3.89 28.30
C GLU D 305 22.69 -3.04 29.39
N LYS D 306 21.44 -3.32 29.78
CA LYS D 306 20.79 -2.46 30.75
C LYS D 306 19.94 -3.31 31.70
N LEU D 307 20.13 -3.09 33.00
CA LEU D 307 19.42 -3.83 34.03
C LEU D 307 18.35 -2.93 34.63
N ILE D 308 17.09 -3.29 34.42
CA ILE D 308 15.97 -2.53 34.96
C ILE D 308 15.22 -3.39 35.95
N ILE D 309 15.00 -2.87 37.15
CA ILE D 309 14.35 -3.58 38.24
C ILE D 309 13.00 -2.93 38.48
N SER D 310 11.95 -3.73 38.39
CA SER D 310 10.59 -3.25 38.62
C SER D 310 9.86 -4.27 39.50
N THR D 311 8.87 -3.78 40.24
CA THR D 311 8.20 -4.57 41.27
C THR D 311 6.83 -5.09 40.80
N ASN D 312 6.58 -5.05 39.50
CA ASN D 312 5.28 -5.46 38.97
C ASN D 312 5.42 -6.75 38.17
N GLU D 313 4.28 -7.26 37.70
CA GLU D 313 4.22 -8.48 36.90
C GLU D 313 3.83 -8.23 35.45
N HIS D 314 2.95 -7.27 35.18
CA HIS D 314 2.46 -7.03 33.83
C HIS D 314 3.57 -6.53 32.91
N ALA D 315 4.43 -5.66 33.39
CA ALA D 315 5.53 -5.14 32.59
C ALA D 315 6.69 -4.71 33.47
N GLN D 319 2.49 -0.19 37.32
CA GLN D 319 3.54 0.71 37.79
C GLN D 319 4.20 0.17 39.05
N GLY D 320 5.14 0.93 39.60
CA GLY D 320 5.83 0.53 40.82
C GLY D 320 7.18 1.20 40.90
N LYS D 321 7.94 0.78 41.90
CA LYS D 321 9.27 1.35 42.16
C LYS D 321 10.30 0.64 41.31
N THR D 322 10.93 1.40 40.40
CA THR D 322 11.87 0.84 39.44
C THR D 322 13.20 1.55 39.55
N VAL D 323 14.26 0.83 39.23
CA VAL D 323 15.59 1.42 39.03
C VAL D 323 16.13 0.93 37.70
N SER D 324 17.08 1.67 37.14
CA SER D 324 17.70 1.32 35.87
C SER D 324 19.20 1.56 35.99
N ARG D 325 19.98 0.57 35.59
CA ARG D 325 21.42 0.58 35.80
C ARG D 325 22.11 0.12 34.52
N ALA D 326 23.33 0.62 34.34
CA ALA D 326 24.13 0.34 33.14
C ALA D 326 25.08 -0.81 33.43
N THR D 327 24.95 -1.88 32.65
CA THR D 327 25.74 -3.08 32.81
C THR D 327 26.51 -3.40 31.54
N THR D 328 27.73 -3.88 31.73
CA THR D 328 28.62 -4.27 30.65
C THR D 328 28.97 -5.74 30.78
N ASN D 329 28.95 -6.44 29.65
CA ASN D 329 29.24 -7.86 29.61
C ASN D 329 30.69 -8.08 29.20
N SER D 330 31.38 -8.95 29.94
CA SER D 330 32.71 -9.41 29.57
C SER D 330 32.61 -10.89 29.21
N LYS D 331 33.10 -11.22 28.02
CA LYS D 331 33.10 -12.60 27.54
C LYS D 331 34.14 -13.43 28.29
N THR D 332 35.40 -13.04 28.14
CA THR D 332 36.52 -13.72 28.79
C THR D 332 36.86 -12.93 30.05
N GLU D 333 36.03 -13.11 31.07
CA GLU D 333 36.33 -12.61 32.40
C GLU D 333 36.61 -13.73 33.38
N SER D 334 35.80 -14.79 33.35
CA SER D 334 36.00 -15.93 34.23
C SER D 334 37.20 -16.77 33.84
N ASN D 335 37.51 -16.85 32.54
CA ASN D 335 38.70 -17.60 32.10
C ASN D 335 39.97 -16.96 32.65
N THR D 336 40.06 -15.64 32.63
CA THR D 336 41.25 -14.93 33.07
C THR D 336 41.15 -14.44 34.51
N ALA D 337 40.08 -14.80 35.23
CA ALA D 337 39.94 -14.42 36.62
C ALA D 337 40.85 -15.20 37.55
N GLY D 338 41.21 -16.43 37.20
CA GLY D 338 42.03 -17.25 38.07
C GLY D 338 43.50 -17.16 37.73
N VAL D 339 43.87 -16.10 37.02
CA VAL D 339 45.25 -15.90 36.60
C VAL D 339 46.02 -15.27 37.74
N SER D 340 47.02 -15.99 38.23
CA SER D 340 47.92 -15.49 39.26
C SER D 340 49.27 -15.25 38.62
N VAL D 341 49.85 -14.09 38.88
CA VAL D 341 50.96 -13.61 38.11
C VAL D 341 52.22 -13.61 38.98
N ASN D 342 53.27 -14.27 38.49
CA ASN D 342 54.56 -14.27 39.15
C ASN D 342 55.34 -13.03 38.73
N VAL D 343 55.98 -12.40 39.71
CA VAL D 343 56.91 -11.32 39.39
C VAL D 343 58.13 -11.88 38.66
N GLY D 344 58.65 -13.01 39.12
CA GLY D 344 59.72 -13.69 38.42
C GLY D 344 59.22 -14.98 37.82
N TYR D 345 59.43 -15.11 36.51
CA TYR D 345 58.95 -16.25 35.76
C TYR D 345 60.04 -17.31 35.65
N GLN D 346 59.78 -18.47 36.26
CA GLN D 346 60.72 -19.58 36.21
C GLN D 346 60.76 -20.19 34.83
N ASN D 347 61.94 -20.72 34.48
CA ASN D 347 62.20 -21.49 33.26
C ASN D 347 61.91 -20.60 32.05
N GLY D 348 61.54 -21.20 30.92
CA GLY D 348 61.01 -20.47 29.79
C GLY D 348 59.54 -20.16 29.90
N PHE D 349 58.91 -20.50 31.02
CA PHE D 349 57.49 -20.22 31.24
C PHE D 349 57.33 -18.74 31.52
N THR D 350 57.13 -17.96 30.47
CA THR D 350 56.90 -16.53 30.58
C THR D 350 55.41 -16.21 30.63
N ALA D 351 54.62 -17.13 31.18
CA ALA D 351 53.18 -17.00 31.23
C ALA D 351 52.68 -17.45 32.60
N ASN D 352 51.36 -17.45 32.74
CA ASN D 352 50.71 -17.80 33.99
C ASN D 352 49.74 -18.97 33.81
N VAL D 353 49.21 -19.45 34.93
CA VAL D 353 48.24 -20.52 34.96
C VAL D 353 46.95 -19.96 35.52
N THR D 354 45.89 -19.98 34.72
CA THR D 354 44.58 -19.67 35.27
C THR D 354 44.08 -20.87 36.06
N THR D 355 43.32 -20.60 37.10
CA THR D 355 42.66 -21.68 37.83
C THR D 355 41.61 -22.35 36.95
N ASN D 356 40.87 -21.57 36.19
CA ASN D 356 39.76 -22.06 35.39
C ASN D 356 39.84 -21.51 33.97
N TYR D 357 39.47 -22.35 33.02
CA TYR D 357 39.36 -21.96 31.62
C TYR D 357 37.90 -22.01 31.22
N SER D 358 37.38 -20.89 30.73
CA SER D 358 36.02 -20.81 30.24
C SER D 358 36.05 -20.40 28.77
N HIS D 359 35.11 -20.91 28.01
CA HIS D 359 34.99 -20.57 26.60
C HIS D 359 34.33 -19.21 26.45
N THR D 360 33.96 -18.84 25.22
CA THR D 360 33.25 -17.59 24.97
C THR D 360 31.74 -17.74 25.06
N THR D 361 31.26 -18.72 25.83
CA THR D 361 29.83 -18.93 26.03
C THR D 361 29.29 -18.19 27.24
N ASP D 362 30.18 -17.75 28.15
CA ASP D 362 29.75 -17.08 29.37
C ASP D 362 30.00 -15.58 29.29
N ASN D 363 29.26 -14.83 30.11
CA ASN D 363 29.42 -13.39 30.20
C ASN D 363 29.24 -12.94 31.64
N SER D 364 30.04 -11.97 32.05
CA SER D 364 29.99 -11.41 33.39
C SER D 364 29.56 -9.95 33.30
N THR D 365 28.59 -9.57 34.12
CA THR D 365 27.98 -8.25 34.03
C THR D 365 28.49 -7.34 35.14
N ALA D 366 29.08 -6.23 34.76
CA ALA D 366 29.55 -5.21 35.69
C ALA D 366 28.62 -4.01 35.62
N VAL D 367 28.19 -3.53 36.77
CA VAL D 367 27.30 -2.37 36.83
C VAL D 367 28.15 -1.11 36.97
N GLN D 368 27.96 -0.17 36.06
CA GLN D 368 28.83 0.99 35.94
C GLN D 368 28.32 2.20 36.73
N ASP D 369 27.07 2.59 36.53
CA ASP D 369 26.52 3.79 37.15
C ASP D 369 26.28 3.52 38.63
N SER D 370 27.38 3.59 39.38
CA SER D 370 27.39 3.13 40.78
C SER D 370 27.98 4.21 41.67
N ASN D 371 27.12 5.08 42.20
CA ASN D 371 27.49 5.88 43.35
C ASN D 371 27.29 5.05 44.62
N GLY D 372 27.76 5.58 45.75
CA GLY D 372 27.55 4.86 47.00
C GLY D 372 26.09 4.88 47.41
N GLU D 373 25.40 3.77 47.17
CA GLU D 373 23.98 3.63 47.45
C GLU D 373 23.55 2.17 47.30
N SER D 374 22.89 1.62 48.31
CA SER D 374 22.46 0.23 48.24
C SER D 374 21.30 0.04 47.29
N TRP D 375 21.24 -1.14 46.67
CA TRP D 375 20.10 -1.49 45.82
C TRP D 375 18.82 -1.59 46.63
N ASN D 376 18.92 -2.01 47.90
CA ASN D 376 17.73 -2.26 48.71
C ASN D 376 17.02 -0.98 49.09
N THR D 377 17.75 0.13 49.23
CA THR D 377 17.15 1.40 49.61
C THR D 377 16.22 1.92 48.52
N GLY D 378 16.60 1.75 47.26
CA GLY D 378 15.77 2.20 46.16
C GLY D 378 14.54 1.36 45.88
N LEU D 379 14.43 0.20 46.52
CA LEU D 379 13.25 -0.66 46.40
C LEU D 379 12.52 -0.85 47.72
N SER D 380 13.17 -0.56 48.86
CA SER D 380 12.58 -0.57 50.20
C SER D 380 11.98 -1.94 50.55
N ILE D 381 12.87 -2.92 50.55
CA ILE D 381 12.51 -4.31 50.82
C ILE D 381 12.88 -4.63 52.26
N ASN D 382 11.89 -5.01 53.07
CA ASN D 382 12.14 -5.17 54.51
C ASN D 382 12.46 -6.62 54.88
N LYS D 383 11.51 -7.53 54.70
CA LYS D 383 11.68 -8.86 55.28
C LYS D 383 11.76 -9.99 54.24
N GLY D 384 10.70 -10.17 53.46
CA GLY D 384 10.64 -11.34 52.60
C GLY D 384 10.40 -11.12 51.13
N GLU D 385 9.71 -10.03 50.77
CA GLU D 385 9.28 -9.85 49.40
C GLU D 385 10.45 -9.37 48.55
N SER D 386 10.21 -9.20 47.25
CA SER D 386 11.21 -8.67 46.35
C SER D 386 10.51 -8.19 45.07
N ALA D 387 11.28 -7.52 44.21
CA ALA D 387 10.79 -7.05 42.93
C ALA D 387 11.05 -8.11 41.85
N TYR D 388 10.76 -7.77 40.61
CA TYR D 388 11.12 -8.60 39.47
C TYR D 388 12.28 -7.95 38.72
N ILE D 389 12.91 -8.73 37.84
CA ILE D 389 14.11 -8.30 37.15
C ILE D 389 13.87 -8.37 35.64
N ASN D 390 14.24 -7.30 34.94
CA ASN D 390 14.13 -7.21 33.48
C ASN D 390 15.46 -6.70 32.92
N ALA D 391 15.73 -7.04 31.67
CA ALA D 391 17.09 -6.97 31.15
C ALA D 391 17.09 -6.45 29.72
N ASN D 392 18.25 -5.97 29.28
CA ASN D 392 18.52 -5.67 27.88
C ASN D 392 19.63 -6.59 27.38
N VAL D 393 19.37 -7.29 26.28
CA VAL D 393 20.29 -8.29 25.77
C VAL D 393 20.56 -8.05 24.29
N ARG D 394 21.73 -8.51 23.86
CA ARG D 394 22.10 -8.62 22.47
C ARG D 394 22.72 -9.98 22.25
N TYR D 395 22.72 -10.45 21.01
CA TYR D 395 22.96 -11.86 20.71
C TYR D 395 24.03 -11.97 19.62
N TYR D 396 25.30 -11.97 20.02
CA TYR D 396 26.40 -11.95 19.08
C TYR D 396 26.86 -13.37 18.76
N ASN D 397 27.49 -13.52 17.60
CA ASN D 397 28.14 -14.78 17.22
C ASN D 397 29.64 -14.51 17.15
N THR D 398 30.42 -15.40 17.76
CA THR D 398 31.88 -15.31 17.70
C THR D 398 32.42 -16.68 17.28
N GLY D 399 32.50 -16.89 15.98
CA GLY D 399 32.99 -18.16 15.47
C GLY D 399 33.12 -18.10 13.96
N THR D 400 33.74 -19.13 13.40
CA THR D 400 33.99 -19.18 11.96
C THR D 400 32.87 -19.87 11.20
N ALA D 401 31.62 -19.47 11.47
CA ALA D 401 30.48 -20.19 10.92
C ALA D 401 29.21 -19.37 11.10
N PRO D 402 28.20 -19.51 10.21
CA PRO D 402 26.96 -18.77 10.38
C PRO D 402 25.92 -19.50 11.21
N MET D 403 24.73 -18.91 11.35
CA MET D 403 23.72 -19.35 12.30
C MET D 403 22.34 -18.99 11.77
N TYR D 404 21.45 -19.99 11.67
CA TYR D 404 20.14 -19.72 11.07
C TYR D 404 18.96 -19.88 12.01
N LYS D 405 18.68 -21.08 12.50
CA LYS D 405 17.43 -21.32 13.21
C LYS D 405 17.70 -21.20 14.70
N VAL D 406 17.96 -19.96 15.12
CA VAL D 406 18.60 -19.68 16.39
C VAL D 406 17.69 -20.10 17.54
N THR D 407 18.10 -21.14 18.25
CA THR D 407 17.35 -21.63 19.41
C THR D 407 18.32 -21.77 20.58
N PRO D 408 18.68 -20.66 21.22
CA PRO D 408 19.60 -20.72 22.35
C PRO D 408 18.88 -20.80 23.68
N THR D 409 19.56 -21.44 24.63
CA THR D 409 19.16 -21.46 26.02
C THR D 409 20.23 -20.73 26.81
N THR D 410 19.82 -19.74 27.61
CA THR D 410 20.80 -18.92 28.32
C THR D 410 20.36 -18.75 29.76
N ASN D 411 21.24 -19.13 30.67
CA ASN D 411 20.94 -19.06 32.09
C ASN D 411 21.41 -17.73 32.68
N LEU D 412 20.57 -17.17 33.54
CA LEU D 412 20.78 -15.91 34.22
C LEU D 412 21.12 -16.26 35.67
N VAL D 413 22.40 -16.46 35.93
CA VAL D 413 22.87 -17.07 37.17
C VAL D 413 23.42 -16.00 38.09
N LEU D 414 22.97 -16.01 39.34
CA LEU D 414 23.55 -15.18 40.40
C LEU D 414 24.12 -16.16 41.42
N ASP D 415 25.46 -16.24 41.45
CA ASP D 415 26.36 -17.13 42.21
C ASP D 415 25.77 -18.52 42.48
N GLY D 416 25.24 -19.14 41.42
CA GLY D 416 24.61 -20.44 41.52
C GLY D 416 23.10 -20.40 41.48
N ASP D 417 22.48 -19.28 41.85
CA ASP D 417 21.03 -19.15 41.78
C ASP D 417 20.70 -18.67 40.38
N THR D 418 20.39 -19.62 39.49
CA THR D 418 19.95 -19.30 38.15
C THR D 418 18.57 -18.66 38.22
N LEU D 419 18.50 -17.35 38.00
CA LEU D 419 17.25 -16.63 38.20
C LEU D 419 16.25 -16.96 37.10
N SER D 420 16.74 -17.29 35.91
CA SER D 420 15.89 -17.73 34.82
C SER D 420 16.72 -18.47 33.79
N THR D 421 16.04 -19.25 32.97
CA THR D 421 16.61 -19.77 31.73
C THR D 421 15.84 -19.12 30.59
N ILE D 422 16.42 -18.09 30.00
CA ILE D 422 15.78 -17.34 28.93
C ILE D 422 16.07 -18.02 27.61
N LYS D 423 15.03 -18.15 26.81
CA LYS D 423 15.12 -18.69 25.46
C LYS D 423 14.83 -17.55 24.50
N ALA D 424 15.66 -17.42 23.49
CA ALA D 424 15.52 -16.31 22.56
C ALA D 424 14.40 -16.51 21.56
N GLN D 425 13.91 -17.74 21.44
CA GLN D 425 12.89 -18.18 20.45
C GLN D 425 13.43 -17.85 19.06
N GLU D 426 12.57 -17.58 18.08
CA GLU D 426 13.00 -17.28 16.72
C GLU D 426 12.40 -16.00 16.20
N ASN D 427 11.18 -15.66 16.62
CA ASN D 427 10.50 -14.44 16.19
C ASN D 427 11.24 -13.18 16.63
N GLN D 428 11.78 -13.16 17.84
CA GLN D 428 12.57 -12.03 18.32
C GLN D 428 14.00 -12.06 17.81
N ILE D 429 14.30 -12.93 16.83
CA ILE D 429 15.65 -13.10 16.33
C ILE D 429 15.75 -12.77 14.84
N GLY D 430 14.81 -13.26 14.05
CA GLY D 430 15.03 -13.44 12.63
C GLY D 430 15.91 -14.65 12.38
N ASN D 431 15.67 -15.31 11.25
CA ASN D 431 16.25 -16.63 11.02
C ASN D 431 17.67 -16.58 10.52
N ASN D 432 18.43 -15.54 10.87
CA ASN D 432 19.84 -15.45 10.55
C ASN D 432 20.57 -14.76 11.69
N LEU D 433 21.82 -15.19 11.92
CA LEU D 433 22.79 -14.50 12.77
C LEU D 433 24.17 -14.74 12.18
N SER D 434 24.71 -13.72 11.52
CA SER D 434 26.01 -13.84 10.88
C SER D 434 27.12 -13.92 11.94
N PRO D 435 28.27 -14.50 11.59
CA PRO D 435 29.43 -14.42 12.48
C PRO D 435 29.87 -12.98 12.68
N GLY D 436 30.11 -12.63 13.94
CA GLY D 436 30.50 -11.26 14.26
C GLY D 436 29.37 -10.27 14.28
N ASP D 437 28.12 -10.71 14.52
CA ASP D 437 26.98 -9.82 14.53
C ASP D 437 26.06 -10.14 15.71
N THR D 438 25.65 -9.10 16.42
CA THR D 438 24.63 -9.22 17.44
C THR D 438 23.25 -9.36 16.79
N TYR D 439 22.23 -9.61 17.60
CA TYR D 439 20.89 -9.60 17.03
C TYR D 439 20.50 -8.15 16.70
N PRO D 440 20.65 -7.17 17.61
CA PRO D 440 20.57 -5.79 17.13
C PRO D 440 21.84 -5.47 16.38
N LYS D 441 21.75 -5.41 15.06
CA LYS D 441 22.92 -5.31 14.20
C LYS D 441 23.60 -3.97 14.43
N LYS D 442 24.69 -4.01 15.20
CA LYS D 442 25.58 -2.88 15.45
C LYS D 442 24.78 -1.82 16.19
N GLY D 443 24.53 -0.65 15.61
CA GLY D 443 23.88 0.43 16.34
C GLY D 443 22.37 0.37 16.30
N LEU D 444 21.77 -0.18 17.36
CA LEU D 444 20.32 -0.31 17.49
C LEU D 444 19.98 -0.23 18.97
N SER D 445 18.79 -0.69 19.30
CA SER D 445 18.46 -0.92 20.70
C SER D 445 18.58 -2.41 21.02
N PRO D 446 19.08 -2.76 22.21
CA PRO D 446 19.15 -4.18 22.58
C PRO D 446 17.77 -4.79 22.77
N LEU D 447 17.70 -6.09 22.56
CA LEU D 447 16.43 -6.83 22.63
C LEU D 447 16.00 -6.90 24.10
N ALA D 448 14.71 -6.70 24.35
CA ALA D 448 14.19 -6.72 25.71
C ALA D 448 13.29 -7.93 25.93
N LEU D 449 13.13 -8.28 27.22
CA LEU D 449 12.40 -9.50 27.61
C LEU D 449 10.95 -9.19 27.96
N ASN D 450 10.24 -8.61 27.00
CA ASN D 450 8.80 -8.48 27.08
C ASN D 450 8.10 -8.85 25.78
N THR D 451 8.83 -9.43 24.82
CA THR D 451 8.25 -9.80 23.54
C THR D 451 8.35 -11.31 23.34
N SER D 457 9.33 -15.08 27.74
CA SER D 457 8.71 -13.95 27.07
C SER D 457 7.97 -13.05 28.05
N ARG D 458 8.22 -13.28 29.35
CA ARG D 458 7.61 -12.49 30.40
C ARG D 458 8.66 -12.14 31.43
N LEU D 459 8.20 -11.58 32.55
CA LEU D 459 9.12 -11.06 33.55
C LEU D 459 9.81 -12.17 34.32
N ILE D 460 10.95 -11.81 34.90
CA ILE D 460 11.81 -12.73 35.65
C ILE D 460 11.77 -12.33 37.12
N PRO D 461 11.58 -13.27 38.05
CA PRO D 461 11.55 -12.88 39.46
C PRO D 461 12.92 -12.96 40.14
N ILE D 462 12.97 -12.43 41.35
CA ILE D 462 14.12 -12.52 42.24
C ILE D 462 13.56 -12.47 43.66
N ASN D 463 14.38 -12.85 44.64
CA ASN D 463 13.96 -12.95 46.02
C ASN D 463 14.98 -12.29 46.93
N TYR D 464 14.52 -11.90 48.13
CA TYR D 464 15.34 -11.11 49.06
C TYR D 464 16.30 -12.01 49.84
N ASP D 465 17.18 -12.66 49.09
CA ASP D 465 18.42 -13.19 49.62
C ASP D 465 19.51 -12.74 48.66
N GLN D 466 19.10 -12.53 47.41
CA GLN D 466 19.95 -12.05 46.35
C GLN D 466 20.00 -10.53 46.25
N LEU D 467 19.10 -9.83 46.95
CA LEU D 467 19.07 -8.38 46.86
C LEU D 467 20.29 -7.77 47.54
N LYS D 468 20.61 -8.23 48.74
CA LYS D 468 21.85 -7.82 49.39
C LYS D 468 23.06 -8.51 48.78
N LYS D 469 22.89 -9.72 48.26
CA LYS D 469 23.96 -10.43 47.58
C LYS D 469 24.45 -9.67 46.36
N LEU D 470 23.53 -9.27 45.47
CA LEU D 470 23.89 -8.43 44.33
C LEU D 470 24.38 -7.07 44.76
N ASP D 471 23.82 -6.51 45.83
CA ASP D 471 24.27 -5.23 46.38
C ASP D 471 25.70 -5.28 46.88
N ALA D 472 26.05 -6.29 47.67
CA ALA D 472 27.33 -6.26 48.37
C ALA D 472 28.48 -6.70 47.47
N GLY D 473 28.51 -7.97 47.09
CA GLY D 473 29.67 -8.47 46.40
C GLY D 473 29.49 -9.18 45.08
N LYS D 474 28.34 -9.78 44.85
CA LYS D 474 28.22 -10.66 43.69
C LYS D 474 27.52 -9.94 42.55
N GLN D 475 28.02 -10.16 41.34
CA GLN D 475 27.42 -9.64 40.13
C GLN D 475 26.77 -10.78 39.35
N ILE D 476 25.71 -10.46 38.62
CA ILE D 476 24.97 -11.46 37.87
C ILE D 476 25.79 -11.88 36.66
N LYS D 477 25.95 -13.19 36.47
CA LYS D 477 26.50 -13.70 35.22
C LYS D 477 25.40 -14.26 34.34
N LEU D 478 25.71 -14.44 33.07
CA LEU D 478 24.75 -14.86 32.06
C LEU D 478 25.48 -15.72 31.05
N GLU D 479 25.07 -16.98 30.90
CA GLU D 479 25.83 -17.91 30.08
C GLU D 479 24.93 -18.71 29.16
N THR D 480 25.37 -18.92 27.93
CA THR D 480 24.67 -19.81 27.02
C THR D 480 25.02 -21.26 27.33
N THR D 481 23.99 -22.08 27.49
CA THR D 481 24.17 -23.51 27.76
C THR D 481 24.06 -24.35 26.51
N GLN D 482 22.93 -24.27 25.80
CA GLN D 482 22.76 -24.95 24.53
C GLN D 482 22.19 -23.97 23.53
N VAL D 483 22.73 -23.99 22.32
CA VAL D 483 22.21 -23.21 21.21
C VAL D 483 21.92 -24.18 20.07
N SER D 484 20.69 -24.13 19.56
CA SER D 484 20.28 -25.01 18.48
C SER D 484 19.99 -24.17 17.24
N GLY D 485 20.34 -24.71 16.09
CA GLY D 485 20.05 -24.04 14.82
C GLY D 485 20.85 -24.66 13.72
N ASN D 486 20.56 -24.23 12.50
CA ASN D 486 21.05 -24.89 11.31
C ASN D 486 22.16 -24.08 10.65
N PHE D 487 22.80 -24.70 9.66
CA PHE D 487 23.70 -23.99 8.76
C PHE D 487 23.14 -24.07 7.36
N GLY D 488 23.88 -23.50 6.41
CA GLY D 488 23.42 -23.38 5.03
C GLY D 488 24.39 -24.04 4.06
N THR D 489 23.82 -24.80 3.12
CA THR D 489 24.59 -25.47 2.08
C THR D 489 24.10 -25.02 0.71
N LYS D 490 25.03 -24.96 -0.24
CA LYS D 490 24.68 -24.69 -1.62
C LYS D 490 23.95 -25.89 -2.20
N ASN D 491 22.80 -25.66 -2.83
CA ASN D 491 22.06 -26.75 -3.44
C ASN D 491 22.63 -27.02 -4.84
N SER D 492 22.00 -27.91 -5.58
CA SER D 492 22.40 -28.18 -6.95
C SER D 492 21.97 -27.06 -7.88
N SER D 493 20.73 -26.57 -7.71
CA SER D 493 20.10 -25.69 -8.68
C SER D 493 20.26 -24.21 -8.33
N GLY D 494 19.70 -23.78 -7.21
CA GLY D 494 19.52 -22.37 -6.97
C GLY D 494 20.35 -21.77 -5.86
N GLN D 495 19.71 -21.46 -4.73
CA GLN D 495 20.33 -20.70 -3.68
C GLN D 495 20.58 -21.59 -2.46
N ILE D 496 21.06 -21.00 -1.37
CA ILE D 496 21.39 -21.78 -0.19
C ILE D 496 20.11 -22.28 0.48
N VAL D 497 20.24 -23.42 1.16
CA VAL D 497 19.15 -24.03 1.90
C VAL D 497 19.63 -24.30 3.31
N THR D 498 18.74 -24.09 4.29
CA THR D 498 19.13 -24.21 5.68
C THR D 498 18.13 -24.97 6.53
N GLU D 499 17.36 -25.88 5.93
CA GLU D 499 16.41 -26.64 6.71
C GLU D 499 17.03 -27.93 7.25
N GLY D 500 17.64 -28.73 6.37
CA GLY D 500 18.20 -30.00 6.79
C GLY D 500 19.63 -29.93 7.29
N ASN D 501 19.89 -29.00 8.21
CA ASN D 501 21.22 -28.85 8.80
C ASN D 501 21.04 -28.62 10.30
N SER D 502 22.17 -28.59 11.02
CA SER D 502 22.13 -28.35 12.46
C SER D 502 23.51 -27.95 12.96
N TRP D 503 23.57 -26.93 13.81
CA TRP D 503 24.77 -26.67 14.61
C TRP D 503 24.63 -27.29 15.99
N SER D 504 24.38 -28.60 16.01
CA SER D 504 24.35 -29.36 17.25
C SER D 504 25.00 -30.73 17.11
N ASP D 505 25.31 -31.16 15.89
CA ASP D 505 25.97 -32.44 15.61
C ASP D 505 27.46 -32.31 15.30
N TYR D 506 27.90 -31.27 14.59
CA TYR D 506 29.33 -31.06 14.41
C TYR D 506 29.98 -30.33 15.58
N ILE D 507 29.19 -29.93 16.59
CA ILE D 507 29.74 -29.28 17.78
C ILE D 507 30.69 -30.21 18.53
N SER D 508 30.25 -31.46 18.75
CA SER D 508 31.10 -32.43 19.43
C SER D 508 32.25 -32.90 18.54
N GLN D 509 32.00 -33.00 17.22
CA GLN D 509 33.07 -33.40 16.30
C GLN D 509 34.19 -32.38 16.25
N ILE D 510 33.85 -31.09 16.37
CA ILE D 510 34.86 -30.05 16.24
C ILE D 510 35.50 -29.76 17.60
N ASP D 511 34.69 -29.69 18.66
CA ASP D 511 35.20 -29.39 20.00
C ASP D 511 36.14 -30.45 20.54
N SER D 512 36.04 -31.69 20.07
CA SER D 512 36.84 -32.78 20.61
C SER D 512 38.11 -33.06 19.81
N ILE D 513 38.12 -32.76 18.52
CA ILE D 513 39.31 -32.97 17.69
C ILE D 513 40.30 -31.82 17.83
N SER D 514 39.86 -30.67 18.31
CA SER D 514 40.64 -29.44 18.27
C SER D 514 41.03 -29.01 19.67
N ALA D 515 42.07 -28.19 19.73
CA ALA D 515 42.32 -27.40 20.92
C ALA D 515 41.32 -26.25 20.93
N SER D 516 41.19 -25.57 22.07
CA SER D 516 40.23 -24.47 22.19
C SER D 516 41.03 -23.19 22.40
N ILE D 517 41.08 -22.33 21.39
CA ILE D 517 41.95 -21.16 21.42
C ILE D 517 41.07 -19.91 21.36
N ILE D 518 41.16 -19.09 22.40
CA ILE D 518 40.43 -17.84 22.51
C ILE D 518 41.42 -16.69 22.33
N LEU D 519 41.03 -15.70 21.54
CA LEU D 519 41.78 -14.46 21.38
C LEU D 519 40.93 -13.33 21.94
N ASP D 520 41.53 -12.50 22.79
CA ASP D 520 40.82 -11.45 23.50
C ASP D 520 41.49 -10.11 23.24
N THR D 521 40.92 -9.37 22.29
CA THR D 521 41.20 -7.96 22.15
C THR D 521 40.44 -7.18 23.22
N GLU D 522 40.71 -5.88 23.30
CA GLU D 522 39.99 -5.03 24.23
C GLU D 522 38.61 -4.66 23.74
N ASN D 523 38.26 -5.00 22.49
CA ASN D 523 37.01 -4.59 21.86
C ASN D 523 36.22 -5.71 21.20
N GLU D 524 36.82 -6.87 20.90
CA GLU D 524 36.02 -8.08 20.67
C GLU D 524 36.82 -9.29 21.13
N SER D 525 36.20 -10.45 21.01
CA SER D 525 36.86 -11.72 21.27
C SER D 525 36.54 -12.71 20.15
N TYR D 526 37.47 -13.64 19.95
CA TYR D 526 37.33 -14.71 18.99
C TYR D 526 37.56 -16.03 19.72
N GLU D 527 36.95 -17.09 19.23
CA GLU D 527 37.23 -18.41 19.75
C GLU D 527 37.21 -19.40 18.61
N ARG D 528 38.34 -20.08 18.42
CA ARG D 528 38.53 -21.00 17.31
C ARG D 528 38.83 -22.38 17.85
N ARG D 529 38.42 -23.38 17.09
CA ARG D 529 38.77 -24.76 17.33
C ARG D 529 39.49 -25.27 16.09
N VAL D 530 40.81 -25.40 16.19
CA VAL D 530 41.66 -25.77 15.07
C VAL D 530 42.18 -27.18 15.33
N THR D 531 42.03 -28.06 14.34
CA THR D 531 42.29 -29.48 14.52
C THR D 531 43.76 -29.74 14.83
N ALA D 532 43.99 -30.59 15.82
CA ALA D 532 45.33 -30.91 16.30
C ALA D 532 45.62 -32.38 16.07
N LYS D 533 46.75 -32.84 16.59
CA LYS D 533 47.26 -34.18 16.35
C LYS D 533 47.40 -34.94 17.66
N ASN D 534 47.07 -36.22 17.62
CA ASN D 534 47.40 -37.14 18.71
C ASN D 534 48.84 -37.59 18.51
N LEU D 535 49.73 -37.16 19.41
CA LEU D 535 51.13 -37.56 19.32
C LEU D 535 51.31 -39.04 19.62
N GLN D 536 50.37 -39.64 20.33
CA GLN D 536 50.41 -41.08 20.62
C GLN D 536 49.66 -41.88 19.56
N ASP D 537 49.97 -41.60 18.29
CA ASP D 537 49.30 -42.26 17.18
C ASP D 537 50.17 -42.19 15.93
N PRO D 538 50.92 -43.26 15.61
CA PRO D 538 51.74 -43.24 14.38
C PRO D 538 50.93 -43.44 13.12
N GLU D 539 49.78 -44.10 13.19
CA GLU D 539 48.95 -44.31 12.01
C GLU D 539 48.21 -43.03 11.62
N ASP D 540 47.87 -42.19 12.60
CA ASP D 540 47.16 -40.95 12.37
C ASP D 540 48.05 -39.97 11.59
N LYS D 541 47.74 -39.80 10.31
CA LYS D 541 48.49 -38.90 9.43
C LYS D 541 47.67 -37.63 9.26
N THR D 542 47.84 -36.70 10.19
CA THR D 542 47.14 -35.43 10.15
C THR D 542 48.17 -34.31 10.26
N PRO D 543 47.88 -33.14 9.68
CA PRO D 543 48.83 -32.03 9.75
C PRO D 543 49.09 -31.55 11.18
N GLU D 544 50.32 -31.04 11.38
CA GLU D 544 50.79 -30.58 12.68
C GLU D 544 51.30 -29.15 12.55
N LEU D 545 50.93 -28.31 13.51
CA LEU D 545 51.39 -26.93 13.56
C LEU D 545 51.79 -26.55 14.97
N THR D 546 52.57 -25.47 15.08
CA THR D 546 52.90 -24.87 16.36
C THR D 546 51.81 -23.90 16.78
N ILE D 547 52.10 -23.11 17.81
CA ILE D 547 51.17 -22.09 18.27
C ILE D 547 51.02 -20.99 17.21
N GLY D 548 52.15 -20.48 16.70
CA GLY D 548 52.11 -19.37 15.76
C GLY D 548 51.51 -19.72 14.42
N GLU D 549 51.83 -20.92 13.90
CA GLU D 549 51.25 -21.37 12.64
C GLU D 549 49.74 -21.50 12.74
N ALA D 550 49.27 -22.04 13.86
CA ALA D 550 47.83 -22.14 14.10
C ALA D 550 47.19 -20.76 14.20
N ILE D 551 47.86 -19.82 14.87
CA ILE D 551 47.32 -18.47 15.00
C ILE D 551 47.21 -17.79 13.64
N GLU D 552 48.24 -17.92 12.80
CA GLU D 552 48.21 -17.34 11.46
C GLU D 552 47.12 -17.97 10.60
N LYS D 553 47.04 -19.29 10.60
CA LYS D 553 46.12 -19.97 9.71
C LYS D 553 44.69 -19.89 10.21
N ALA D 554 44.50 -19.54 11.49
CA ALA D 554 43.18 -19.51 12.09
C ALA D 554 42.59 -18.10 12.13
N PHE D 555 43.44 -17.10 12.37
CA PHE D 555 42.96 -15.72 12.46
C PHE D 555 43.28 -14.91 11.22
N GLY D 556 44.30 -15.30 10.46
CA GLY D 556 44.73 -14.48 9.35
C GLY D 556 45.79 -13.52 9.85
N ALA D 557 47.02 -13.67 9.41
CA ALA D 557 48.11 -12.89 9.99
C ALA D 557 49.05 -12.42 8.89
N THR D 558 49.70 -11.28 9.15
CA THR D 558 50.74 -10.78 8.27
C THR D 558 52.09 -11.01 8.94
N LYS D 559 53.02 -11.61 8.21
CA LYS D 559 54.29 -12.05 8.78
C LYS D 559 55.35 -11.00 8.54
N LYS D 560 55.74 -10.29 9.60
CA LYS D 560 56.93 -9.48 9.58
C LYS D 560 58.11 -10.30 10.12
N ASP D 561 59.30 -9.71 10.09
CA ASP D 561 60.55 -10.42 10.41
C ASP D 561 60.55 -10.81 11.87
N GLY D 562 60.30 -12.10 12.11
CA GLY D 562 60.19 -12.62 13.47
C GLY D 562 58.92 -12.25 14.18
N LEU D 563 57.99 -11.55 13.51
CA LEU D 563 56.79 -11.05 14.15
C LEU D 563 55.56 -11.54 13.42
N LEU D 564 54.56 -11.95 14.18
CA LEU D 564 53.22 -12.14 13.68
C LEU D 564 52.46 -10.85 13.90
N TYR D 565 51.68 -10.44 12.91
CA TYR D 565 50.82 -9.27 13.02
C TYR D 565 49.37 -9.66 12.76
N PHE D 566 48.49 -9.09 13.56
CA PHE D 566 47.09 -8.94 13.20
C PHE D 566 46.98 -7.64 12.43
N ASN D 567 45.77 -7.07 12.35
CA ASN D 567 45.56 -5.82 11.63
C ASN D 567 46.50 -4.71 12.08
N ASP D 568 46.66 -4.52 13.39
CA ASP D 568 47.65 -3.59 13.88
C ASP D 568 48.48 -4.10 15.06
N ILE D 569 48.00 -5.06 15.82
CA ILE D 569 48.65 -5.48 17.05
C ILE D 569 49.85 -6.35 16.74
N PRO D 570 51.04 -6.01 17.23
CA PRO D 570 52.16 -6.96 17.19
C PRO D 570 51.95 -8.07 18.20
N ILE D 571 51.62 -9.26 17.70
CA ILE D 571 51.34 -10.42 18.54
C ILE D 571 52.56 -11.32 18.58
N ASP D 572 52.91 -11.79 19.77
CA ASP D 572 54.10 -12.60 19.99
C ASP D 572 53.89 -13.36 21.30
N GLU D 573 54.90 -14.13 21.72
CA GLU D 573 54.86 -14.74 23.04
C GLU D 573 55.42 -13.81 24.11
N SER D 574 55.85 -12.60 23.74
CA SER D 574 56.38 -11.63 24.67
C SER D 574 55.73 -10.26 24.54
N CYS D 575 54.69 -10.14 23.73
CA CYS D 575 54.00 -8.87 23.54
C CYS D 575 52.60 -8.86 24.12
N VAL D 576 52.01 -10.03 24.36
CA VAL D 576 50.67 -10.17 24.92
C VAL D 576 50.74 -11.13 26.11
N GLU D 577 49.59 -11.43 26.69
CA GLU D 577 49.49 -12.34 27.83
C GLU D 577 48.93 -13.66 27.33
N LEU D 578 49.60 -14.77 27.67
CA LEU D 578 49.11 -16.09 27.33
C LEU D 578 48.62 -16.80 28.59
N ILE D 579 47.44 -17.40 28.49
CA ILE D 579 46.71 -17.95 29.62
C ILE D 579 46.36 -19.40 29.31
N PHE D 580 46.71 -20.31 30.22
CA PHE D 580 46.39 -21.71 30.04
C PHE D 580 45.80 -22.26 31.32
N ASP D 581 44.84 -23.16 31.17
CA ASP D 581 44.37 -23.93 32.31
C ASP D 581 45.47 -24.90 32.74
N ASP D 582 45.19 -25.67 33.79
CA ASP D 582 46.18 -26.56 34.37
C ASP D 582 46.72 -27.57 33.36
N ASN D 583 45.83 -28.16 32.55
CA ASN D 583 46.24 -29.17 31.58
C ASN D 583 47.18 -28.59 30.54
N THR D 584 46.77 -27.51 29.89
CA THR D 584 47.58 -26.92 28.84
C THR D 584 48.87 -26.32 29.39
N ALA D 585 48.78 -25.67 30.56
CA ALA D 585 49.97 -25.05 31.14
C ALA D 585 51.00 -26.09 31.56
N ASN D 586 50.58 -27.18 32.18
CA ASN D 586 51.54 -28.21 32.54
C ASN D 586 52.11 -28.92 31.32
N LYS D 587 51.31 -29.13 30.28
CA LYS D 587 51.87 -29.73 29.07
C LYS D 587 52.85 -28.78 28.38
N ILE D 588 52.61 -27.47 28.46
CA ILE D 588 53.55 -26.50 27.92
C ILE D 588 54.84 -26.46 28.72
N LYS D 589 54.72 -26.49 30.06
CA LYS D 589 55.90 -26.56 30.92
C LYS D 589 56.71 -27.82 30.67
N ASP D 590 56.03 -28.93 30.39
CA ASP D 590 56.72 -30.16 29.99
C ASP D 590 57.42 -29.97 28.65
N SER D 591 56.75 -29.34 27.68
CA SER D 591 57.34 -29.15 26.36
C SER D 591 58.46 -28.12 26.35
N LEU D 592 58.49 -27.21 27.32
CA LEU D 592 59.54 -26.20 27.41
C LEU D 592 60.92 -26.81 27.66
N LYS D 593 60.99 -27.99 28.27
CA LYS D 593 62.26 -28.57 28.65
C LYS D 593 63.04 -29.09 27.46
N THR D 594 62.35 -29.76 26.52
CA THR D 594 63.03 -30.32 25.36
C THR D 594 63.36 -29.30 24.30
N LEU D 595 62.74 -28.12 24.33
CA LEU D 595 63.06 -27.09 23.36
C LEU D 595 64.33 -26.35 23.76
N SER D 596 65.15 -26.02 22.76
CA SER D 596 66.43 -25.37 22.98
C SER D 596 66.40 -23.87 22.76
N ASP D 597 65.20 -23.28 22.66
CA ASP D 597 65.07 -21.85 22.40
C ASP D 597 64.40 -21.09 23.53
N LYS D 598 63.61 -21.77 24.38
CA LYS D 598 62.92 -21.17 25.53
C LYS D 598 61.99 -20.04 25.12
N LYS D 599 61.11 -20.32 24.16
CA LYS D 599 60.03 -19.42 23.80
C LYS D 599 58.72 -20.21 23.85
N ILE D 600 57.62 -19.47 23.99
CA ILE D 600 56.34 -20.12 24.22
C ILE D 600 55.72 -20.60 22.92
N TYR D 601 55.83 -19.80 21.86
CA TYR D 601 55.12 -20.09 20.61
C TYR D 601 55.68 -21.28 19.85
N ASN D 602 56.90 -21.72 20.14
CA ASN D 602 57.48 -22.86 19.42
C ASN D 602 57.13 -24.17 20.13
N VAL D 603 55.83 -24.35 20.34
CA VAL D 603 55.28 -25.55 20.96
C VAL D 603 54.19 -26.08 20.05
N LYS D 604 54.25 -27.37 19.73
CA LYS D 604 53.25 -27.98 18.87
C LYS D 604 51.90 -28.02 19.58
N LEU D 605 50.83 -27.85 18.80
CA LEU D 605 49.48 -27.87 19.33
C LEU D 605 49.07 -29.29 19.69
N GLU D 606 48.28 -29.43 20.76
CA GLU D 606 47.77 -30.72 21.17
C GLU D 606 46.24 -30.65 21.22
N ARG D 607 45.62 -31.80 21.03
CA ARG D 607 44.17 -31.90 20.98
C ARG D 607 43.55 -31.65 22.35
N GLY D 608 42.43 -30.93 22.35
CA GLY D 608 41.68 -30.66 23.56
C GLY D 608 42.43 -29.79 24.55
N MET D 609 43.24 -28.87 24.02
CA MET D 609 43.97 -27.93 24.86
C MET D 609 43.24 -26.61 24.88
N ASN D 610 43.50 -25.85 25.94
CA ASN D 610 42.80 -24.62 26.20
C ASN D 610 43.81 -23.50 26.30
N ILE D 611 43.90 -22.69 25.25
CA ILE D 611 44.86 -21.60 25.14
C ILE D 611 44.07 -20.31 24.97
N LEU D 612 44.41 -19.32 25.78
CA LEU D 612 43.80 -18.00 25.73
C LEU D 612 44.88 -16.96 25.51
N ILE D 613 44.60 -15.98 24.68
CA ILE D 613 45.50 -14.86 24.42
C ILE D 613 44.77 -13.59 24.82
N LYS D 614 45.41 -12.74 25.60
CA LYS D 614 44.86 -11.48 26.06
C LYS D 614 45.79 -10.36 25.63
N THR D 615 45.28 -9.39 24.89
CA THR D 615 46.16 -8.29 24.52
C THR D 615 46.33 -7.35 25.71
N PRO D 616 47.48 -6.67 25.84
CA PRO D 616 47.58 -5.60 26.84
C PRO D 616 46.78 -4.38 26.39
N THR D 617 46.31 -3.62 27.37
CA THR D 617 45.59 -2.39 27.07
C THR D 617 46.50 -1.39 26.39
N TYR D 618 47.72 -1.25 26.87
CA TYR D 618 48.75 -0.43 26.26
C TYR D 618 49.99 -1.28 26.07
N PHE D 619 50.75 -1.01 25.02
CA PHE D 619 51.98 -1.78 24.79
C PHE D 619 52.92 -0.98 23.91
N THR D 620 54.13 -0.73 24.42
CA THR D 620 55.18 -0.08 23.66
C THR D 620 56.46 -0.91 23.78
N ASN D 621 57.33 -0.79 22.79
CA ASN D 621 58.60 -1.49 22.78
C ASN D 621 59.75 -0.59 22.35
N PHE D 622 59.55 0.73 22.45
CA PHE D 622 60.52 1.74 22.01
C PHE D 622 60.87 1.53 20.54
N ASP D 623 59.82 1.37 19.74
CA ASP D 623 59.93 0.95 18.35
C ASP D 623 58.80 1.65 17.58
N ASP D 624 58.47 1.12 16.40
CA ASP D 624 57.40 1.68 15.58
C ASP D 624 56.05 1.67 16.28
N TYR D 625 55.79 0.69 17.13
CA TYR D 625 54.52 0.58 17.82
C TYR D 625 54.61 1.25 19.18
N ASN D 626 53.89 2.36 19.35
CA ASN D 626 53.82 3.05 20.62
C ASN D 626 52.46 3.73 20.69
N ASN D 627 51.53 3.11 21.42
CA ASN D 627 50.17 3.62 21.55
C ASN D 627 49.88 4.11 22.95
N TYR D 628 50.93 4.41 23.72
CA TYR D 628 50.73 4.93 25.05
C TYR D 628 50.18 6.34 25.00
N PRO D 629 49.01 6.57 25.61
CA PRO D 629 48.47 7.95 25.61
C PRO D 629 49.29 8.89 26.47
N SER D 630 49.84 8.38 27.57
CA SER D 630 50.75 9.14 28.40
C SER D 630 52.18 8.80 27.99
N THR D 631 53.09 9.74 28.20
CA THR D 631 54.43 9.65 27.66
C THR D 631 55.44 9.60 28.80
N TRP D 632 56.55 8.91 28.56
CA TRP D 632 57.56 8.65 29.57
C TRP D 632 58.60 9.77 29.59
N SER D 633 59.57 9.64 30.49
CA SER D 633 60.65 10.60 30.62
C SER D 633 61.99 9.87 30.68
N ASN D 634 63.05 10.59 30.31
CA ASN D 634 64.42 10.09 30.26
C ASN D 634 64.51 8.83 29.40
N VAL D 635 63.94 8.93 28.20
CA VAL D 635 63.85 7.81 27.28
C VAL D 635 64.97 7.95 26.25
N ASN D 636 65.91 7.01 26.28
CA ASN D 636 67.01 6.95 25.32
C ASN D 636 66.86 5.69 24.50
N THR D 637 66.04 5.76 23.46
CA THR D 637 65.80 4.64 22.58
C THR D 637 66.88 4.47 21.53
N THR D 638 67.88 5.35 21.53
CA THR D 638 69.02 5.26 20.60
C THR D 638 69.95 4.16 21.07
N ASN D 639 69.51 2.92 20.85
CA ASN D 639 70.24 1.74 21.28
C ASN D 639 69.77 0.60 20.40
N GLN D 640 70.52 -0.51 20.40
CA GLN D 640 70.16 -1.62 19.54
C GLN D 640 70.30 -3.01 20.18
N ASP D 641 70.66 -3.13 21.45
CA ASP D 641 70.69 -4.45 22.07
C ASP D 641 69.37 -4.77 22.75
N GLY D 642 68.28 -4.62 22.01
CA GLY D 642 66.95 -4.90 22.51
C GLY D 642 66.44 -6.26 22.07
N LEU D 643 65.36 -6.69 22.73
CA LEU D 643 64.71 -7.94 22.35
C LEU D 643 64.14 -7.86 20.94
N GLN D 644 63.52 -6.72 20.61
CA GLN D 644 63.03 -6.45 19.27
C GLN D 644 63.72 -5.18 18.79
N GLY D 645 64.91 -5.34 18.22
CA GLY D 645 65.64 -4.21 17.70
C GLY D 645 66.18 -3.28 18.76
N SER D 646 65.55 -2.11 18.89
CA SER D 646 66.02 -1.06 19.78
C SER D 646 65.60 -1.34 21.22
N ALA D 647 66.26 -0.62 22.13
CA ALA D 647 65.94 -0.67 23.55
C ALA D 647 66.11 0.72 24.14
N ASN D 648 65.48 0.95 25.29
CA ASN D 648 65.56 2.24 25.96
C ASN D 648 66.63 2.18 27.04
N LYS D 649 67.51 3.17 27.05
CA LYS D 649 68.53 3.26 28.07
C LYS D 649 67.98 4.03 29.28
N LEU D 650 68.48 3.67 30.45
CA LEU D 650 68.06 4.30 31.70
C LEU D 650 69.23 5.07 32.30
N ASN D 651 68.97 6.29 32.75
CA ASN D 651 69.99 7.13 33.35
C ASN D 651 69.65 7.51 34.78
N GLY D 652 68.44 8.01 35.02
CA GLY D 652 68.02 8.43 36.34
C GLY D 652 66.60 8.00 36.61
N GLU D 653 65.75 8.97 36.96
CA GLU D 653 64.34 8.70 37.12
C GLU D 653 63.69 8.40 35.78
N THR D 654 62.57 7.68 35.84
CA THR D 654 61.72 7.46 34.67
C THR D 654 60.28 7.53 35.14
N LYS D 655 59.51 8.43 34.52
CA LYS D 655 58.25 8.91 35.06
C LYS D 655 57.14 8.67 34.04
N ILE D 656 55.96 8.27 34.52
CA ILE D 656 54.76 8.43 33.70
C ILE D 656 53.58 8.72 34.62
N LYS D 657 52.79 9.73 34.23
CA LYS D 657 51.57 10.17 34.90
C LYS D 657 50.43 9.81 33.96
N ILE D 658 49.89 8.60 34.11
CA ILE D 658 48.79 8.14 33.27
C ILE D 658 47.48 8.42 34.02
N PRO D 659 46.57 9.20 33.44
CA PRO D 659 45.48 9.79 34.23
C PRO D 659 44.33 8.82 34.48
N MET D 660 43.40 9.30 35.30
CA MET D 660 42.25 8.49 35.70
C MET D 660 41.23 8.33 34.59
N SER D 661 41.27 9.21 33.58
CA SER D 661 40.22 9.22 32.57
C SER D 661 40.34 8.09 31.56
N GLU D 662 41.56 7.64 31.26
CA GLU D 662 41.78 6.66 30.22
C GLU D 662 42.00 5.26 30.78
N LEU D 663 41.75 5.05 32.07
CA LEU D 663 41.84 3.75 32.69
C LEU D 663 40.46 3.37 33.22
N LYS D 664 40.09 2.11 33.06
CA LYS D 664 38.76 1.67 33.47
C LYS D 664 38.69 1.54 34.98
N PRO D 665 37.78 2.27 35.63
CA PRO D 665 37.72 2.28 37.10
C PRO D 665 37.39 0.92 37.70
N TYR D 666 38.00 0.68 38.87
CA TYR D 666 37.66 -0.43 39.76
C TYR D 666 37.87 -1.79 39.08
N LYS D 667 39.06 -1.94 38.48
CA LYS D 667 39.39 -3.17 37.79
C LYS D 667 40.89 -3.40 37.97
N ARG D 668 41.32 -4.66 37.82
CA ARG D 668 42.69 -5.07 38.11
C ARG D 668 43.53 -4.99 36.85
N TYR D 669 44.67 -4.29 36.94
CA TYR D 669 45.56 -4.09 35.81
C TYR D 669 46.96 -4.51 36.20
N VAL D 670 47.77 -4.87 35.20
CA VAL D 670 49.11 -5.38 35.40
C VAL D 670 50.07 -4.58 34.55
N PHE D 671 51.14 -4.07 35.18
CA PHE D 671 52.24 -3.39 34.51
C PHE D 671 53.39 -4.38 34.37
N SER D 672 53.74 -4.73 33.13
CA SER D 672 54.71 -5.76 32.84
C SER D 672 55.79 -5.24 31.90
N GLY D 673 56.96 -5.88 31.97
CA GLY D 673 58.06 -5.49 31.09
C GLY D 673 59.16 -6.53 31.07
N TYR D 674 60.19 -6.23 30.28
CA TYR D 674 61.42 -7.01 30.25
C TYR D 674 62.60 -6.14 30.64
N SER D 675 63.39 -6.62 31.60
CA SER D 675 64.59 -5.94 32.05
C SER D 675 65.81 -6.82 31.81
N LYS D 676 66.82 -6.23 31.20
CA LYS D 676 68.09 -6.91 30.93
C LYS D 676 69.21 -6.00 31.43
N ASP D 677 70.24 -6.59 32.04
CA ASP D 677 71.32 -5.75 32.52
C ASP D 677 72.67 -6.41 32.28
N PRO D 678 73.53 -5.83 31.43
CA PRO D 678 74.89 -6.36 31.24
C PRO D 678 75.86 -5.94 32.35
N LEU D 679 75.44 -6.10 33.60
CA LEU D 679 76.27 -5.85 34.76
C LEU D 679 75.95 -6.93 35.79
N THR D 680 76.70 -6.94 36.89
CA THR D 680 76.57 -8.01 37.87
C THR D 680 75.30 -7.87 38.70
N SER D 681 75.19 -6.80 39.47
CA SER D 681 74.09 -6.66 40.42
C SER D 681 73.49 -5.26 40.40
N ASN D 682 73.62 -4.55 39.29
CA ASN D 682 72.97 -3.25 39.14
C ASN D 682 71.47 -3.47 39.00
N SER D 683 70.68 -2.70 39.74
CA SER D 683 69.25 -2.95 39.88
C SER D 683 68.46 -1.66 39.72
N ILE D 684 67.13 -1.79 39.87
CA ILE D 684 66.21 -0.67 39.82
C ILE D 684 65.22 -0.81 40.96
N ILE D 685 64.56 0.30 41.28
CA ILE D 685 63.36 0.26 42.12
C ILE D 685 62.21 0.82 41.28
N VAL D 686 61.05 0.19 41.41
CA VAL D 686 59.85 0.62 40.70
C VAL D 686 58.81 1.03 41.74
N LYS D 687 57.84 1.81 41.29
CA LYS D 687 56.78 2.28 42.17
C LYS D 687 55.54 2.54 41.32
N ILE D 688 54.48 1.80 41.62
CA ILE D 688 53.18 2.00 40.99
C ILE D 688 52.28 2.63 42.05
N LYS D 689 52.02 3.93 41.90
CA LYS D 689 51.25 4.70 42.86
C LYS D 689 49.82 4.85 42.36
N ALA D 690 48.88 4.45 43.19
CA ALA D 690 47.44 4.47 42.93
C ALA D 690 46.77 4.73 44.27
N LYS D 691 45.49 4.37 44.40
CA LYS D 691 44.88 4.35 45.73
C LYS D 691 45.59 3.38 46.66
N GLU D 692 46.15 2.29 46.12
CA GLU D 692 47.18 1.53 46.80
C GLU D 692 48.49 1.82 46.05
N GLU D 693 49.44 2.44 46.74
CA GLU D 693 50.74 2.66 46.16
C GLU D 693 51.70 1.56 46.60
N LYS D 694 52.64 1.22 45.71
CA LYS D 694 53.53 0.12 45.99
C LYS D 694 54.92 0.41 45.42
N THR D 695 55.93 0.01 46.18
CA THR D 695 57.33 0.14 45.79
C THR D 695 57.96 -1.25 45.80
N ASP D 696 58.66 -1.58 44.72
CA ASP D 696 59.26 -2.90 44.56
C ASP D 696 60.71 -2.75 44.13
N TYR D 697 61.51 -3.77 44.43
CA TYR D 697 62.92 -3.80 44.08
C TYR D 697 63.13 -4.85 43.01
N LEU D 698 63.66 -4.44 41.86
CA LEU D 698 63.84 -5.36 40.75
C LEU D 698 65.32 -5.43 40.37
N VAL D 699 65.87 -6.64 40.40
CA VAL D 699 67.24 -6.88 39.97
C VAL D 699 67.20 -7.51 38.59
N PRO D 700 67.71 -6.84 37.56
CA PRO D 700 67.88 -7.50 36.26
C PRO D 700 69.27 -8.11 36.12
N GLU D 701 69.43 -9.01 35.15
CA GLU D 701 70.71 -9.67 34.94
C GLU D 701 71.05 -9.72 33.45
N GLN D 702 72.05 -10.53 33.09
CA GLN D 702 72.53 -10.59 31.71
C GLN D 702 71.45 -11.01 30.74
N GLY D 703 70.54 -11.88 31.16
CA GLY D 703 69.42 -12.28 30.33
C GLY D 703 68.25 -11.33 30.46
N TYR D 704 67.25 -11.56 29.59
CA TYR D 704 66.02 -10.79 29.64
C TYR D 704 65.10 -11.36 30.71
N THR D 705 64.51 -10.47 31.51
CA THR D 705 63.63 -10.86 32.60
C THR D 705 62.23 -10.32 32.37
N LYS D 706 61.25 -11.22 32.33
CA LYS D 706 59.86 -10.82 32.28
C LYS D 706 59.35 -10.62 33.69
N PHE D 707 58.97 -9.38 34.01
CA PHE D 707 58.51 -9.03 35.33
C PHE D 707 57.15 -8.36 35.22
N SER D 708 56.37 -8.45 36.30
CA SER D 708 55.02 -7.93 36.28
C SER D 708 54.64 -7.48 37.69
N TYR D 709 53.86 -6.41 37.76
CA TYR D 709 53.38 -5.85 39.01
C TYR D 709 51.91 -5.52 38.89
N GLU D 710 51.12 -5.97 39.86
CA GLU D 710 49.69 -5.75 39.83
C GLU D 710 49.34 -4.42 40.47
N PHE D 711 48.23 -3.83 40.02
CA PHE D 711 47.66 -2.67 40.68
C PHE D 711 46.17 -2.63 40.36
N GLU D 712 45.46 -1.75 41.05
CA GLU D 712 44.02 -1.63 40.89
C GLU D 712 43.65 -0.19 40.60
N THR D 713 42.73 0.00 39.66
CA THR D 713 42.14 1.29 39.38
C THR D 713 40.98 1.56 40.32
N THR D 714 40.61 2.82 40.44
CA THR D 714 39.49 3.22 41.29
C THR D 714 38.65 4.23 40.52
N GLU D 715 37.69 4.84 41.23
CA GLU D 715 36.76 5.79 40.62
C GLU D 715 37.50 7.04 40.17
N LYS D 716 36.85 7.78 39.28
CA LYS D 716 37.49 8.89 38.56
C LYS D 716 37.63 10.15 39.39
N ASP D 717 37.12 10.17 40.63
CA ASP D 717 37.28 11.31 41.53
C ASP D 717 38.56 11.21 42.35
N SER D 718 39.55 10.48 41.85
CA SER D 718 40.85 10.32 42.48
C SER D 718 41.90 11.08 41.67
N SER D 719 43.17 10.91 42.04
CA SER D 719 44.26 11.58 41.36
C SER D 719 44.74 10.74 40.18
N ASN D 720 45.90 11.10 39.61
CA ASN D 720 46.48 10.35 38.51
C ASN D 720 47.12 9.07 39.01
N ILE D 721 47.44 8.19 38.06
CA ILE D 721 48.16 6.95 38.34
C ILE D 721 49.63 7.16 37.96
N GLU D 722 50.52 6.91 38.91
CA GLU D 722 51.94 7.13 38.69
C GLU D 722 52.63 5.80 38.48
N ILE D 723 53.48 5.71 37.47
CA ILE D 723 54.45 4.62 37.40
C ILE D 723 55.82 5.25 37.28
N THR D 724 56.65 5.05 38.30
CA THR D 724 57.96 5.66 38.40
C THR D 724 58.98 4.54 38.57
N LEU D 725 60.21 4.80 38.14
CA LEU D 725 61.28 3.86 38.43
C LEU D 725 62.60 4.59 38.50
N ILE D 726 63.42 4.24 39.48
CA ILE D 726 64.76 4.78 39.65
C ILE D 726 65.75 3.69 39.29
N GLY D 727 66.58 3.96 38.28
CA GLY D 727 67.65 3.07 37.89
C GLY D 727 69.00 3.51 38.42
N SER D 728 70.04 2.85 37.92
CA SER D 728 71.40 3.17 38.33
C SER D 728 72.30 3.30 37.11
N GLY D 729 71.71 3.59 35.95
CA GLY D 729 72.47 3.92 34.76
C GLY D 729 73.00 2.75 33.96
N THR D 730 72.64 1.51 34.30
CA THR D 730 73.16 0.37 33.56
C THR D 730 72.03 -0.50 33.03
N THR D 731 70.90 -0.50 33.74
CA THR D 731 69.78 -1.36 33.41
C THR D 731 69.12 -0.95 32.11
N TYR D 732 68.67 -1.95 31.35
CA TYR D 732 67.99 -1.75 30.08
C TYR D 732 66.59 -2.31 30.15
N LEU D 733 65.63 -1.58 29.59
CA LEU D 733 64.22 -1.93 29.64
C LEU D 733 63.63 -1.99 28.23
N ASP D 734 62.78 -3.00 28.01
CA ASP D 734 62.14 -3.17 26.71
C ASP D 734 60.81 -3.88 26.89
N ASN D 735 59.92 -3.67 25.91
CA ASN D 735 58.63 -4.35 25.79
C ASN D 735 57.74 -4.12 27.02
N LEU D 736 57.40 -2.85 27.25
CA LEU D 736 56.59 -2.46 28.39
C LEU D 736 55.12 -2.47 28.01
N SER D 737 54.31 -3.20 28.77
CA SER D 737 52.90 -3.34 28.48
C SER D 737 52.08 -3.18 29.76
N ILE D 738 50.82 -2.80 29.58
CA ILE D 738 49.84 -2.74 30.65
C ILE D 738 48.60 -3.48 30.18
N THR D 739 48.22 -4.51 30.91
CA THR D 739 47.06 -5.34 30.59
C THR D 739 46.07 -5.26 31.74
N GLU D 740 44.94 -5.94 31.56
CA GLU D 740 43.88 -6.00 32.56
C GLU D 740 43.39 -7.43 32.72
N LEU D 741 43.16 -7.84 33.97
CA LEU D 741 42.78 -9.21 34.25
C LEU D 741 41.28 -9.40 34.48
N ASN D 742 40.72 -8.72 35.48
CA ASN D 742 39.32 -8.93 35.83
C ASN D 742 38.88 -7.77 36.71
N SER D 743 37.57 -7.65 36.91
CA SER D 743 36.98 -6.59 37.69
C SER D 743 36.82 -7.03 39.14
N THR D 744 36.88 -6.11 40.00
CA THR D 744 36.74 -6.37 41.42
C THR D 744 35.38 -5.86 41.93
N PRO D 745 34.77 -6.57 42.87
CA PRO D 745 33.52 -6.09 43.46
C PRO D 745 33.74 -4.89 44.37
N GLU D 746 32.66 -4.13 44.60
CA GLU D 746 32.77 -2.84 45.26
C GLU D 746 31.91 -2.75 46.51
N ILE D 747 32.27 -1.82 47.40
CA ILE D 747 31.54 -1.59 48.63
C ILE D 747 30.25 -0.85 48.30
N LEU D 748 29.12 -1.41 48.73
CA LEU D 748 27.83 -0.85 48.37
C LEU D 748 26.75 -1.22 49.39
CA CA E . -24.73 -22.70 -26.18
CA CA F . -22.69 -27.36 -29.06
CA CA G . -63.84 -6.70 -28.85
CA CA H . 1.43 -11.06 -26.48
CA CA I . 2.87 -15.00 -30.34
CA CA J . -19.48 25.26 -34.45
CA CA K . 27.73 -13.84 -14.12
CA CA L . 28.97 -17.25 -18.29
CA CA M . 31.83 27.82 -12.49
CA CA N . 40.71 -33.86 2.88
CA CA O . 41.57 -36.37 -1.65
CA CA P . 62.43 -2.88 21.46
#